data_9NY1
#
_entry.id   9NY1
#
_cell.length_a   1.00
_cell.length_b   1.00
_cell.length_c   1.00
_cell.angle_alpha   90.00
_cell.angle_beta   90.00
_cell.angle_gamma   90.00
#
_symmetry.space_group_name_H-M   'P 1'
#
_entity_poly.entity_id   1
_entity_poly.type   'polypeptide(L)'
_entity_poly.pdbx_seq_one_letter_code
;MKDNSTSAVSSWLGYKIQEYRLTQRLLEANNSSCIGFEILDDLEEHTGSTSTFEQDAISTTGRNIVSNHSKDLWKTLSNW
MDLIDSGEIDVDNTIFLLFTNKRCHSEVLQLLSTSQATEEASKAFDEILKIVSHPSPSIANYLNNFSKSKTDACRLISKF
TYIYGSGSAPHDLRESYKLHRLGALEEHLDEIMYEILGWVSDVLTLAAEKRQPTIVRAKDFGARLGEIESKYRQKTILNY
FCNRSSESEDVQNTIKDAPNYIKQLNLINVDDSELEEAAIANLETKDAVVEWTLNGDVQDYSYRYYQRELRRCWGIQKQK
IHLDFNGRPETEVGQRLYIECLNNVTRYYLENKKVGDFFAHGTLHSMADKLTIGWHPEFDKKLGDPDA
;
_entity_poly.pdbx_strand_id   A,B,C,D
#
# COMPACT_ATOMS: atom_id res chain seq x y z
N LEU A 13 18.93 21.51 14.75
CA LEU A 13 20.21 21.80 14.10
C LEU A 13 21.32 20.95 14.70
N GLY A 14 21.40 20.95 16.04
CA GLY A 14 22.41 20.16 16.71
C GLY A 14 22.18 18.66 16.55
N TYR A 15 20.93 18.23 16.58
CA TYR A 15 20.59 16.83 16.36
C TYR A 15 20.12 16.53 14.95
N LYS A 16 19.61 17.52 14.23
CA LYS A 16 19.09 17.23 12.90
C LYS A 16 20.19 17.19 11.84
N ILE A 17 21.14 18.12 11.88
CA ILE A 17 22.27 17.98 10.97
C ILE A 17 23.34 17.14 11.64
N GLN A 18 23.06 15.85 11.75
CA GLN A 18 24.04 14.80 11.94
C GLN A 18 23.61 13.55 11.20
N GLU A 19 22.46 13.59 10.52
CA GLU A 19 21.89 12.49 9.77
C GLU A 19 21.71 12.84 8.30
N TYR A 20 21.77 14.12 7.95
CA TYR A 20 21.85 14.51 6.55
C TYR A 20 23.16 14.07 5.94
N ARG A 21 24.26 14.17 6.70
CA ARG A 21 25.57 13.86 6.16
C ARG A 21 25.79 12.36 6.04
N LEU A 22 25.27 11.58 7.00
CA LEU A 22 25.35 10.13 6.89
C LEU A 22 24.50 9.61 5.72
N THR A 23 23.34 10.22 5.50
CA THR A 23 22.54 9.86 4.34
C THR A 23 23.19 10.30 3.03
N GLN A 24 23.90 11.44 3.05
CA GLN A 24 24.56 11.92 1.84
C GLN A 24 25.78 11.09 1.49
N ARG A 25 26.46 10.55 2.49
CA ARG A 25 27.59 9.65 2.22
C ARG A 25 27.17 8.19 2.09
N LEU A 26 25.94 7.86 2.46
CA LEU A 26 25.41 6.52 2.20
C LEU A 26 24.76 6.42 0.82
N LEU A 27 24.21 7.52 0.32
CA LEU A 27 23.61 7.50 -1.02
C LEU A 27 24.68 7.39 -2.10
N GLU A 28 25.85 7.98 -1.87
CA GLU A 28 26.98 7.86 -2.79
C GLU A 28 27.90 6.76 -2.26
N ALA A 29 27.41 5.52 -2.36
CA ALA A 29 28.16 4.37 -1.90
C ALA A 29 27.70 3.15 -2.66
N ASN A 30 28.49 2.08 -2.58
CA ASN A 30 28.18 0.84 -3.26
C ASN A 30 27.24 0.01 -2.40
N ASN A 31 27.02 -1.26 -2.78
CA ASN A 31 26.14 -2.15 -2.05
C ASN A 31 26.92 -3.10 -1.14
N SER A 32 28.14 -2.76 -0.78
CA SER A 32 28.95 -3.60 0.10
C SER A 32 29.63 -2.85 1.23
N SER A 33 29.81 -1.54 1.14
CA SER A 33 30.54 -0.79 2.14
C SER A 33 29.71 -0.59 3.41
N CYS A 34 30.37 -0.67 4.55
CA CYS A 34 29.77 -0.37 5.85
C CYS A 34 30.39 0.92 6.36
N ILE A 35 29.56 1.92 6.62
CA ILE A 35 30.02 3.24 7.03
C ILE A 35 29.76 3.42 8.51
N GLY A 36 30.79 3.78 9.26
CA GLY A 36 30.65 3.99 10.68
C GLY A 36 30.76 5.45 11.09
N PHE A 37 29.69 5.99 11.64
CA PHE A 37 29.68 7.33 12.19
C PHE A 37 30.20 7.30 13.63
N GLU A 38 30.32 8.48 14.24
CA GLU A 38 30.93 8.58 15.56
C GLU A 38 30.16 9.42 16.57
N ILE A 39 29.28 10.33 16.12
CA ILE A 39 28.44 11.29 16.87
C ILE A 39 29.18 11.89 18.07
N LEU A 40 30.36 12.45 17.83
CA LEU A 40 31.23 12.94 18.88
C LEU A 40 31.28 14.47 18.87
N ASP A 41 32.11 15.01 19.78
CA ASP A 41 32.48 16.42 19.86
C ASP A 41 31.27 17.31 20.13
N ASP A 42 30.62 17.06 21.26
CA ASP A 42 29.58 17.94 21.79
C ASP A 42 30.16 18.93 22.78
N LEU A 43 31.19 19.66 22.35
CA LEU A 43 32.00 20.60 23.15
C LEU A 43 32.54 19.97 24.43
N ARG A 63 37.35 27.06 24.60
CA ARG A 63 38.51 26.65 23.81
C ARG A 63 38.09 25.88 22.57
N ASN A 64 39.06 25.29 21.89
CA ASN A 64 38.78 24.50 20.70
C ASN A 64 38.14 23.17 21.08
N ILE A 65 37.23 22.70 20.23
CA ILE A 65 36.54 21.44 20.48
C ILE A 65 37.49 20.27 20.30
N VAL A 66 38.31 20.30 19.25
CA VAL A 66 39.28 19.24 18.97
C VAL A 66 40.65 19.75 19.39
N SER A 67 41.18 19.21 20.49
CA SER A 67 42.49 19.58 20.98
C SER A 67 43.53 18.62 20.40
N ASN A 68 44.77 18.71 20.90
CA ASN A 68 45.82 17.80 20.45
C ASN A 68 45.61 16.41 21.05
N HIS A 69 45.57 16.31 22.37
CA HIS A 69 45.31 15.05 23.05
C HIS A 69 43.82 14.97 23.44
N SER A 70 42.99 14.84 22.40
CA SER A 70 41.56 14.71 22.60
C SER A 70 41.23 13.32 23.11
N LYS A 71 40.76 13.25 24.36
CA LYS A 71 40.51 11.95 24.99
C LYS A 71 39.33 11.23 24.35
N ASP A 72 38.31 11.98 23.92
CA ASP A 72 37.16 11.37 23.27
C ASP A 72 37.52 10.83 21.89
N LEU A 73 38.41 11.52 21.17
CA LEU A 73 38.85 11.04 19.87
C LEU A 73 39.67 9.76 19.99
N TRP A 74 40.55 9.68 20.99
CA TRP A 74 41.31 8.45 21.21
C TRP A 74 40.43 7.32 21.72
N LYS A 75 39.40 7.65 22.53
CA LYS A 75 38.44 6.65 22.96
C LYS A 75 37.66 6.09 21.77
N THR A 76 37.26 6.95 20.84
CA THR A 76 36.56 6.50 19.65
C THR A 76 37.46 5.68 18.73
N LEU A 77 38.74 6.08 18.62
CA LEU A 77 39.70 5.29 17.84
C LEU A 77 39.93 3.91 18.45
N SER A 78 40.03 3.85 19.79
CA SER A 78 40.20 2.58 20.48
C SER A 78 38.97 1.69 20.31
N ASN A 79 37.77 2.28 20.38
CA ASN A 79 36.55 1.51 20.17
C ASN A 79 36.41 1.04 18.72
N TRP A 80 36.83 1.87 17.76
CA TRP A 80 36.82 1.48 16.35
C TRP A 80 37.76 0.32 16.10
N MET A 81 38.97 0.38 16.65
CA MET A 81 39.91 -0.70 16.43
C MET A 81 39.58 -1.94 17.25
N ASP A 82 38.87 -1.80 18.37
CA ASP A 82 38.37 -2.96 19.10
C ASP A 82 37.22 -3.61 18.37
N LEU A 83 36.48 -2.82 17.58
CA LEU A 83 35.49 -3.40 16.68
C LEU A 83 36.15 -4.13 15.51
N ILE A 84 37.40 -3.75 15.18
CA ILE A 84 38.12 -4.42 14.10
C ILE A 84 38.58 -5.81 14.54
N ASP A 85 39.20 -5.90 15.72
CA ASP A 85 39.68 -7.20 16.19
C ASP A 85 38.58 -8.10 16.74
N SER A 86 37.34 -7.59 16.84
CA SER A 86 36.22 -8.44 17.21
C SER A 86 35.90 -9.47 16.13
N GLY A 87 36.27 -9.21 14.87
CA GLY A 87 36.14 -10.17 13.81
C GLY A 87 34.84 -10.11 13.03
N GLU A 88 33.88 -9.28 13.47
CA GLU A 88 32.59 -9.21 12.80
C GLU A 88 32.55 -8.13 11.72
N ILE A 89 33.56 -7.27 11.64
CA ILE A 89 33.54 -6.11 10.75
C ILE A 89 34.75 -6.18 9.83
N ASP A 90 34.49 -6.11 8.52
CA ASP A 90 35.54 -6.10 7.52
C ASP A 90 36.32 -4.80 7.59
N VAL A 91 37.61 -4.87 7.24
CA VAL A 91 38.51 -3.73 7.32
C VAL A 91 38.69 -3.13 5.93
N ASP A 92 38.62 -3.99 4.90
CA ASP A 92 38.95 -3.56 3.54
C ASP A 92 37.91 -2.61 2.95
N ASN A 93 36.64 -2.77 3.31
CA ASN A 93 35.59 -1.96 2.71
C ASN A 93 34.77 -1.24 3.77
N THR A 94 35.43 -0.62 4.74
CA THR A 94 34.76 0.11 5.81
C THR A 94 35.32 1.53 5.84
N ILE A 95 34.43 2.52 5.75
CA ILE A 95 34.79 3.92 5.76
C ILE A 95 34.44 4.50 7.12
N PHE A 96 35.36 5.28 7.68
CA PHE A 96 35.16 5.95 8.96
C PHE A 96 35.08 7.45 8.75
N LEU A 97 34.37 8.13 9.65
CA LEU A 97 34.18 9.57 9.56
C LEU A 97 34.24 10.20 10.94
N LEU A 98 34.57 11.49 10.95
CA LEU A 98 34.47 12.33 12.14
C LEU A 98 33.62 13.55 11.80
N PHE A 99 32.77 13.94 12.74
CA PHE A 99 31.85 15.05 12.53
C PHE A 99 31.85 15.94 13.75
N THR A 100 32.36 17.17 13.60
CA THR A 100 32.40 18.13 14.68
C THR A 100 31.55 19.36 14.43
N ASN A 101 30.96 19.48 13.22
CA ASN A 101 30.29 20.65 12.64
C ASN A 101 31.00 21.98 12.94
N LYS A 102 32.33 21.97 12.88
CA LYS A 102 33.16 23.13 13.20
C LYS A 102 34.55 22.85 12.66
N ARG A 103 35.31 23.93 12.43
CA ARG A 103 36.66 23.80 11.91
C ARG A 103 37.61 23.26 12.98
N CYS A 104 37.49 23.79 14.20
CA CYS A 104 38.12 23.36 15.46
C CYS A 104 39.61 23.64 15.55
N HIS A 105 40.24 24.06 14.44
CA HIS A 105 41.57 24.66 14.35
C HIS A 105 42.65 23.79 15.01
N SER A 106 42.85 22.61 14.43
CA SER A 106 43.84 21.68 14.96
C SER A 106 44.69 21.14 13.82
N GLU A 107 45.93 20.80 14.14
CA GLU A 107 46.90 20.36 13.13
C GLU A 107 46.75 18.86 12.85
N VAL A 108 46.71 18.04 13.90
CA VAL A 108 46.57 16.60 13.70
C VAL A 108 45.16 16.23 13.26
N LEU A 109 44.17 17.09 13.55
CA LEU A 109 42.83 16.88 13.00
C LEU A 109 42.82 17.12 11.49
N GLN A 110 43.56 18.13 11.03
CA GLN A 110 43.71 18.37 9.59
C GLN A 110 44.52 17.26 8.94
N LEU A 111 45.50 16.70 9.66
CA LEU A 111 46.25 15.57 9.13
C LEU A 111 45.39 14.31 9.03
N LEU A 112 44.47 14.12 9.97
CA LEU A 112 43.55 12.99 9.90
C LEU A 112 42.51 13.18 8.82
N SER A 113 42.06 14.44 8.60
CA SER A 113 41.13 14.73 7.52
C SER A 113 41.78 14.54 6.16
N THR A 114 43.05 14.94 6.04
CA THR A 114 43.87 14.65 4.86
C THR A 114 44.59 13.59 4.05
N SER A 115 45.46 12.83 4.72
CA SER A 115 46.26 11.74 4.14
C SER A 115 45.09 10.81 3.84
N GLN A 116 44.98 10.50 2.55
CA GLN A 116 43.95 9.61 2.01
C GLN A 116 44.73 8.38 1.55
N ALA A 117 44.11 7.56 0.71
CA ALA A 117 44.76 6.37 0.16
C ALA A 117 46.01 6.74 -0.61
N THR A 118 47.05 5.91 -0.44
CA THR A 118 48.46 6.23 -0.67
C THR A 118 48.74 7.53 0.09
N GLU A 119 49.07 8.62 -0.64
CA GLU A 119 49.20 10.01 -0.14
C GLU A 119 50.21 10.05 1.01
N GLU A 120 49.87 10.66 2.15
CA GLU A 120 50.62 10.60 3.42
C GLU A 120 52.05 11.01 3.08
N ALA A 121 52.09 12.24 2.44
CA ALA A 121 53.38 12.83 2.03
C ALA A 121 53.67 11.62 1.13
N SER A 122 54.87 11.06 1.16
CA SER A 122 55.17 9.82 0.43
C SER A 122 55.01 8.54 1.22
N LYS A 123 53.79 7.98 1.19
CA LYS A 123 53.42 6.69 1.81
C LYS A 123 53.75 6.66 3.30
N ALA A 124 54.41 5.59 3.74
CA ALA A 124 54.84 5.37 5.12
C ALA A 124 53.67 5.43 6.11
N PHE A 125 52.80 4.43 5.97
CA PHE A 125 51.64 4.25 6.86
C PHE A 125 52.05 3.85 8.28
N ASP A 126 53.32 3.51 8.53
CA ASP A 126 53.82 3.35 9.89
C ASP A 126 54.14 4.73 10.52
N GLU A 127 53.12 5.57 10.59
CA GLU A 127 53.23 6.93 11.15
C GLU A 127 52.69 6.96 12.57
N ILE A 128 53.42 6.29 13.46
CA ILE A 128 53.07 6.24 14.87
C ILE A 128 54.00 7.19 15.63
N LEU A 129 53.45 7.84 16.66
CA LEU A 129 54.17 8.79 17.54
C LEU A 129 54.78 9.94 16.75
N LYS A 130 53.96 10.56 15.89
CA LYS A 130 54.47 11.58 14.98
C LYS A 130 54.64 12.92 15.67
N ILE A 131 53.55 13.53 16.14
CA ILE A 131 53.61 14.81 16.83
C ILE A 131 52.83 14.60 18.13
N VAL A 132 52.81 13.36 18.62
CA VAL A 132 52.09 13.07 19.86
C VAL A 132 52.92 13.46 21.06
N SER A 133 54.10 12.85 21.22
CA SER A 133 55.11 13.15 22.25
C SER A 133 54.58 12.98 23.66
N HIS A 134 53.63 12.04 23.85
CA HIS A 134 53.02 11.62 25.11
C HIS A 134 52.46 12.78 25.94
N PRO A 135 51.35 13.39 25.53
CA PRO A 135 50.80 14.50 26.32
C PRO A 135 49.74 14.06 27.33
N SER A 136 49.87 14.61 28.56
CA SER A 136 48.96 14.46 29.69
C SER A 136 48.67 13.00 30.02
N PRO A 137 49.62 12.28 30.63
CA PRO A 137 49.44 10.82 30.88
C PRO A 137 48.46 10.53 32.01
N SER A 138 47.18 10.81 31.76
CA SER A 138 46.11 10.43 32.67
C SER A 138 45.49 9.10 32.24
N ILE A 139 44.98 9.05 31.01
CA ILE A 139 44.54 7.79 30.42
C ILE A 139 45.49 7.41 29.27
N ALA A 140 46.49 6.60 29.61
CA ALA A 140 47.51 6.21 28.65
C ALA A 140 47.15 4.96 27.86
N ASN A 141 46.05 4.29 28.22
CA ASN A 141 45.71 3.01 27.62
C ASN A 141 45.34 3.14 26.15
N TYR A 142 44.69 4.25 25.78
CA TYR A 142 44.26 4.45 24.40
C TYR A 142 45.44 4.60 23.46
N LEU A 143 46.38 5.48 23.79
CA LEU A 143 47.55 5.68 22.95
C LEU A 143 48.52 4.51 23.02
N ASN A 144 48.60 3.82 24.18
CA ASN A 144 49.45 2.64 24.27
C ASN A 144 48.90 1.49 23.41
N ASN A 145 47.59 1.32 23.40
CA ASN A 145 46.98 0.29 22.54
C ASN A 145 47.06 0.68 21.08
N PHE A 146 46.97 1.98 20.76
CA PHE A 146 47.12 2.41 19.37
C PHE A 146 48.54 2.22 18.87
N SER A 147 49.53 2.51 19.71
CA SER A 147 50.92 2.34 19.30
C SER A 147 51.35 0.87 19.31
N LYS A 148 50.71 0.04 20.15
CA LYS A 148 51.10 -1.36 20.23
C LYS A 148 50.66 -2.14 18.99
N SER A 149 49.45 -1.87 18.50
CA SER A 149 48.91 -2.62 17.38
C SER A 149 49.55 -2.16 16.06
N LYS A 150 49.73 -3.11 15.15
CA LYS A 150 50.28 -2.84 13.84
C LYS A 150 49.26 -2.98 12.71
N THR A 151 48.16 -3.68 12.94
CA THR A 151 47.09 -3.79 11.95
C THR A 151 46.03 -2.70 12.10
N ASP A 152 46.12 -1.88 13.14
CA ASP A 152 45.16 -0.81 13.37
C ASP A 152 45.78 0.58 13.36
N ALA A 153 47.11 0.69 13.32
CA ALA A 153 47.79 1.97 13.17
C ALA A 153 48.21 2.24 11.73
N CYS A 154 47.71 1.43 10.78
CA CYS A 154 48.08 1.44 9.36
C CYS A 154 46.95 1.60 7.95
N ARG A 155 45.75 1.04 7.48
CA ARG A 155 44.90 1.45 6.35
C ARG A 155 43.65 2.20 6.77
N LEU A 156 43.44 2.40 8.07
CA LEU A 156 42.26 3.09 8.58
C LEU A 156 42.29 4.58 8.25
N ILE A 157 43.41 5.25 8.52
CA ILE A 157 43.52 6.69 8.32
C ILE A 157 43.49 7.05 6.84
N SER A 158 44.05 6.20 5.99
CA SER A 158 44.00 6.43 4.55
C SER A 158 42.59 6.29 3.98
N LYS A 159 41.69 5.61 4.69
CA LYS A 159 40.30 5.50 4.26
C LYS A 159 39.35 6.42 5.01
N PHE A 160 39.77 6.97 6.16
CA PHE A 160 38.90 7.80 6.98
C PHE A 160 39.15 9.28 6.67
N THR A 161 38.06 10.04 6.56
CA THR A 161 38.13 11.47 6.32
C THR A 161 37.21 12.20 7.29
N TYR A 162 37.53 13.47 7.53
CA TYR A 162 36.80 14.30 8.47
C TYR A 162 36.20 15.48 7.72
N ILE A 163 34.92 15.76 7.96
CA ILE A 163 34.17 16.76 7.22
C ILE A 163 33.45 17.67 8.21
N TYR A 164 33.49 18.98 7.95
CA TYR A 164 32.81 19.95 8.80
C TYR A 164 31.31 19.93 8.54
N GLY A 165 30.60 20.82 9.23
CA GLY A 165 29.16 20.91 9.09
C GLY A 165 28.73 21.55 7.78
N SER A 166 29.02 22.85 7.63
CA SER A 166 28.73 23.67 6.46
C SER A 166 27.26 23.58 6.05
N GLY A 167 26.37 24.08 6.90
CA GLY A 167 24.95 23.77 6.76
C GLY A 167 24.27 24.29 5.50
N SER A 168 24.07 23.38 4.56
CA SER A 168 23.23 23.55 3.38
C SER A 168 22.73 22.16 3.02
N ALA A 169 22.86 21.25 4.00
CA ALA A 169 22.71 19.81 3.76
C ALA A 169 21.31 19.35 3.36
N PRO A 170 20.17 19.99 3.83
CA PRO A 170 18.88 19.63 3.20
C PRO A 170 18.77 19.94 1.71
N HIS A 171 19.59 20.86 1.20
CA HIS A 171 19.65 21.10 -0.23
C HIS A 171 20.61 20.15 -0.93
N ASP A 172 21.77 19.88 -0.31
CA ASP A 172 22.78 19.02 -0.92
C ASP A 172 22.31 17.57 -0.99
N LEU A 173 21.65 17.09 0.06
CA LEU A 173 21.13 15.72 0.07
C LEU A 173 19.98 15.57 -0.91
N ARG A 174 19.15 16.62 -1.04
CA ARG A 174 18.04 16.60 -2.00
C ARG A 174 18.56 16.58 -3.43
N GLU A 175 19.66 17.30 -3.69
CA GLU A 175 20.29 17.23 -5.01
C GLU A 175 20.93 15.86 -5.24
N SER A 176 21.54 15.29 -4.19
CA SER A 176 22.24 14.02 -4.33
C SER A 176 21.28 12.86 -4.57
N TYR A 177 20.08 12.90 -4.01
CA TYR A 177 19.10 11.85 -4.25
C TYR A 177 18.63 11.84 -5.70
N LYS A 178 18.36 13.03 -6.27
CA LYS A 178 17.92 13.10 -7.65
C LYS A 178 19.06 12.96 -8.64
N LEU A 179 20.31 13.13 -8.19
CA LEU A 179 21.45 12.96 -9.08
C LEU A 179 21.98 11.53 -9.12
N HIS A 180 22.05 10.86 -7.97
CA HIS A 180 22.74 9.58 -7.88
C HIS A 180 21.80 8.38 -8.01
N ARG A 181 20.60 8.44 -7.46
CA ARG A 181 19.72 7.29 -7.46
C ARG A 181 19.02 7.16 -8.81
N LEU A 182 19.22 6.02 -9.47
CA LEU A 182 18.53 5.74 -10.72
C LEU A 182 17.05 5.47 -10.46
N GLY A 183 16.20 6.08 -11.27
CA GLY A 183 14.77 5.99 -11.03
C GLY A 183 14.32 6.71 -9.77
N ALA A 184 14.93 7.85 -9.48
CA ALA A 184 14.56 8.61 -8.29
C ALA A 184 13.22 9.29 -8.52
N LEU A 185 12.28 9.04 -7.61
CA LEU A 185 10.97 9.68 -7.70
C LEU A 185 11.09 11.14 -7.34
N GLU A 186 10.45 12.00 -8.16
CA GLU A 186 10.49 13.43 -7.93
C GLU A 186 9.15 14.02 -7.49
N GLU A 187 8.04 13.33 -7.76
CA GLU A 187 6.74 13.83 -7.30
C GLU A 187 6.56 13.58 -5.81
N HIS A 188 6.88 12.38 -5.33
CA HIS A 188 6.91 12.09 -3.90
C HIS A 188 8.31 12.24 -3.33
N LEU A 189 8.92 13.41 -3.57
CA LEU A 189 10.30 13.61 -3.12
C LEU A 189 10.36 13.82 -1.61
N ASP A 190 9.45 14.63 -1.06
CA ASP A 190 9.47 14.89 0.37
C ASP A 190 8.93 13.73 1.19
N GLU A 191 8.01 12.95 0.63
CA GLU A 191 7.46 11.81 1.33
C GLU A 191 8.32 10.56 1.22
N ILE A 192 9.38 10.58 0.42
CA ILE A 192 10.38 9.53 0.40
C ILE A 192 11.56 9.87 1.31
N MET A 193 11.99 11.12 1.26
CA MET A 193 13.20 11.58 1.92
C MET A 193 12.99 11.80 3.41
N TYR A 194 11.77 11.64 3.91
CA TYR A 194 11.46 11.84 5.32
C TYR A 194 11.68 10.57 6.14
N GLU A 195 11.06 9.44 5.74
CA GLU A 195 11.23 8.24 6.55
C GLU A 195 12.57 7.57 6.35
N ILE A 196 13.31 7.85 5.28
CA ILE A 196 14.67 7.34 5.21
C ILE A 196 15.57 8.06 6.20
N LEU A 197 15.34 9.37 6.41
CA LEU A 197 16.02 10.08 7.47
C LEU A 197 15.53 9.62 8.83
N GLY A 198 14.26 9.25 8.93
CA GLY A 198 13.75 8.67 10.17
C GLY A 198 14.38 7.33 10.50
N TRP A 199 14.60 6.50 9.47
CA TRP A 199 15.30 5.22 9.67
C TRP A 199 16.75 5.45 10.08
N VAL A 200 17.42 6.43 9.46
CA VAL A 200 18.80 6.75 9.82
C VAL A 200 18.87 7.26 11.25
N SER A 201 17.92 8.11 11.64
CA SER A 201 17.85 8.62 13.01
C SER A 201 17.55 7.52 14.01
N ASP A 202 16.68 6.57 13.64
CA ASP A 202 16.34 5.47 14.53
C ASP A 202 17.55 4.54 14.72
N VAL A 203 18.29 4.27 13.64
CA VAL A 203 19.49 3.45 13.73
C VAL A 203 20.56 4.14 14.56
N LEU A 204 20.75 5.45 14.36
CA LEU A 204 21.74 6.20 15.13
C LEU A 204 21.39 6.27 16.60
N THR A 205 20.10 6.47 16.92
CA THR A 205 19.68 6.51 18.32
C THR A 205 19.80 5.15 19.00
N LEU A 206 19.35 4.08 18.32
CA LEU A 206 19.41 2.74 18.89
C LEU A 206 20.84 2.26 19.05
N ALA A 207 21.74 2.69 18.17
CA ALA A 207 23.15 2.40 18.36
C ALA A 207 23.81 3.36 19.36
N ALA A 208 23.17 4.48 19.69
CA ALA A 208 23.69 5.38 20.70
C ALA A 208 23.31 4.97 22.11
N GLU A 209 22.15 4.34 22.31
CA GLU A 209 21.81 3.87 23.65
C GLU A 209 22.66 2.66 24.06
N LYS A 210 23.02 1.81 23.11
CA LYS A 210 23.76 0.59 23.44
C LYS A 210 25.26 0.81 23.54
N ARG A 211 25.77 1.96 23.10
CA ARG A 211 27.18 2.35 23.19
C ARG A 211 28.09 1.33 22.49
N GLN A 212 27.93 1.24 21.16
CA GLN A 212 28.71 0.29 20.39
C GLN A 212 29.21 0.85 19.06
N PRO A 213 29.48 2.18 18.98
CA PRO A 213 29.46 2.93 17.71
C PRO A 213 28.25 2.73 16.82
N THR A 214 28.46 2.60 15.51
CA THR A 214 27.38 2.29 14.59
C THR A 214 27.93 1.57 13.36
N ILE A 215 27.34 0.42 13.05
CA ILE A 215 27.84 -0.52 12.05
C ILE A 215 26.73 -0.58 10.99
N VAL A 216 26.12 0.58 10.71
CA VAL A 216 25.08 0.66 9.68
C VAL A 216 25.69 0.32 8.32
N ARG A 217 25.10 -0.66 7.65
CA ARG A 217 25.58 -1.15 6.37
C ARG A 217 24.75 -0.56 5.24
N ALA A 218 25.35 -0.53 4.05
CA ALA A 218 24.63 -0.01 2.89
C ALA A 218 23.57 -0.95 2.37
N LYS A 219 23.63 -2.24 2.73
CA LYS A 219 22.61 -3.19 2.29
C LYS A 219 21.29 -2.95 3.00
N ASP A 220 21.34 -2.69 4.31
CA ASP A 220 20.12 -2.38 5.07
C ASP A 220 19.53 -1.04 4.64
N PHE A 221 20.40 -0.05 4.38
CA PHE A 221 19.95 1.24 3.86
C PHE A 221 19.31 1.09 2.49
N GLY A 222 19.90 0.24 1.64
CA GLY A 222 19.32 0.01 0.34
C GLY A 222 17.99 -0.72 0.40
N ALA A 223 17.86 -1.68 1.31
CA ALA A 223 16.58 -2.38 1.49
C ALA A 223 15.50 -1.44 2.00
N ARG A 224 15.85 -0.56 2.94
CA ARG A 224 14.89 0.43 3.44
C ARG A 224 14.48 1.42 2.34
N LEU A 225 15.45 1.88 1.54
CA LEU A 225 15.15 2.80 0.44
C LEU A 225 14.28 2.13 -0.62
N GLY A 226 14.56 0.87 -0.92
CA GLY A 226 13.75 0.14 -1.88
C GLY A 226 12.34 -0.09 -1.40
N GLU A 227 12.18 -0.39 -0.10
CA GLU A 227 10.83 -0.55 0.44
C GLU A 227 10.07 0.77 0.46
N ILE A 228 10.77 1.88 0.75
CA ILE A 228 10.15 3.20 0.76
C ILE A 228 9.66 3.58 -0.64
N GLU A 229 10.48 3.32 -1.66
CA GLU A 229 10.05 3.65 -3.03
C GLU A 229 8.97 2.69 -3.53
N SER A 230 9.07 1.40 -3.19
CA SER A 230 8.08 0.45 -3.67
C SER A 230 6.76 0.55 -2.92
N LYS A 231 6.73 1.22 -1.77
CA LYS A 231 5.46 1.54 -1.14
C LYS A 231 4.64 2.51 -1.99
N TYR A 232 5.29 3.54 -2.54
CA TYR A 232 4.60 4.49 -3.40
C TYR A 232 4.48 4.03 -4.85
N ARG A 233 5.26 3.04 -5.26
CA ARG A 233 5.17 2.54 -6.63
C ARG A 233 4.16 1.41 -6.80
N GLN A 234 3.16 1.35 -5.92
CA GLN A 234 2.12 0.33 -6.00
C GLN A 234 0.88 0.92 -6.67
N LYS A 235 0.38 0.21 -7.68
CA LYS A 235 -0.80 0.65 -8.42
C LYS A 235 -1.52 -0.57 -8.96
N THR A 236 -2.85 -0.57 -8.84
CA THR A 236 -3.67 -1.68 -9.30
C THR A 236 -4.61 -1.31 -10.44
N ILE A 237 -4.65 -0.05 -10.85
CA ILE A 237 -5.47 0.37 -11.99
C ILE A 237 -4.66 1.36 -12.83
N LEU A 238 -4.61 1.12 -14.13
CA LEU A 238 -3.99 2.04 -15.08
C LEU A 238 -5.09 2.91 -15.68
N ASN A 239 -4.97 4.22 -15.51
CA ASN A 239 -6.03 5.15 -15.87
C ASN A 239 -5.72 5.82 -17.19
N TYR A 240 -6.70 5.80 -18.09
CA TYR A 240 -6.62 6.49 -19.37
C TYR A 240 -7.86 7.33 -19.56
N PHE A 241 -7.71 8.48 -20.19
CA PHE A 241 -8.79 9.44 -20.35
C PHE A 241 -9.51 9.17 -21.66
N CYS A 242 -10.58 8.37 -21.60
CA CYS A 242 -11.34 7.98 -22.78
C CYS A 242 -12.24 9.14 -23.18
N ASN A 243 -11.66 10.09 -23.92
CA ASN A 243 -12.36 11.30 -24.33
C ASN A 243 -12.79 11.26 -25.80
N ARG A 244 -12.73 10.10 -26.44
CA ARG A 244 -13.16 9.99 -27.82
C ARG A 244 -14.68 9.89 -27.92
N SER A 245 -15.18 9.94 -29.14
CA SER A 245 -16.62 9.89 -29.41
C SER A 245 -16.85 9.35 -30.80
N SER A 246 -18.11 9.00 -31.07
CA SER A 246 -18.48 8.41 -32.36
C SER A 246 -18.50 9.42 -33.49
N GLU A 247 -18.56 10.71 -33.17
CA GLU A 247 -18.64 11.76 -34.18
C GLU A 247 -17.31 12.43 -34.46
N SER A 248 -16.20 11.85 -33.98
CA SER A 248 -14.89 12.42 -34.23
C SER A 248 -14.46 12.15 -35.68
N GLU A 249 -13.41 12.86 -36.10
CA GLU A 249 -12.97 12.76 -37.49
C GLU A 249 -12.25 11.44 -37.76
N ASP A 250 -11.39 11.01 -36.83
CA ASP A 250 -10.59 9.81 -37.06
C ASP A 250 -11.41 8.54 -36.96
N VAL A 251 -12.49 8.56 -36.19
CA VAL A 251 -13.38 7.40 -36.10
C VAL A 251 -14.16 7.23 -37.40
N GLN A 252 -14.60 8.34 -38.00
CA GLN A 252 -15.38 8.28 -39.23
C GLN A 252 -14.53 7.94 -40.45
N ASN A 253 -13.21 8.15 -40.37
CA ASN A 253 -12.35 7.83 -41.51
C ASN A 253 -12.13 6.34 -41.65
N THR A 254 -12.06 5.61 -40.54
CA THR A 254 -11.67 4.20 -40.57
C THR A 254 -12.76 3.29 -41.12
N ILE A 255 -14.01 3.73 -41.09
CA ILE A 255 -15.09 2.92 -41.67
C ILE A 255 -14.96 2.88 -43.19
N LYS A 256 -14.65 4.02 -43.81
CA LYS A 256 -14.44 4.06 -45.26
C LYS A 256 -13.04 3.60 -45.65
N ASP A 257 -12.05 3.78 -44.77
CA ASP A 257 -10.71 3.27 -45.05
C ASP A 257 -10.67 1.76 -44.98
N ALA A 258 -11.43 1.17 -44.05
CA ALA A 258 -11.63 -0.26 -43.83
C ALA A 258 -10.33 -1.02 -43.58
N PRO A 259 -9.71 -0.89 -42.39
CA PRO A 259 -8.56 -1.75 -42.07
C PRO A 259 -9.01 -3.19 -41.82
N ASN A 260 -8.07 -4.10 -41.58
CA ASN A 260 -8.44 -5.52 -41.55
C ASN A 260 -8.94 -5.96 -40.19
N TYR A 261 -9.85 -5.20 -39.58
CA TYR A 261 -10.69 -5.71 -38.50
C TYR A 261 -12.12 -5.28 -38.75
N ILE A 262 -12.29 -4.12 -39.40
CA ILE A 262 -13.59 -3.73 -39.93
C ILE A 262 -14.00 -4.68 -41.05
N LYS A 263 -13.03 -5.19 -41.82
CA LYS A 263 -13.31 -6.14 -42.88
C LYS A 263 -13.85 -7.46 -42.35
N GLN A 264 -13.43 -7.86 -41.14
CA GLN A 264 -13.95 -9.09 -40.56
C GLN A 264 -15.38 -8.94 -40.06
N LEU A 265 -15.73 -7.76 -39.56
CA LEU A 265 -17.09 -7.51 -39.09
C LEU A 265 -18.08 -7.36 -40.24
N ASN A 266 -17.61 -7.22 -41.48
CA ASN A 266 -18.51 -7.02 -42.61
C ASN A 266 -19.07 -8.34 -43.16
N LEU A 267 -18.56 -9.49 -42.73
CA LEU A 267 -19.15 -10.75 -43.12
C LEU A 267 -20.18 -11.26 -42.13
N ILE A 268 -20.06 -10.87 -40.85
CA ILE A 268 -20.99 -11.33 -39.82
C ILE A 268 -22.25 -10.50 -39.77
N ASN A 269 -22.41 -9.51 -40.68
CA ASN A 269 -23.62 -8.71 -40.87
C ASN A 269 -24.01 -7.93 -39.61
N VAL A 270 -23.00 -7.45 -38.88
CA VAL A 270 -23.27 -6.57 -37.75
C VAL A 270 -23.72 -5.21 -38.28
N ASP A 271 -24.62 -4.57 -37.56
CA ASP A 271 -25.09 -3.25 -37.95
C ASP A 271 -23.99 -2.22 -37.70
N ASP A 272 -24.09 -1.08 -38.38
CA ASP A 272 -23.08 -0.04 -38.31
C ASP A 272 -23.05 0.70 -36.99
N SER A 273 -24.04 0.48 -36.12
CA SER A 273 -24.02 1.08 -34.79
C SER A 273 -22.89 0.53 -33.92
N GLU A 274 -22.49 -0.72 -34.13
CA GLU A 274 -21.35 -1.29 -33.42
C GLU A 274 -20.02 -0.81 -33.97
N LEU A 275 -19.96 -0.51 -35.27
CA LEU A 275 -18.73 -0.16 -35.96
C LEU A 275 -18.16 1.19 -35.52
N GLU A 276 -18.94 2.03 -34.83
CA GLU A 276 -18.38 3.26 -34.29
C GLU A 276 -17.52 2.99 -33.06
N GLU A 277 -18.08 2.30 -32.06
CA GLU A 277 -17.29 1.96 -30.88
C GLU A 277 -16.32 0.81 -31.12
N ALA A 278 -16.46 0.08 -32.23
CA ALA A 278 -15.40 -0.83 -32.64
C ALA A 278 -14.17 -0.05 -33.08
N ALA A 279 -14.37 1.04 -33.82
CA ALA A 279 -13.27 1.89 -34.23
C ALA A 279 -12.78 2.78 -33.09
N ILE A 280 -13.65 3.10 -32.13
CA ILE A 280 -13.23 3.89 -30.98
C ILE A 280 -12.29 3.09 -30.10
N ALA A 281 -12.66 1.83 -29.81
CA ALA A 281 -11.87 1.00 -28.91
C ALA A 281 -10.52 0.60 -29.50
N ASN A 282 -10.45 0.45 -30.82
CA ASN A 282 -9.17 0.14 -31.45
C ASN A 282 -8.25 1.37 -31.45
N LEU A 283 -8.82 2.55 -31.65
CA LEU A 283 -8.01 3.76 -31.67
C LEU A 283 -7.55 4.15 -30.28
N GLU A 284 -8.30 3.79 -29.24
CA GLU A 284 -7.90 4.08 -27.87
C GLU A 284 -6.99 3.02 -27.28
N THR A 285 -6.92 1.83 -27.88
CA THR A 285 -5.97 0.83 -27.42
C THR A 285 -4.55 1.16 -27.85
N LYS A 286 -4.37 1.61 -29.09
CA LYS A 286 -3.05 2.01 -29.56
C LYS A 286 -2.60 3.31 -28.91
N ASP A 287 -3.55 4.20 -28.58
CA ASP A 287 -3.18 5.44 -27.93
C ASP A 287 -2.83 5.26 -26.46
N ALA A 288 -3.29 4.17 -25.84
CA ALA A 288 -2.98 3.92 -24.44
C ALA A 288 -1.77 3.02 -24.24
N VAL A 289 -1.36 2.27 -25.28
CA VAL A 289 -0.16 1.45 -25.17
C VAL A 289 1.08 2.33 -25.14
N VAL A 290 1.14 3.34 -26.02
CA VAL A 290 2.27 4.26 -26.05
C VAL A 290 2.28 5.16 -24.83
N GLU A 291 1.11 5.49 -24.29
CA GLU A 291 1.04 6.34 -23.10
C GLU A 291 1.57 5.61 -21.87
N TRP A 292 1.14 4.36 -21.66
CA TRP A 292 1.54 3.63 -20.46
C TRP A 292 2.97 3.12 -20.55
N THR A 293 3.49 2.89 -21.76
CA THR A 293 4.87 2.44 -21.92
C THR A 293 5.85 3.55 -21.56
N LEU A 294 5.54 4.79 -21.94
CA LEU A 294 6.45 5.91 -21.70
C LEU A 294 6.54 6.29 -20.23
N ASN A 295 5.55 5.91 -19.41
CA ASN A 295 5.61 6.11 -17.98
C ASN A 295 6.28 4.94 -17.26
N GLY A 296 6.72 3.92 -17.99
CA GLY A 296 7.36 2.77 -17.39
C GLY A 296 6.42 1.78 -16.74
N ASP A 297 5.11 1.91 -16.97
CA ASP A 297 4.16 1.00 -16.35
C ASP A 297 4.16 -0.36 -17.04
N VAL A 298 3.97 -0.38 -18.36
CA VAL A 298 3.99 -1.61 -19.14
C VAL A 298 5.13 -1.53 -20.15
N GLN A 299 5.46 -2.68 -20.73
CA GLN A 299 6.45 -2.75 -21.80
C GLN A 299 5.90 -3.71 -22.86
N ASP A 300 6.76 -4.07 -23.82
CA ASP A 300 6.30 -4.87 -24.95
C ASP A 300 6.08 -6.33 -24.56
N TYR A 301 6.82 -6.83 -23.56
CA TYR A 301 6.62 -8.21 -23.10
C TYR A 301 5.28 -8.34 -22.40
N SER A 302 4.88 -7.33 -21.62
CA SER A 302 3.64 -7.41 -20.85
C SER A 302 2.42 -7.31 -21.75
N TYR A 303 2.49 -6.51 -22.81
CA TYR A 303 1.38 -6.46 -23.76
C TYR A 303 1.36 -7.68 -24.65
N ARG A 304 2.50 -8.33 -24.86
CA ARG A 304 2.52 -9.58 -25.62
C ARG A 304 1.98 -10.74 -24.78
N TYR A 305 2.19 -10.70 -23.46
CA TYR A 305 1.54 -11.68 -22.59
C TYR A 305 0.05 -11.43 -22.52
N TYR A 306 -0.36 -10.15 -22.52
CA TYR A 306 -1.78 -9.82 -22.56
C TYR A 306 -2.39 -10.17 -23.91
N GLN A 307 -1.58 -10.22 -24.96
CA GLN A 307 -2.03 -10.71 -26.26
C GLN A 307 -1.86 -12.21 -26.39
N ARG A 308 -1.51 -12.91 -25.32
CA ARG A 308 -1.56 -14.37 -25.30
C ARG A 308 -2.70 -14.88 -24.44
N GLU A 309 -3.04 -14.15 -23.37
CA GLU A 309 -4.16 -14.53 -22.52
C GLU A 309 -5.50 -14.37 -23.25
N LEU A 310 -5.66 -13.28 -24.00
CA LEU A 310 -6.88 -13.08 -24.76
C LEU A 310 -6.96 -14.00 -25.97
N ARG A 311 -5.81 -14.43 -26.49
CA ARG A 311 -5.81 -15.37 -27.61
C ARG A 311 -6.27 -16.74 -27.17
N ARG A 312 -5.95 -17.14 -25.93
CA ARG A 312 -6.48 -18.39 -25.39
C ARG A 312 -7.98 -18.28 -25.12
N CYS A 313 -8.43 -17.11 -24.68
CA CYS A 313 -9.85 -16.91 -24.40
C CYS A 313 -10.69 -16.96 -25.67
N TRP A 314 -10.13 -16.56 -26.81
CA TRP A 314 -10.84 -16.72 -28.08
C TRP A 314 -10.96 -18.19 -28.46
N GLY A 315 -9.94 -18.99 -28.15
CA GLY A 315 -9.98 -20.40 -28.50
C GLY A 315 -10.98 -21.22 -27.71
N ILE A 316 -11.36 -20.75 -26.53
CA ILE A 316 -12.34 -21.48 -25.73
C ILE A 316 -13.75 -21.24 -26.23
N GLN A 317 -14.11 -19.97 -26.47
CA GLN A 317 -15.45 -19.67 -26.94
C GLN A 317 -15.66 -19.98 -28.42
N LYS A 318 -14.59 -20.25 -29.16
CA LYS A 318 -14.75 -20.65 -30.56
C LYS A 318 -15.38 -22.05 -30.65
N GLN A 319 -14.86 -23.00 -29.87
CA GLN A 319 -15.42 -24.34 -29.86
C GLN A 319 -16.66 -24.47 -29.00
N LYS A 320 -16.91 -23.49 -28.13
CA LYS A 320 -18.10 -23.53 -27.29
C LYS A 320 -19.36 -23.23 -28.09
N ILE A 321 -19.30 -22.22 -28.96
CA ILE A 321 -20.46 -21.80 -29.73
C ILE A 321 -20.79 -22.82 -30.81
N HIS A 322 -19.76 -23.41 -31.42
CA HIS A 322 -19.97 -24.49 -32.39
C HIS A 322 -20.57 -25.72 -31.73
N LEU A 323 -20.29 -25.94 -30.45
CA LEU A 323 -20.88 -27.03 -29.70
C LEU A 323 -22.36 -26.76 -29.40
N ASP A 324 -22.67 -25.56 -28.92
CA ASP A 324 -24.04 -25.25 -28.52
C ASP A 324 -24.93 -25.00 -29.72
N PHE A 325 -24.57 -24.02 -30.54
CA PHE A 325 -25.43 -23.56 -31.63
C PHE A 325 -24.98 -24.22 -32.93
N ASN A 326 -25.10 -25.54 -32.96
CA ASN A 326 -24.78 -26.34 -34.13
C ASN A 326 -25.99 -26.42 -35.05
N GLY A 327 -25.72 -26.44 -36.35
CA GLY A 327 -26.80 -26.47 -37.33
C GLY A 327 -27.38 -25.12 -37.65
N ARG A 328 -26.57 -24.07 -37.62
CA ARG A 328 -27.00 -22.70 -37.87
C ARG A 328 -26.18 -22.11 -39.02
N PRO A 329 -26.72 -21.11 -39.73
CA PRO A 329 -25.92 -20.42 -40.75
C PRO A 329 -24.74 -19.69 -40.14
N GLU A 330 -23.67 -19.57 -40.95
CA GLU A 330 -22.41 -19.01 -40.46
C GLU A 330 -22.48 -17.52 -40.17
N THR A 331 -23.49 -16.82 -40.68
CA THR A 331 -23.69 -15.43 -40.28
C THR A 331 -24.15 -15.34 -38.84
N GLU A 332 -25.00 -16.29 -38.40
CA GLU A 332 -25.45 -16.30 -37.01
C GLU A 332 -24.34 -16.79 -36.08
N VAL A 333 -23.61 -17.83 -36.48
CA VAL A 333 -22.52 -18.36 -35.67
C VAL A 333 -21.38 -17.35 -35.60
N GLY A 334 -21.14 -16.63 -36.70
CA GLY A 334 -20.11 -15.61 -36.69
C GLY A 334 -20.45 -14.41 -35.83
N GLN A 335 -21.75 -14.13 -35.66
CA GLN A 335 -22.15 -13.04 -34.78
C GLN A 335 -22.06 -13.44 -33.31
N ARG A 336 -22.31 -14.71 -33.00
CA ARG A 336 -22.28 -15.17 -31.62
C ARG A 336 -20.86 -15.19 -31.06
N LEU A 337 -19.86 -15.44 -31.91
CA LEU A 337 -18.48 -15.47 -31.45
C LEU A 337 -17.98 -14.08 -31.09
N TYR A 338 -18.51 -13.04 -31.73
CA TYR A 338 -18.12 -11.68 -31.40
C TYR A 338 -18.70 -11.26 -30.04
N ILE A 339 -19.96 -11.61 -29.79
CA ILE A 339 -20.61 -11.19 -28.55
C ILE A 339 -20.04 -11.93 -27.35
N GLU A 340 -19.80 -13.23 -27.49
CA GLU A 340 -19.27 -14.01 -26.37
C GLU A 340 -17.84 -13.66 -26.04
N CYS A 341 -17.08 -13.17 -27.02
CA CYS A 341 -15.72 -12.72 -26.76
C CYS A 341 -15.64 -11.30 -26.22
N LEU A 342 -16.73 -10.55 -26.28
CA LEU A 342 -16.75 -9.22 -25.69
C LEU A 342 -17.09 -9.24 -24.21
N ASN A 343 -17.96 -10.16 -23.78
CA ASN A 343 -18.34 -10.27 -22.38
C ASN A 343 -17.33 -11.03 -21.53
N ASN A 344 -16.30 -11.61 -22.14
CA ASN A 344 -15.39 -12.50 -21.43
C ASN A 344 -13.98 -11.95 -21.26
N VAL A 345 -13.47 -11.18 -22.22
CA VAL A 345 -12.09 -10.70 -22.15
C VAL A 345 -11.92 -9.51 -21.22
N THR A 346 -13.00 -8.98 -20.65
CA THR A 346 -12.91 -7.84 -19.75
C THR A 346 -12.33 -8.19 -18.39
N ARG A 347 -12.23 -9.48 -18.06
CA ARG A 347 -11.76 -9.91 -16.75
C ARG A 347 -10.24 -10.00 -16.65
N TYR A 348 -9.52 -9.76 -17.74
CA TYR A 348 -8.08 -9.99 -17.74
C TYR A 348 -7.33 -8.75 -17.25
N TYR A 349 -6.08 -8.97 -16.87
CA TYR A 349 -5.26 -7.96 -16.23
C TYR A 349 -4.00 -7.72 -17.05
N LEU A 350 -3.48 -6.48 -16.97
CA LEU A 350 -2.24 -6.10 -17.62
C LEU A 350 -1.28 -5.60 -16.55
N GLU A 351 -0.11 -6.25 -16.45
CA GLU A 351 0.90 -6.01 -15.40
C GLU A 351 0.28 -6.13 -14.00
N ASN A 352 -0.59 -7.15 -13.85
CA ASN A 352 -1.39 -7.39 -12.64
C ASN A 352 -2.23 -6.17 -12.24
N LYS A 353 -2.69 -5.40 -13.20
CA LYS A 353 -3.47 -4.20 -12.94
C LYS A 353 -4.77 -4.24 -13.72
N LYS A 354 -5.81 -3.63 -13.16
CA LYS A 354 -7.12 -3.61 -13.80
C LYS A 354 -7.12 -2.63 -14.97
N VAL A 355 -7.79 -3.01 -16.05
CA VAL A 355 -7.92 -2.17 -17.23
C VAL A 355 -9.40 -1.98 -17.53
N GLY A 356 -9.70 -0.93 -18.28
CA GLY A 356 -11.06 -0.61 -18.62
C GLY A 356 -11.62 -1.54 -19.69
N ASP A 357 -12.89 -1.34 -19.99
CA ASP A 357 -13.54 -2.14 -21.02
C ASP A 357 -13.10 -1.74 -22.42
N PHE A 358 -12.56 -0.53 -22.59
CA PHE A 358 -12.10 -0.11 -23.91
C PHE A 358 -10.84 -0.85 -24.33
N PHE A 359 -9.97 -1.19 -23.37
CA PHE A 359 -8.71 -1.85 -23.70
C PHE A 359 -8.95 -3.31 -24.07
N ALA A 360 -9.84 -3.99 -23.35
CA ALA A 360 -10.12 -5.39 -23.65
C ALA A 360 -10.95 -5.56 -24.91
N HIS A 361 -11.86 -4.62 -25.20
CA HIS A 361 -12.62 -4.68 -26.45
C HIS A 361 -11.73 -4.33 -27.63
N GLY A 362 -10.85 -3.35 -27.47
CA GLY A 362 -10.06 -2.87 -28.60
C GLY A 362 -8.87 -3.73 -28.92
N THR A 363 -8.37 -4.50 -27.95
CA THR A 363 -7.29 -5.43 -28.24
C THR A 363 -7.74 -6.58 -29.11
N LEU A 364 -9.01 -6.98 -29.03
CA LEU A 364 -9.55 -8.04 -29.89
C LEU A 364 -9.52 -7.61 -31.35
N HIS A 365 -9.80 -6.34 -31.63
CA HIS A 365 -9.73 -5.84 -32.99
C HIS A 365 -8.28 -5.74 -33.45
N SER A 366 -7.38 -5.32 -32.55
CA SER A 366 -5.96 -5.23 -32.88
C SER A 366 -5.31 -6.59 -33.00
N MET A 367 -5.87 -7.62 -32.35
CA MET A 367 -5.50 -9.00 -32.70
C MET A 367 -5.93 -9.33 -34.12
N ALA A 368 -7.18 -9.00 -34.46
CA ALA A 368 -7.74 -9.39 -35.74
C ALA A 368 -7.18 -8.60 -36.90
N ASP A 369 -6.48 -7.49 -36.63
CA ASP A 369 -5.89 -6.68 -37.70
C ASP A 369 -4.84 -7.47 -38.47
N LYS A 370 -3.98 -8.19 -37.76
CA LYS A 370 -3.04 -9.09 -38.43
C LYS A 370 -3.59 -10.52 -38.49
N LEU A 371 -4.87 -10.63 -38.89
CA LEU A 371 -5.64 -11.84 -39.14
C LEU A 371 -5.42 -12.98 -38.14
N THR A 372 -5.32 -12.66 -36.85
CA THR A 372 -4.95 -13.68 -35.87
C THR A 372 -6.17 -14.39 -35.32
N ILE A 373 -7.22 -13.65 -34.97
CA ILE A 373 -8.47 -14.24 -34.54
C ILE A 373 -9.55 -13.83 -35.54
N GLY A 374 -10.59 -14.65 -35.64
CA GLY A 374 -11.65 -14.37 -36.58
C GLY A 374 -13.04 -14.64 -36.04
N TRP A 375 -13.94 -13.68 -36.21
CA TRP A 375 -15.31 -13.85 -35.74
C TRP A 375 -16.09 -14.80 -36.65
N HIS A 376 -15.90 -14.67 -37.96
CA HIS A 376 -16.56 -15.59 -38.90
C HIS A 376 -15.95 -16.99 -38.78
N PRO A 377 -16.74 -18.05 -38.91
CA PRO A 377 -16.19 -19.40 -38.87
C PRO A 377 -15.33 -19.76 -40.07
N GLU A 378 -15.42 -19.02 -41.16
CA GLU A 378 -14.68 -19.29 -42.39
C GLU A 378 -13.83 -18.10 -42.80
N PHE A 379 -13.25 -17.41 -41.81
CA PHE A 379 -12.47 -16.21 -42.09
C PHE A 379 -11.08 -16.53 -42.61
N ASP A 380 -10.63 -17.78 -42.54
CA ASP A 380 -9.26 -18.11 -42.92
C ASP A 380 -9.08 -18.07 -44.44
N LYS A 381 -10.01 -18.64 -45.19
CA LYS A 381 -9.90 -18.71 -46.63
C LYS A 381 -10.71 -17.63 -47.34
N LYS A 382 -11.40 -16.76 -46.61
CA LYS A 382 -12.18 -15.70 -47.20
C LYS A 382 -11.51 -14.33 -47.12
N LEU A 383 -10.39 -14.22 -46.41
CA LEU A 383 -9.68 -12.95 -46.29
C LEU A 383 -8.20 -13.12 -46.60
N TRP B 12 -20.63 -5.29 33.21
CA TRP B 12 -19.31 -4.72 33.40
C TRP B 12 -19.10 -4.32 34.86
N LEU B 13 -20.20 -4.10 35.58
CA LEU B 13 -20.12 -3.65 36.96
C LEU B 13 -19.65 -4.76 37.89
N GLY B 14 -20.10 -5.98 37.65
CA GLY B 14 -19.79 -7.07 38.57
C GLY B 14 -18.51 -7.80 38.26
N TYR B 15 -17.44 -7.42 38.95
CA TYR B 15 -16.16 -8.11 38.91
C TYR B 15 -15.38 -7.76 40.17
N LYS B 16 -14.09 -8.08 40.18
CA LYS B 16 -13.24 -7.72 41.30
C LYS B 16 -12.98 -6.23 41.31
N ILE B 17 -12.94 -5.64 42.52
CA ILE B 17 -12.76 -4.20 42.64
C ILE B 17 -11.33 -3.75 42.39
N GLN B 18 -10.37 -4.67 42.39
CA GLN B 18 -8.98 -4.34 42.07
C GLN B 18 -8.67 -4.55 40.60
N GLU B 19 -9.53 -4.00 39.75
CA GLU B 19 -9.33 -4.08 38.30
C GLU B 19 -9.54 -2.71 37.67
N TYR B 20 -10.38 -1.90 38.31
CA TYR B 20 -10.70 -0.59 37.77
C TYR B 20 -9.56 0.41 37.99
N ARG B 21 -8.76 0.21 39.03
CA ARG B 21 -7.62 1.09 39.27
C ARG B 21 -6.48 0.80 38.29
N LEU B 22 -6.40 -0.43 37.77
CA LEU B 22 -5.32 -0.77 36.85
C LEU B 22 -5.53 -0.13 35.48
N THR B 23 -6.75 -0.21 34.95
CA THR B 23 -7.02 0.32 33.62
C THR B 23 -7.12 1.84 33.62
N GLN B 24 -7.38 2.45 34.77
CA GLN B 24 -7.46 3.91 34.83
C GLN B 24 -6.08 4.55 34.71
N ARG B 25 -5.08 3.94 35.34
CA ARG B 25 -3.73 4.50 35.28
C ARG B 25 -3.10 4.29 33.91
N LEU B 26 -3.37 3.14 33.29
CA LEU B 26 -2.88 2.89 31.94
C LEU B 26 -3.60 3.77 30.91
N LEU B 27 -4.82 4.20 31.22
CA LEU B 27 -5.54 5.12 30.33
C LEU B 27 -4.87 6.48 30.29
N GLU B 28 -4.41 6.98 31.44
CA GLU B 28 -3.74 8.28 31.51
C GLU B 28 -2.23 8.02 31.47
N ALA B 29 -1.75 7.74 30.26
CA ALA B 29 -0.34 7.49 30.04
C ALA B 29 0.00 7.83 28.59
N ASN B 30 1.28 7.76 28.28
CA ASN B 30 1.76 7.97 26.92
C ASN B 30 1.96 6.64 26.21
N ASN B 31 2.16 6.71 24.89
CA ASN B 31 2.53 5.51 24.15
C ASN B 31 3.96 5.07 24.47
N SER B 32 4.84 6.04 24.73
CA SER B 32 6.11 5.76 25.39
C SER B 32 5.88 5.71 26.90
N SER B 33 6.93 5.30 27.63
CA SER B 33 6.89 5.03 29.07
C SER B 33 5.77 4.03 29.39
N CYS B 34 5.69 2.98 28.59
CA CYS B 34 4.51 2.12 28.50
C CYS B 34 4.64 0.85 29.32
N ILE B 35 5.27 0.91 30.48
CA ILE B 35 5.41 -0.23 31.36
C ILE B 35 4.68 0.05 32.67
N GLY B 36 3.76 -0.85 33.04
CA GLY B 36 3.05 -0.75 34.29
C GLY B 36 3.35 -1.95 35.17
N PHE B 37 3.41 -1.72 36.48
CA PHE B 37 3.75 -2.77 37.44
C PHE B 37 2.74 -2.77 38.58
N GLU B 38 2.07 -3.90 38.79
CA GLU B 38 1.13 -3.98 39.94
C GLU B 38 1.24 -5.15 40.93
N ILE B 39 1.78 -4.90 42.13
CA ILE B 39 2.00 -6.06 43.05
C ILE B 39 2.04 -6.84 44.36
N LEU B 40 1.09 -6.67 45.24
CA LEU B 40 0.75 -7.55 46.39
C LEU B 40 -0.68 -7.18 46.76
N ASP B 41 -1.48 -8.18 47.16
CA ASP B 41 -2.91 -7.94 47.52
C ASP B 41 -3.32 -7.54 48.95
N ASN B 64 -3.22 -2.90 61.94
CA ASN B 64 -2.40 -2.35 60.88
C ASN B 64 -1.41 -3.38 60.35
N ILE B 65 -1.55 -3.71 59.07
CA ILE B 65 -0.67 -4.68 58.43
C ILE B 65 0.27 -3.96 57.47
N VAL B 66 1.45 -3.60 57.96
CA VAL B 66 2.47 -2.96 57.11
C VAL B 66 3.74 -3.79 57.16
N SER B 67 3.91 -4.55 58.25
CA SER B 67 5.03 -5.48 58.37
C SER B 67 4.55 -6.65 59.24
N ASN B 68 4.08 -7.70 58.60
CA ASN B 68 3.52 -8.85 59.30
C ASN B 68 4.57 -9.96 59.37
N HIS B 69 4.17 -11.13 59.88
CA HIS B 69 5.07 -12.27 60.01
C HIS B 69 5.38 -12.93 58.67
N SER B 70 4.44 -12.94 57.73
CA SER B 70 4.63 -13.58 56.44
C SER B 70 5.18 -12.63 55.38
N LYS B 71 5.44 -11.37 55.76
CA LYS B 71 6.11 -10.31 54.97
C LYS B 71 5.48 -10.08 53.59
N ASP B 72 4.19 -10.42 53.41
CA ASP B 72 3.55 -10.24 52.11
C ASP B 72 3.04 -8.82 51.87
N LEU B 73 3.86 -7.84 52.22
CA LEU B 73 3.91 -6.52 51.60
C LEU B 73 5.33 -6.06 51.35
N TRP B 74 6.31 -6.65 52.02
CA TRP B 74 7.72 -6.28 51.90
C TRP B 74 8.53 -7.31 51.13
N LYS B 75 7.88 -8.34 50.57
CA LYS B 75 8.57 -9.22 49.62
C LYS B 75 8.99 -8.48 48.36
N THR B 76 8.18 -7.53 47.89
CA THR B 76 8.35 -6.93 46.58
C THR B 76 9.44 -5.86 46.54
N LEU B 77 9.57 -5.07 47.61
CA LEU B 77 9.97 -3.67 47.56
C LEU B 77 11.32 -3.42 46.89
N SER B 78 12.22 -4.40 46.92
CA SER B 78 13.45 -4.30 46.16
C SER B 78 13.78 -5.55 45.36
N ASN B 79 13.23 -6.72 45.71
CA ASN B 79 13.50 -7.93 44.97
C ASN B 79 12.88 -7.91 43.58
N TRP B 80 11.70 -7.30 43.43
CA TRP B 80 11.03 -7.32 42.13
C TRP B 80 11.64 -6.33 41.14
N MET B 81 12.19 -5.21 41.62
CA MET B 81 12.90 -4.27 40.78
C MET B 81 14.41 -4.34 40.95
N ASP B 82 14.92 -5.43 41.52
CA ASP B 82 16.33 -5.76 41.35
C ASP B 82 16.65 -6.25 39.95
N LEU B 83 15.62 -6.60 39.17
CA LEU B 83 15.80 -6.88 37.74
C LEU B 83 16.18 -5.65 36.95
N ILE B 84 15.91 -4.45 37.48
CA ILE B 84 16.43 -3.21 36.88
C ILE B 84 17.95 -3.20 36.90
N ASP B 85 18.54 -3.57 38.04
CA ASP B 85 19.99 -3.66 38.12
C ASP B 85 20.52 -4.91 37.44
N SER B 86 19.70 -5.97 37.36
CA SER B 86 20.16 -7.23 36.78
C SER B 86 20.30 -7.16 35.27
N GLY B 87 19.65 -6.20 34.61
CA GLY B 87 19.84 -6.03 33.18
C GLY B 87 18.58 -6.16 32.34
N GLU B 88 17.42 -5.85 32.92
CA GLU B 88 16.19 -5.82 32.14
C GLU B 88 16.08 -4.47 31.41
N ILE B 89 15.05 -4.35 30.58
CA ILE B 89 14.86 -3.16 29.78
C ILE B 89 13.83 -2.25 30.46
N ASP B 90 13.80 -0.98 30.02
CA ASP B 90 12.89 0.07 30.50
C ASP B 90 13.05 0.29 32.00
N VAL B 91 14.25 0.72 32.40
CA VAL B 91 14.62 0.89 33.80
C VAL B 91 14.41 2.33 34.28
N ASP B 92 13.97 3.23 33.39
CA ASP B 92 13.81 4.63 33.74
C ASP B 92 12.37 5.11 33.67
N ASN B 93 11.46 4.33 33.08
CA ASN B 93 10.08 4.78 32.85
C ASN B 93 9.06 3.75 33.31
N THR B 94 9.36 2.98 34.35
CA THR B 94 8.41 2.01 34.88
C THR B 94 7.69 2.60 36.08
N ILE B 95 6.37 2.52 36.07
CA ILE B 95 5.53 3.06 37.14
C ILE B 95 4.90 1.89 37.90
N PHE B 96 5.02 1.91 39.22
CA PHE B 96 4.62 0.82 40.08
C PHE B 96 3.30 1.12 40.78
N LEU B 97 2.63 0.06 41.22
CA LEU B 97 1.41 0.16 42.00
C LEU B 97 1.53 -0.78 43.19
N LEU B 98 1.22 -0.29 44.39
CA LEU B 98 1.40 -1.09 45.60
C LEU B 98 0.07 -1.43 46.27
N PHE B 99 -0.73 -0.45 46.66
CA PHE B 99 -1.94 -0.75 47.40
C PHE B 99 -3.04 -1.28 46.48
N THR B 100 -3.89 -2.13 47.05
CA THR B 100 -4.96 -2.79 46.31
C THR B 100 -6.35 -2.35 46.75
N ASN B 101 -6.70 -2.58 48.02
CA ASN B 101 -8.04 -2.22 48.50
C ASN B 101 -8.07 -1.56 49.86
N LYS B 102 -7.06 -1.72 50.71
CA LYS B 102 -7.10 -1.26 52.09
C LYS B 102 -6.15 -0.09 52.28
N ARG B 103 -6.56 0.83 53.15
CA ARG B 103 -5.75 2.00 53.50
C ARG B 103 -5.03 1.73 54.82
N CYS B 104 -3.70 1.75 54.78
CA CYS B 104 -2.88 1.51 55.95
C CYS B 104 -1.92 2.67 56.14
N HIS B 105 -1.65 3.01 57.40
CA HIS B 105 -0.77 4.11 57.75
C HIS B 105 0.50 3.59 58.40
N SER B 106 1.64 4.15 57.96
CA SER B 106 2.94 3.78 58.51
C SER B 106 3.86 4.99 58.39
N GLU B 107 5.14 4.76 58.65
CA GLU B 107 6.16 5.80 58.56
C GLU B 107 7.16 5.54 57.45
N VAL B 108 7.58 4.28 57.27
CA VAL B 108 8.57 3.94 56.26
C VAL B 108 7.99 4.10 54.86
N LEU B 109 6.75 3.64 54.66
CA LEU B 109 6.13 3.71 53.34
C LEU B 109 5.83 5.15 52.94
N GLN B 110 5.33 5.95 53.88
CA GLN B 110 5.08 7.36 53.59
C GLN B 110 6.37 8.17 53.50
N LEU B 111 7.46 7.71 54.10
CA LEU B 111 8.74 8.39 53.93
C LEU B 111 9.36 8.06 52.56
N LEU B 112 9.23 6.81 52.10
CA LEU B 112 9.77 6.47 50.79
C LEU B 112 8.88 7.02 49.67
N SER B 113 7.58 7.16 49.91
CA SER B 113 6.66 7.65 48.88
C SER B 113 6.45 9.16 49.01
N THR B 114 7.56 9.89 48.96
CA THR B 114 7.53 11.34 48.94
C THR B 114 7.50 11.83 47.48
N SER B 115 7.75 13.12 47.28
CA SER B 115 7.80 13.68 45.94
C SER B 115 8.99 13.15 45.17
N GLN B 116 8.85 13.11 43.84
CA GLN B 116 9.81 12.47 42.95
C GLN B 116 10.78 13.46 42.33
N ALA B 117 11.20 14.47 43.08
CA ALA B 117 12.14 15.46 42.60
C ALA B 117 13.56 14.89 42.59
N THR B 118 14.53 15.72 42.18
CA THR B 118 15.91 15.28 42.10
C THR B 118 16.53 15.12 43.48
N GLU B 119 16.51 16.19 44.28
CA GLU B 119 17.05 16.13 45.63
C GLU B 119 16.15 15.38 46.59
N GLU B 120 14.83 15.36 46.32
CA GLU B 120 13.89 14.73 47.23
C GLU B 120 13.99 13.21 47.18
N ALA B 121 14.21 12.64 46.00
CA ALA B 121 14.34 11.19 45.88
C ALA B 121 15.67 10.69 46.39
N SER B 122 16.71 11.53 46.35
CA SER B 122 18.05 11.09 46.74
C SER B 122 18.21 10.97 48.24
N LYS B 123 17.47 11.75 49.02
CA LYS B 123 17.58 11.74 50.47
C LYS B 123 16.68 10.71 51.13
N ALA B 124 15.94 9.93 50.35
CA ALA B 124 14.98 8.99 50.92
C ALA B 124 15.66 7.79 51.57
N PHE B 125 16.63 7.20 50.88
CA PHE B 125 17.19 5.90 51.31
C PHE B 125 18.06 6.03 52.55
N ASP B 126 18.77 7.15 52.70
CA ASP B 126 19.52 7.37 53.94
C ASP B 126 18.59 7.62 55.12
N GLU B 127 17.42 8.22 54.86
CA GLU B 127 16.42 8.38 55.91
C GLU B 127 15.62 7.10 56.16
N ILE B 128 15.66 6.14 55.24
CA ILE B 128 14.95 4.87 55.43
C ILE B 128 15.59 4.08 56.57
N LEU B 129 16.91 3.94 56.53
CA LEU B 129 17.66 3.02 57.39
C LEU B 129 17.68 3.44 58.86
N LYS B 130 17.26 4.66 59.18
CA LYS B 130 17.19 5.12 60.56
C LYS B 130 15.91 4.74 61.26
N ILE B 131 14.82 4.54 60.51
CA ILE B 131 13.49 4.41 61.08
C ILE B 131 12.83 3.13 60.55
N VAL B 132 13.66 2.12 60.26
CA VAL B 132 13.18 0.86 59.68
C VAL B 132 12.23 0.14 60.63
N SER B 133 12.54 0.13 61.93
CA SER B 133 11.80 -0.55 63.01
C SER B 133 11.64 -2.05 62.79
N HIS B 134 12.47 -2.64 61.92
CA HIS B 134 12.52 -4.07 61.64
C HIS B 134 13.85 -4.41 60.97
N PRO B 135 14.97 -4.39 61.71
CA PRO B 135 16.27 -4.63 61.06
C PRO B 135 16.66 -6.10 61.03
N SER B 136 15.70 -6.99 61.29
CA SER B 136 15.98 -8.41 61.35
C SER B 136 16.27 -8.97 59.96
N PRO B 137 17.20 -9.94 59.86
CA PRO B 137 17.49 -10.55 58.56
C PRO B 137 16.43 -11.53 58.08
N SER B 138 15.38 -11.79 58.87
CA SER B 138 14.30 -12.65 58.42
C SER B 138 13.53 -12.01 57.26
N ILE B 139 13.31 -10.69 57.33
CA ILE B 139 12.68 -9.99 56.22
C ILE B 139 13.70 -9.51 55.19
N ALA B 140 14.97 -9.39 55.57
CA ALA B 140 16.04 -9.09 54.64
C ALA B 140 16.79 -10.37 54.28
N ASN B 141 16.10 -11.23 53.53
CA ASN B 141 16.64 -12.54 53.20
C ASN B 141 17.79 -12.43 52.20
N TYR B 142 17.60 -11.65 51.14
CA TYR B 142 18.65 -11.49 50.13
C TYR B 142 19.78 -10.60 50.64
N LEU B 143 19.44 -9.46 51.26
CA LEU B 143 20.32 -8.58 52.03
C LEU B 143 21.37 -7.84 51.18
N ASN B 144 21.45 -8.14 49.89
CA ASN B 144 22.44 -7.53 49.01
C ASN B 144 21.93 -6.27 48.33
N ASN B 145 20.64 -5.95 48.48
CA ASN B 145 20.08 -4.80 47.78
C ASN B 145 20.46 -3.47 48.44
N PHE B 146 20.54 -3.47 49.76
CA PHE B 146 20.78 -2.18 50.45
C PHE B 146 22.10 -1.60 49.93
N SER B 147 23.17 -2.35 50.11
CA SER B 147 24.49 -1.93 49.57
C SER B 147 24.31 -1.49 48.12
N LYS B 148 23.73 -2.38 47.30
CA LYS B 148 23.56 -2.08 45.85
C LYS B 148 22.78 -0.77 45.71
N SER B 149 21.55 -0.72 46.24
CA SER B 149 20.70 0.48 46.06
C SER B 149 21.18 1.78 46.72
N LYS B 150 22.26 1.72 47.51
CA LYS B 150 22.78 2.93 48.22
C LYS B 150 23.57 3.58 47.09
N THR B 151 22.99 4.58 46.41
CA THR B 151 23.71 5.30 45.33
C THR B 151 22.50 6.23 45.25
N ASP B 152 22.58 7.32 44.47
CA ASP B 152 21.42 8.24 44.29
C ASP B 152 20.06 8.21 43.57
N ALA B 153 19.01 8.73 44.23
CA ALA B 153 17.66 8.80 43.62
C ALA B 153 17.09 7.47 43.09
N CYS B 154 16.81 7.38 41.79
CA CYS B 154 16.47 6.07 41.17
C CYS B 154 17.37 4.98 41.73
N ARG B 155 18.68 5.12 41.54
CA ARG B 155 19.64 4.06 41.96
C ARG B 155 19.32 3.59 43.38
N LEU B 156 19.13 4.52 44.32
CA LEU B 156 18.72 4.03 45.67
C LEU B 156 17.20 4.00 45.79
N ILE B 157 16.50 5.01 45.27
CA ILE B 157 15.05 5.00 45.52
C ILE B 157 14.33 5.32 44.22
N SER B 158 13.51 4.40 43.75
CA SER B 158 12.74 4.57 42.53
C SER B 158 11.42 5.28 42.85
N LYS B 159 10.47 5.26 41.92
CA LYS B 159 9.25 6.04 41.99
C LYS B 159 8.05 5.25 42.52
N PHE B 160 8.27 4.42 43.55
CA PHE B 160 7.21 3.63 44.18
C PHE B 160 6.10 4.53 44.71
N THR B 161 4.92 4.43 44.08
CA THR B 161 3.75 5.18 44.49
C THR B 161 2.55 4.24 44.53
N TYR B 162 1.73 4.37 45.57
CA TYR B 162 0.57 3.53 45.77
C TYR B 162 -0.72 4.32 45.58
N ILE B 163 -1.74 3.64 45.05
CA ILE B 163 -3.10 4.16 45.00
C ILE B 163 -4.04 3.05 45.44
N TYR B 164 -4.87 3.33 46.44
CA TYR B 164 -5.76 2.32 47.00
C TYR B 164 -7.11 2.38 46.32
N GLY B 165 -7.81 1.24 46.33
CA GLY B 165 -9.11 1.14 45.69
C GLY B 165 -10.22 1.61 46.60
N SER B 166 -11.08 2.47 46.05
CA SER B 166 -12.24 2.98 46.76
C SER B 166 -13.51 2.34 46.21
N GLY B 167 -14.65 2.75 46.78
CA GLY B 167 -15.93 2.21 46.35
C GLY B 167 -16.46 2.77 45.05
N SER B 168 -15.92 3.88 44.58
CA SER B 168 -16.36 4.51 43.34
C SER B 168 -15.38 4.30 42.20
N ALA B 169 -14.67 3.18 42.19
CA ALA B 169 -13.69 2.88 41.15
C ALA B 169 -14.33 2.52 39.79
N PRO B 170 -15.51 1.89 39.72
CA PRO B 170 -16.25 1.94 38.45
C PRO B 170 -16.63 3.35 38.01
N HIS B 171 -16.95 4.23 38.96
CA HIS B 171 -17.31 5.60 38.61
C HIS B 171 -16.09 6.40 38.18
N ASP B 172 -14.92 6.10 38.77
CA ASP B 172 -13.71 6.82 38.42
C ASP B 172 -13.19 6.43 37.04
N LEU B 173 -13.37 5.16 36.66
CA LEU B 173 -12.99 4.73 35.31
C LEU B 173 -13.92 5.35 34.27
N ARG B 174 -15.22 5.42 34.57
CA ARG B 174 -16.19 5.93 33.61
C ARG B 174 -16.03 7.43 33.40
N GLU B 175 -15.66 8.17 34.44
CA GLU B 175 -15.46 9.60 34.30
C GLU B 175 -14.15 9.93 33.59
N SER B 176 -13.08 9.17 33.87
CA SER B 176 -11.78 9.48 33.29
C SER B 176 -11.70 9.10 31.82
N TYR B 177 -12.44 8.05 31.41
CA TYR B 177 -12.47 7.68 30.00
C TYR B 177 -13.19 8.73 29.17
N LYS B 178 -14.20 9.39 29.75
CA LYS B 178 -14.85 10.51 29.07
C LYS B 178 -13.90 11.69 28.94
N LEU B 179 -13.09 11.95 29.97
CA LEU B 179 -12.27 13.15 30.00
C LEU B 179 -10.98 13.01 29.22
N HIS B 180 -10.34 11.85 29.27
CA HIS B 180 -8.98 11.70 28.74
C HIS B 180 -8.90 11.07 27.37
N ARG B 181 -9.82 10.18 27.01
CA ARG B 181 -9.77 9.52 25.72
C ARG B 181 -10.34 10.44 24.64
N LEU B 182 -9.50 10.82 23.68
CA LEU B 182 -9.94 11.64 22.58
C LEU B 182 -10.78 10.81 21.62
N GLY B 183 -12.10 10.83 21.80
CA GLY B 183 -12.97 10.00 20.97
C GLY B 183 -13.72 8.96 21.74
N ALA B 184 -14.09 9.28 22.99
CA ALA B 184 -14.86 8.36 23.81
C ALA B 184 -16.25 8.16 23.23
N LEU B 185 -16.66 6.90 23.09
CA LEU B 185 -17.92 6.56 22.45
C LEU B 185 -19.01 6.50 23.51
N GLU B 186 -19.74 7.59 23.67
CA GLU B 186 -20.90 7.65 24.55
C GLU B 186 -22.18 7.20 23.87
N GLU B 187 -22.14 6.91 22.57
CA GLU B 187 -23.33 6.52 21.84
C GLU B 187 -23.77 5.11 22.21
N HIS B 188 -22.81 4.19 22.35
CA HIS B 188 -23.13 2.79 22.61
C HIS B 188 -23.60 2.54 24.03
N LEU B 189 -23.36 3.49 24.95
CA LEU B 189 -23.74 3.52 26.37
C LEU B 189 -23.04 2.48 27.24
N ASP B 190 -22.20 1.61 26.66
CA ASP B 190 -21.31 0.77 27.45
C ASP B 190 -19.95 1.43 27.65
N GLU B 191 -19.67 2.51 26.91
CA GLU B 191 -18.51 3.40 27.10
C GLU B 191 -17.18 2.66 26.93
N ILE B 192 -17.20 1.60 26.10
CA ILE B 192 -16.05 0.80 25.67
C ILE B 192 -15.21 0.33 26.85
N MET B 193 -15.86 -0.30 27.83
CA MET B 193 -15.15 -0.80 29.00
C MET B 193 -15.57 -2.21 29.42
N TYR B 194 -16.57 -2.80 28.78
CA TYR B 194 -16.92 -4.18 29.10
C TYR B 194 -15.90 -5.16 28.55
N GLU B 195 -15.43 -4.94 27.32
CA GLU B 195 -14.50 -5.86 26.69
C GLU B 195 -13.05 -5.59 27.06
N ILE B 196 -12.71 -4.35 27.42
CA ILE B 196 -11.36 -4.10 27.92
C ILE B 196 -11.22 -4.60 29.35
N LEU B 197 -12.34 -4.78 30.06
CA LEU B 197 -12.28 -5.45 31.36
C LEU B 197 -12.00 -6.93 31.19
N GLY B 198 -12.42 -7.52 30.07
CA GLY B 198 -12.06 -8.90 29.79
C GLY B 198 -10.59 -9.09 29.50
N TRP B 199 -9.98 -8.16 28.75
CA TRP B 199 -8.58 -8.29 28.39
C TRP B 199 -7.67 -7.99 29.57
N VAL B 200 -8.01 -6.96 30.37
CA VAL B 200 -7.19 -6.60 31.52
C VAL B 200 -7.35 -7.55 32.69
N SER B 201 -8.34 -8.44 32.65
CA SER B 201 -8.44 -9.49 33.64
C SER B 201 -7.45 -10.62 33.39
N ASP B 202 -7.07 -10.84 32.12
CA ASP B 202 -6.19 -11.95 31.79
C ASP B 202 -4.74 -11.71 32.19
N VAL B 203 -4.28 -10.47 32.14
CA VAL B 203 -2.89 -10.19 32.50
C VAL B 203 -2.66 -10.34 33.99
N LEU B 204 -3.67 -10.05 34.81
CA LEU B 204 -3.53 -10.24 36.25
C LEU B 204 -3.66 -11.71 36.65
N THR B 205 -4.48 -12.48 35.94
CA THR B 205 -4.78 -13.86 36.32
C THR B 205 -3.99 -14.88 35.52
N LEU B 206 -4.15 -14.87 34.20
CA LEU B 206 -3.54 -15.89 33.34
C LEU B 206 -2.13 -15.53 32.89
N ALA B 207 -1.66 -14.30 33.16
CA ALA B 207 -0.30 -13.90 32.82
C ALA B 207 0.48 -13.45 34.05
N ALA B 208 0.05 -13.86 35.24
CA ALA B 208 0.80 -13.53 36.45
C ALA B 208 2.09 -14.33 36.54
N GLU B 209 2.09 -15.54 35.97
CA GLU B 209 3.24 -16.47 35.95
C GLU B 209 3.77 -16.77 37.36
N LYS B 210 2.83 -16.99 38.29
CA LYS B 210 3.08 -17.29 39.71
C LYS B 210 3.86 -16.12 40.33
N ARG B 211 5.07 -16.33 40.84
CA ARG B 211 5.84 -15.26 41.46
C ARG B 211 6.66 -14.52 40.40
N GLN B 212 5.94 -13.75 39.59
CA GLN B 212 6.52 -12.94 38.53
C GLN B 212 5.82 -11.59 38.51
N PRO B 213 6.50 -10.55 38.02
CA PRO B 213 5.84 -9.25 37.89
C PRO B 213 4.72 -9.26 36.86
N THR B 214 3.74 -8.36 37.06
CA THR B 214 2.67 -8.21 36.09
C THR B 214 3.20 -7.69 34.75
N ILE B 215 4.15 -6.74 34.81
CA ILE B 215 4.98 -6.19 33.72
C ILE B 215 4.17 -5.84 32.47
N VAL B 216 2.97 -5.29 32.68
CA VAL B 216 2.00 -5.08 31.61
C VAL B 216 2.46 -3.93 30.70
N ARG B 217 2.50 -4.21 29.41
CA ARG B 217 2.91 -3.22 28.43
C ARG B 217 1.71 -2.38 28.00
N ALA B 218 1.86 -1.07 28.05
CA ALA B 218 0.77 -0.17 27.65
C ALA B 218 0.77 0.09 26.15
N LYS B 219 1.74 -0.43 25.41
CA LYS B 219 1.73 -0.30 23.95
C LYS B 219 0.60 -1.10 23.33
N ASP B 220 0.48 -2.37 23.72
CA ASP B 220 -0.62 -3.19 23.22
C ASP B 220 -1.89 -3.04 24.05
N PHE B 221 -1.83 -2.32 25.17
CA PHE B 221 -3.06 -1.94 25.87
C PHE B 221 -3.90 -0.99 25.01
N GLY B 222 -3.25 0.00 24.39
CA GLY B 222 -3.96 0.87 23.48
C GLY B 222 -4.28 0.19 22.16
N ALA B 223 -3.46 -0.77 21.75
CA ALA B 223 -3.74 -1.53 20.54
C ALA B 223 -4.96 -2.43 20.73
N ARG B 224 -5.09 -3.04 21.92
CA ARG B 224 -6.31 -3.77 22.24
C ARG B 224 -7.49 -2.84 22.41
N LEU B 225 -7.25 -1.61 22.87
CA LEU B 225 -8.30 -0.59 22.89
C LEU B 225 -8.69 -0.18 21.47
N GLY B 226 -7.77 -0.30 20.51
CA GLY B 226 -8.08 0.07 19.14
C GLY B 226 -9.09 -0.86 18.48
N GLU B 227 -9.04 -2.16 18.78
CA GLU B 227 -9.95 -3.10 18.17
C GLU B 227 -11.36 -2.97 18.73
N ILE B 228 -11.48 -2.78 20.05
CA ILE B 228 -12.80 -2.66 20.67
C ILE B 228 -13.47 -1.35 20.30
N GLU B 229 -12.68 -0.27 20.20
CA GLU B 229 -13.22 1.02 19.79
C GLU B 229 -13.69 0.99 18.34
N SER B 230 -12.90 0.38 17.46
CA SER B 230 -13.28 0.29 16.04
C SER B 230 -14.41 -0.70 15.80
N LYS B 231 -14.67 -1.61 16.75
CA LYS B 231 -15.75 -2.57 16.59
C LYS B 231 -17.12 -1.92 16.72
N TYR B 232 -17.25 -0.91 17.58
CA TYR B 232 -18.54 -0.31 17.87
C TYR B 232 -18.71 1.11 17.36
N ARG B 233 -17.62 1.81 17.04
CA ARG B 233 -17.74 3.16 16.49
C ARG B 233 -18.28 3.12 15.06
N GLN B 234 -17.87 2.13 14.28
CA GLN B 234 -18.24 2.07 12.87
C GLN B 234 -19.70 1.68 12.70
N LYS B 235 -20.57 2.69 12.57
CA LYS B 235 -21.96 2.44 12.25
C LYS B 235 -22.17 2.32 10.74
N THR B 236 -21.72 3.31 9.99
CA THR B 236 -21.74 3.29 8.53
C THR B 236 -20.32 3.24 8.01
N ILE B 237 -20.13 2.51 6.90
CA ILE B 237 -18.78 2.32 6.38
C ILE B 237 -18.61 2.97 5.01
N LEU B 238 -19.35 2.52 4.00
CA LEU B 238 -19.24 3.14 2.69
C LEU B 238 -20.58 3.46 2.06
N ASN B 239 -21.58 2.60 2.21
CA ASN B 239 -22.84 2.72 1.51
C ASN B 239 -23.91 3.34 2.41
N TYR B 240 -24.87 4.01 1.76
CA TYR B 240 -25.97 4.62 2.48
C TYR B 240 -26.94 3.54 2.96
N PHE B 241 -27.50 3.74 4.15
CA PHE B 241 -28.37 2.73 4.77
C PHE B 241 -29.69 2.66 4.03
N CYS B 242 -29.90 1.56 3.31
CA CYS B 242 -31.13 1.36 2.53
C CYS B 242 -32.22 0.83 3.45
N ASN B 243 -33.26 1.62 3.67
CA ASN B 243 -34.38 1.22 4.51
C ASN B 243 -35.69 1.10 3.74
N ARG B 244 -35.75 1.58 2.52
CA ARG B 244 -36.97 1.55 1.72
C ARG B 244 -37.16 0.14 1.19
N SER B 245 -38.05 -0.63 1.83
CA SER B 245 -38.33 -1.99 1.36
C SER B 245 -39.79 -2.32 1.68
N SER B 246 -40.67 -2.06 0.70
CA SER B 246 -42.08 -2.47 0.68
C SER B 246 -42.89 -1.93 1.86
N GLU B 247 -42.46 -0.82 2.46
CA GLU B 247 -43.16 -0.23 3.60
C GLU B 247 -44.16 0.85 3.19
N SER B 248 -44.28 1.11 1.88
CA SER B 248 -45.38 1.86 1.26
C SER B 248 -45.40 3.34 1.66
N GLU B 249 -44.23 3.98 1.64
CA GLU B 249 -44.17 5.43 1.42
C GLU B 249 -42.86 5.69 0.68
N ASP B 250 -42.92 6.62 -0.28
CA ASP B 250 -41.87 6.99 -1.24
C ASP B 250 -41.48 5.84 -2.17
N VAL B 251 -42.20 4.72 -2.14
CA VAL B 251 -41.98 3.60 -3.05
C VAL B 251 -43.32 3.26 -3.70
N GLN B 252 -44.33 3.01 -2.87
CA GLN B 252 -45.68 2.84 -3.37
C GLN B 252 -46.24 4.15 -3.93
N ASN B 253 -45.80 5.28 -3.37
CA ASN B 253 -46.15 6.57 -3.93
C ASN B 253 -45.53 6.78 -5.30
N THR B 254 -44.36 6.19 -5.55
CA THR B 254 -43.69 6.32 -6.84
C THR B 254 -44.35 5.48 -7.92
N ILE B 255 -44.99 4.37 -7.55
CA ILE B 255 -45.61 3.48 -8.54
C ILE B 255 -46.85 4.13 -9.15
N LYS B 256 -47.64 4.81 -8.34
CA LYS B 256 -48.96 5.29 -8.78
C LYS B 256 -48.86 6.42 -9.79
N ASP B 257 -47.89 7.33 -9.63
CA ASP B 257 -47.77 8.44 -10.56
C ASP B 257 -47.10 8.04 -11.88
N ALA B 258 -46.55 6.82 -11.97
CA ALA B 258 -46.07 6.15 -13.18
C ALA B 258 -44.99 6.92 -13.93
N PRO B 259 -43.74 6.95 -13.42
CA PRO B 259 -42.64 7.58 -14.19
C PRO B 259 -42.21 6.74 -15.37
N ASN B 260 -41.11 7.16 -16.04
CA ASN B 260 -40.73 6.54 -17.31
C ASN B 260 -40.23 5.11 -17.13
N TYR B 261 -39.40 4.86 -16.10
CA TYR B 261 -38.82 3.52 -15.94
C TYR B 261 -39.86 2.52 -15.45
N ILE B 262 -40.84 2.98 -14.66
CA ILE B 262 -41.97 2.12 -14.30
C ILE B 262 -42.82 1.82 -15.53
N LYS B 263 -42.93 2.80 -16.44
CA LYS B 263 -43.74 2.63 -17.63
C LYS B 263 -43.11 1.64 -18.61
N GLN B 264 -41.78 1.49 -18.60
CA GLN B 264 -41.13 0.53 -19.49
C GLN B 264 -41.41 -0.90 -19.07
N LEU B 265 -41.58 -1.15 -17.77
CA LEU B 265 -41.88 -2.49 -17.29
C LEU B 265 -43.34 -2.89 -17.50
N ASN B 266 -44.19 -1.95 -17.86
CA ASN B 266 -45.61 -2.27 -18.04
C ASN B 266 -45.88 -3.00 -19.34
N LEU B 267 -45.10 -2.74 -20.40
CA LEU B 267 -45.31 -3.45 -21.66
C LEU B 267 -44.81 -4.88 -21.58
N ILE B 268 -43.75 -5.14 -20.80
CA ILE B 268 -43.18 -6.48 -20.74
C ILE B 268 -43.92 -7.38 -19.76
N ASN B 269 -44.94 -6.86 -19.06
CA ASN B 269 -45.86 -7.60 -18.19
C ASN B 269 -45.13 -8.32 -17.05
N VAL B 270 -44.53 -7.52 -16.18
CA VAL B 270 -43.92 -8.05 -14.97
C VAL B 270 -44.99 -8.14 -13.89
N ASP B 271 -44.70 -8.94 -12.86
CA ASP B 271 -45.63 -9.10 -11.75
C ASP B 271 -45.64 -7.85 -10.87
N ASP B 272 -46.66 -7.76 -10.01
CA ASP B 272 -46.82 -6.61 -9.12
C ASP B 272 -45.72 -6.53 -8.08
N SER B 273 -45.09 -7.66 -7.73
CA SER B 273 -43.95 -7.61 -6.83
C SER B 273 -42.72 -7.03 -7.49
N GLU B 274 -42.58 -7.21 -8.81
CA GLU B 274 -41.38 -6.79 -9.53
C GLU B 274 -41.25 -5.28 -9.62
N LEU B 275 -42.38 -4.56 -9.68
CA LEU B 275 -42.33 -3.10 -9.75
C LEU B 275 -41.87 -2.47 -8.45
N GLU B 276 -41.89 -3.20 -7.33
CA GLU B 276 -41.54 -2.61 -6.04
C GLU B 276 -40.04 -2.34 -5.94
N GLU B 277 -39.19 -3.32 -6.31
CA GLU B 277 -37.76 -3.11 -6.18
C GLU B 277 -37.22 -2.21 -7.28
N ALA B 278 -37.93 -2.07 -8.40
CA ALA B 278 -37.55 -1.08 -9.40
C ALA B 278 -37.73 0.33 -8.86
N ALA B 279 -38.84 0.58 -8.15
CA ALA B 279 -39.03 1.87 -7.49
C ALA B 279 -38.15 2.01 -6.26
N ILE B 280 -37.81 0.88 -5.62
CA ILE B 280 -36.92 0.93 -4.46
C ILE B 280 -35.50 1.30 -4.92
N ALA B 281 -34.99 0.64 -5.95
CA ALA B 281 -33.60 0.81 -6.34
C ALA B 281 -33.32 2.16 -6.99
N ASN B 282 -34.34 2.80 -7.56
CA ASN B 282 -34.16 4.14 -8.09
C ASN B 282 -34.02 5.17 -6.98
N LEU B 283 -34.71 4.95 -5.85
CA LEU B 283 -34.73 5.92 -4.77
C LEU B 283 -33.40 5.99 -4.03
N GLU B 284 -32.83 4.83 -3.66
CA GLU B 284 -31.54 4.86 -2.98
C GLU B 284 -30.39 5.21 -3.91
N THR B 285 -30.54 4.95 -5.21
CA THR B 285 -29.56 5.46 -6.17
C THR B 285 -29.61 6.97 -6.26
N LYS B 286 -30.81 7.54 -6.20
CA LYS B 286 -30.98 8.99 -6.29
C LYS B 286 -30.40 9.69 -5.07
N ASP B 287 -30.47 9.07 -3.89
CA ASP B 287 -29.86 9.65 -2.70
C ASP B 287 -28.34 9.55 -2.75
N ALA B 288 -27.82 8.43 -3.25
CA ALA B 288 -26.40 8.15 -3.17
C ALA B 288 -25.56 8.97 -4.14
N VAL B 289 -26.11 9.38 -5.27
CA VAL B 289 -25.33 10.14 -6.25
C VAL B 289 -25.04 11.55 -5.73
N VAL B 290 -26.03 12.19 -5.11
CA VAL B 290 -25.83 13.55 -4.60
C VAL B 290 -25.15 13.57 -3.24
N GLU B 291 -25.26 12.50 -2.45
CA GLU B 291 -24.61 12.47 -1.15
C GLU B 291 -23.12 12.23 -1.27
N TRP B 292 -22.68 11.47 -2.28
CA TRP B 292 -21.28 11.11 -2.40
C TRP B 292 -20.40 12.27 -2.87
N THR B 293 -20.96 13.18 -3.66
CA THR B 293 -20.19 14.30 -4.18
C THR B 293 -20.07 15.46 -3.20
N LEU B 294 -20.91 15.50 -2.15
CA LEU B 294 -20.76 16.55 -1.15
C LEU B 294 -19.55 16.30 -0.26
N ASN B 295 -19.26 15.03 0.04
CA ASN B 295 -18.14 14.66 0.89
C ASN B 295 -16.86 14.41 0.11
N GLY B 296 -16.87 14.66 -1.20
CA GLY B 296 -15.69 14.47 -2.03
C GLY B 296 -15.27 13.03 -2.22
N ASP B 297 -16.24 12.12 -2.38
CA ASP B 297 -15.94 10.73 -2.69
C ASP B 297 -15.82 10.52 -4.20
N VAL B 298 -16.89 10.84 -4.93
CA VAL B 298 -16.87 10.81 -6.39
C VAL B 298 -16.99 12.24 -6.90
N GLN B 299 -16.87 12.39 -8.21
CA GLN B 299 -16.88 13.70 -8.86
C GLN B 299 -17.87 13.70 -10.02
N ASP B 300 -18.06 14.88 -10.59
CA ASP B 300 -18.78 15.00 -11.86
C ASP B 300 -17.88 14.77 -13.06
N TYR B 301 -16.58 14.54 -12.83
CA TYR B 301 -15.68 14.00 -13.83
C TYR B 301 -15.86 12.50 -14.00
N SER B 302 -16.82 11.92 -13.29
CA SER B 302 -17.35 10.58 -13.47
C SER B 302 -18.60 10.75 -14.34
N TYR B 303 -19.48 9.74 -14.33
CA TYR B 303 -20.59 9.40 -15.25
C TYR B 303 -20.02 8.79 -16.52
N ARG B 304 -18.71 8.46 -16.52
CA ARG B 304 -18.21 7.44 -17.42
C ARG B 304 -18.75 6.07 -17.03
N TYR B 305 -19.05 5.87 -15.75
CA TYR B 305 -19.79 4.69 -15.32
C TYR B 305 -21.18 4.65 -15.91
N TYR B 306 -21.81 5.81 -16.12
CA TYR B 306 -23.19 5.84 -16.57
C TYR B 306 -23.35 5.40 -18.02
N GLN B 307 -22.83 6.18 -18.96
CA GLN B 307 -23.19 5.97 -20.35
C GLN B 307 -22.07 5.40 -21.20
N ARG B 308 -20.82 5.47 -20.76
CA ARG B 308 -19.75 4.83 -21.50
C ARG B 308 -19.74 3.33 -21.27
N GLU B 309 -20.12 2.87 -20.09
CA GLU B 309 -19.97 1.48 -19.70
C GLU B 309 -21.28 0.73 -19.59
N LEU B 310 -22.28 1.27 -18.87
CA LEU B 310 -23.53 0.55 -18.70
C LEU B 310 -24.37 0.54 -19.97
N ARG B 311 -24.28 1.59 -20.79
CA ARG B 311 -24.96 1.60 -22.07
C ARG B 311 -24.29 0.63 -23.04
N ARG B 312 -22.95 0.55 -23.00
CA ARG B 312 -22.24 -0.47 -23.77
C ARG B 312 -22.52 -1.86 -23.24
N CYS B 313 -22.77 -2.00 -21.93
CA CYS B 313 -23.20 -3.28 -21.39
C CYS B 313 -24.58 -3.65 -21.90
N TRP B 314 -25.49 -2.68 -21.99
CA TRP B 314 -26.84 -2.95 -22.48
C TRP B 314 -26.84 -3.26 -23.97
N GLY B 315 -25.90 -2.67 -24.73
CA GLY B 315 -25.88 -2.90 -26.16
C GLY B 315 -25.52 -4.32 -26.55
N ILE B 316 -24.61 -4.94 -25.81
CA ILE B 316 -24.22 -6.31 -26.11
C ILE B 316 -25.35 -7.29 -25.76
N GLN B 317 -25.99 -7.10 -24.60
CA GLN B 317 -27.09 -7.97 -24.21
C GLN B 317 -28.34 -7.75 -25.04
N LYS B 318 -28.47 -6.58 -25.69
CA LYS B 318 -29.57 -6.38 -26.62
C LYS B 318 -29.43 -7.28 -27.84
N GLN B 319 -28.21 -7.35 -28.40
CA GLN B 319 -27.96 -8.20 -29.56
C GLN B 319 -27.89 -9.67 -29.20
N LYS B 320 -27.55 -10.00 -27.96
CA LYS B 320 -27.41 -11.41 -27.59
C LYS B 320 -28.77 -12.10 -27.47
N ILE B 321 -29.78 -11.38 -26.98
CA ILE B 321 -31.11 -11.97 -26.81
C ILE B 321 -31.77 -12.22 -28.17
N HIS B 322 -31.64 -11.27 -29.10
CA HIS B 322 -32.25 -11.40 -30.42
C HIS B 322 -31.54 -12.42 -31.31
N LEU B 323 -30.38 -12.93 -30.91
CA LEU B 323 -29.68 -13.90 -31.74
C LEU B 323 -30.23 -15.30 -31.55
N ASP B 324 -30.18 -15.82 -30.33
CA ASP B 324 -30.57 -17.21 -30.09
C ASP B 324 -32.04 -17.36 -29.71
N PHE B 325 -32.64 -16.34 -29.07
CA PHE B 325 -34.02 -16.44 -28.62
C PHE B 325 -34.94 -15.81 -29.67
N ASN B 326 -35.28 -16.62 -30.67
CA ASN B 326 -36.18 -16.23 -31.74
C ASN B 326 -37.39 -17.15 -31.76
N GLY B 327 -38.43 -16.71 -32.48
CA GLY B 327 -39.68 -17.45 -32.53
C GLY B 327 -40.41 -17.49 -31.21
N ARG B 328 -40.47 -16.37 -30.52
CA ARG B 328 -41.05 -16.26 -29.18
C ARG B 328 -42.02 -15.10 -29.14
N PRO B 329 -42.95 -15.08 -28.18
CA PRO B 329 -43.80 -13.90 -28.00
C PRO B 329 -42.99 -12.66 -27.64
N GLU B 330 -43.51 -11.50 -28.06
CA GLU B 330 -42.75 -10.25 -27.98
C GLU B 330 -42.60 -9.77 -26.54
N THR B 331 -43.60 -10.03 -25.69
CA THR B 331 -43.51 -9.59 -24.30
C THR B 331 -42.59 -10.47 -23.47
N GLU B 332 -42.25 -11.67 -23.95
CA GLU B 332 -41.28 -12.50 -23.26
C GLU B 332 -39.85 -12.04 -23.49
N VAL B 333 -39.60 -11.39 -24.62
CA VAL B 333 -38.25 -10.94 -24.97
C VAL B 333 -37.81 -9.80 -24.07
N GLY B 334 -38.73 -8.89 -23.75
CA GLY B 334 -38.40 -7.73 -22.94
C GLY B 334 -38.00 -8.05 -21.52
N GLN B 335 -38.62 -9.07 -20.91
CA GLN B 335 -38.16 -9.52 -19.61
C GLN B 335 -36.89 -10.33 -19.71
N ARG B 336 -36.64 -10.98 -20.85
CA ARG B 336 -35.42 -11.74 -21.03
C ARG B 336 -34.20 -10.83 -21.08
N LEU B 337 -34.29 -9.71 -21.80
CA LEU B 337 -33.21 -8.73 -21.80
C LEU B 337 -33.11 -8.02 -20.47
N TYR B 338 -34.24 -7.89 -19.75
CA TYR B 338 -34.25 -7.27 -18.43
C TYR B 338 -33.45 -8.07 -17.43
N ILE B 339 -33.52 -9.41 -17.52
CA ILE B 339 -32.80 -10.27 -16.57
C ILE B 339 -31.30 -10.24 -16.86
N GLU B 340 -30.91 -10.39 -18.14
CA GLU B 340 -29.50 -10.46 -18.49
C GLU B 340 -28.79 -9.13 -18.29
N CYS B 341 -29.52 -8.02 -18.34
CA CYS B 341 -28.93 -6.74 -17.96
C CYS B 341 -28.70 -6.67 -16.46
N LEU B 342 -29.61 -7.27 -15.67
CA LEU B 342 -29.51 -7.18 -14.22
C LEU B 342 -28.38 -8.02 -13.65
N ASN B 343 -28.11 -9.18 -14.25
CA ASN B 343 -27.05 -10.06 -13.76
C ASN B 343 -25.65 -9.60 -14.19
N ASN B 344 -25.54 -8.64 -15.10
CA ASN B 344 -24.26 -8.29 -15.69
C ASN B 344 -23.74 -6.93 -15.29
N VAL B 345 -24.60 -6.00 -14.86
CA VAL B 345 -24.14 -4.63 -14.60
C VAL B 345 -23.47 -4.48 -13.25
N THR B 346 -23.47 -5.50 -12.40
CA THR B 346 -22.79 -5.44 -11.12
C THR B 346 -21.34 -5.91 -11.23
N ARG B 347 -20.62 -5.35 -12.20
CA ARG B 347 -19.23 -5.68 -12.43
C ARG B 347 -18.42 -4.40 -12.59
N TYR B 348 -19.07 -3.35 -13.06
CA TYR B 348 -18.39 -2.10 -13.38
C TYR B 348 -18.11 -1.29 -12.12
N TYR B 349 -16.89 -0.82 -11.99
CA TYR B 349 -16.47 -0.04 -10.83
C TYR B 349 -16.84 1.43 -11.03
N LEU B 350 -16.89 2.16 -9.91
CA LEU B 350 -17.18 3.59 -9.93
C LEU B 350 -15.98 4.29 -9.29
N GLU B 351 -15.12 4.86 -10.13
CA GLU B 351 -13.87 5.52 -9.75
C GLU B 351 -12.98 4.59 -8.92
N ASN B 352 -12.60 3.48 -9.56
CA ASN B 352 -11.91 2.30 -9.01
C ASN B 352 -12.42 1.86 -7.64
N LYS B 353 -13.74 1.90 -7.46
CA LYS B 353 -14.38 1.46 -6.23
C LYS B 353 -15.62 0.66 -6.59
N LYS B 354 -15.93 -0.33 -5.76
CA LYS B 354 -17.11 -1.17 -5.99
C LYS B 354 -18.38 -0.46 -5.53
N VAL B 355 -19.51 -0.88 -6.10
CA VAL B 355 -20.81 -0.37 -5.73
C VAL B 355 -21.72 -1.57 -5.44
N GLY B 356 -22.79 -1.29 -4.70
CA GLY B 356 -23.70 -2.34 -4.29
C GLY B 356 -24.59 -2.80 -5.43
N ASP B 357 -25.41 -3.81 -5.11
CA ASP B 357 -26.36 -4.33 -6.08
C ASP B 357 -27.49 -3.34 -6.35
N PHE B 358 -27.78 -2.45 -5.40
CA PHE B 358 -28.84 -1.47 -5.60
C PHE B 358 -28.43 -0.37 -6.57
N PHE B 359 -27.14 -0.04 -6.62
CA PHE B 359 -26.70 1.06 -7.46
C PHE B 359 -26.72 0.66 -8.93
N ALA B 360 -26.21 -0.53 -9.25
CA ALA B 360 -26.15 -0.96 -10.65
C ALA B 360 -27.53 -1.35 -11.17
N HIS B 361 -28.42 -1.81 -10.30
CA HIS B 361 -29.80 -2.08 -10.67
C HIS B 361 -30.69 -0.86 -10.52
N GLY B 362 -30.14 0.25 -10.01
CA GLY B 362 -30.89 1.48 -9.88
C GLY B 362 -30.45 2.51 -10.90
N THR B 363 -29.18 2.48 -11.28
CA THR B 363 -28.73 3.31 -12.41
C THR B 363 -29.31 2.81 -13.72
N LEU B 364 -29.65 1.52 -13.80
CA LEU B 364 -30.30 0.99 -15.00
C LEU B 364 -31.71 1.51 -15.19
N HIS B 365 -32.33 2.07 -14.15
CA HIS B 365 -33.60 2.75 -14.28
C HIS B 365 -33.46 4.27 -14.32
N SER B 366 -32.29 4.79 -13.95
CA SER B 366 -32.07 6.24 -14.02
C SER B 366 -31.94 6.71 -15.47
N MET B 367 -31.29 5.92 -16.32
CA MET B 367 -31.21 6.28 -17.74
C MET B 367 -32.44 5.86 -18.50
N ALA B 368 -33.15 4.84 -18.03
CA ALA B 368 -34.46 4.51 -18.55
C ALA B 368 -35.51 5.55 -18.20
N ASP B 369 -35.25 6.36 -17.17
CA ASP B 369 -36.08 7.53 -16.90
C ASP B 369 -35.93 8.58 -18.00
N LYS B 370 -34.74 8.67 -18.61
CA LYS B 370 -34.49 9.57 -19.72
C LYS B 370 -34.62 8.88 -21.07
N LEU B 371 -35.18 7.66 -21.10
CA LEU B 371 -35.45 6.87 -22.31
C LEU B 371 -34.18 6.58 -23.11
N THR B 372 -33.06 6.40 -22.41
CA THR B 372 -31.81 6.05 -23.07
C THR B 372 -31.82 4.59 -23.53
N ILE B 373 -32.32 3.70 -22.69
CA ILE B 373 -32.33 2.27 -22.99
C ILE B 373 -33.77 1.80 -23.08
N GLY B 374 -33.94 0.52 -23.40
CA GLY B 374 -35.26 -0.06 -23.43
C GLY B 374 -35.27 -1.58 -23.32
N TRP B 375 -36.07 -2.11 -22.40
CA TRP B 375 -36.20 -3.55 -22.30
C TRP B 375 -37.00 -4.12 -23.45
N HIS B 376 -38.13 -3.49 -23.77
CA HIS B 376 -38.83 -3.91 -24.97
C HIS B 376 -38.12 -3.36 -26.21
N PRO B 377 -38.08 -4.11 -27.31
CA PRO B 377 -37.49 -3.58 -28.55
C PRO B 377 -38.21 -2.37 -29.11
N GLU B 378 -39.53 -2.29 -28.94
CA GLU B 378 -40.31 -1.15 -29.41
C GLU B 378 -40.49 -0.12 -28.30
N PHE B 379 -39.38 0.37 -27.79
CA PHE B 379 -39.37 1.41 -26.77
C PHE B 379 -39.35 2.82 -27.34
N ASP B 380 -39.30 2.96 -28.66
CA ASP B 380 -39.31 4.27 -29.30
C ASP B 380 -40.67 4.65 -29.85
N LYS B 381 -41.36 3.74 -30.54
CA LYS B 381 -42.63 4.05 -31.17
C LYS B 381 -43.80 4.04 -30.20
N LYS B 382 -43.63 3.49 -29.00
CA LYS B 382 -44.72 3.43 -28.03
C LYS B 382 -44.68 4.63 -27.08
N LEU B 383 -43.57 4.81 -26.38
CA LEU B 383 -43.43 5.93 -25.46
C LEU B 383 -42.20 6.77 -25.80
N VAL C 9 15.55 22.16 10.23
CA VAL C 9 14.87 21.98 8.96
C VAL C 9 14.53 20.51 8.76
N SER C 10 13.24 20.20 8.64
CA SER C 10 12.76 18.84 8.46
C SER C 10 11.90 18.77 7.20
N SER C 11 11.66 17.55 6.74
CA SER C 11 10.82 17.35 5.57
C SER C 11 9.35 17.55 5.93
N TRP C 12 8.55 17.89 4.93
CA TRP C 12 7.17 18.33 5.12
C TRP C 12 6.19 17.32 4.53
N LEU C 13 4.91 17.68 4.53
CA LEU C 13 3.87 16.81 4.00
C LEU C 13 3.01 17.58 3.01
N GLY C 14 3.08 18.91 3.05
CA GLY C 14 2.33 19.74 2.12
C GLY C 14 1.18 20.50 2.75
N TYR C 15 1.38 20.97 3.98
CA TYR C 15 0.38 21.76 4.68
C TYR C 15 1.09 22.98 5.26
N LYS C 16 0.32 24.03 5.53
CA LYS C 16 0.89 25.25 6.07
C LYS C 16 1.25 25.06 7.54
N ILE C 17 2.08 25.96 8.05
CA ILE C 17 2.58 25.86 9.42
C ILE C 17 1.53 26.23 10.46
N GLN C 18 0.41 26.84 10.03
CA GLN C 18 -0.69 27.14 10.93
C GLN C 18 -1.53 25.91 11.28
N GLU C 19 -1.29 24.78 10.61
CA GLU C 19 -2.00 23.55 10.92
C GLU C 19 -1.15 22.52 11.66
N TYR C 20 0.18 22.53 11.50
CA TYR C 20 1.04 21.65 12.26
C TYR C 20 1.16 22.04 13.72
N ARG C 21 1.12 23.34 14.01
CA ARG C 21 1.20 23.81 15.39
C ARG C 21 -0.15 23.88 16.08
N LEU C 22 -1.25 23.71 15.34
CA LEU C 22 -2.56 23.63 15.96
C LEU C 22 -2.95 22.20 16.27
N THR C 23 -2.72 21.28 15.32
CA THR C 23 -3.03 19.87 15.53
C THR C 23 -2.16 19.24 16.62
N GLN C 24 -0.96 19.77 16.84
CA GLN C 24 -0.13 19.29 17.94
C GLN C 24 -0.70 19.68 19.29
N ARG C 25 -1.16 20.93 19.43
CA ARG C 25 -1.77 21.37 20.68
C ARG C 25 -3.17 20.81 20.86
N LEU C 26 -3.89 20.57 19.76
CA LEU C 26 -5.22 19.99 19.85
C LEU C 26 -5.16 18.52 20.28
N LEU C 27 -4.06 17.82 19.93
CA LEU C 27 -3.89 16.44 20.36
C LEU C 27 -3.51 16.34 21.83
N GLU C 28 -2.84 17.36 22.36
CA GLU C 28 -2.38 17.33 23.74
C GLU C 28 -3.47 17.67 24.74
N ALA C 29 -4.59 18.22 24.29
CA ALA C 29 -5.64 18.66 25.19
C ALA C 29 -6.50 17.47 25.62
N ASN C 30 -7.46 17.76 26.51
CA ASN C 30 -8.39 16.74 26.99
C ASN C 30 -9.55 16.62 26.00
N ASN C 31 -10.59 15.89 26.40
CA ASN C 31 -11.78 15.74 25.57
C ASN C 31 -12.84 16.80 25.83
N SER C 32 -12.61 17.69 26.79
CA SER C 32 -13.60 18.70 27.17
C SER C 32 -12.93 20.06 27.32
N SER C 33 -12.08 20.44 26.35
CA SER C 33 -11.38 21.71 26.40
C SER C 33 -11.26 22.24 24.98
N CYS C 34 -11.91 23.35 24.70
CA CYS C 34 -11.88 23.93 23.37
C CYS C 34 -10.65 24.82 23.20
N ILE C 35 -10.31 25.08 21.93
CA ILE C 35 -9.15 25.87 21.56
C ILE C 35 -9.59 26.99 20.63
N GLY C 36 -9.28 28.23 21.00
CA GLY C 36 -9.49 29.37 20.13
C GLY C 36 -8.19 29.72 19.43
N PHE C 37 -8.28 29.88 18.11
CA PHE C 37 -7.10 30.08 17.28
C PHE C 37 -7.25 31.34 16.44
N GLU C 38 -6.18 32.12 16.35
CA GLU C 38 -6.13 33.32 15.53
C GLU C 38 -4.77 33.41 14.86
N ILE C 39 -4.71 34.16 13.76
CA ILE C 39 -3.50 34.32 12.97
C ILE C 39 -3.11 35.78 12.96
N LEU C 40 -1.86 36.07 13.31
CA LEU C 40 -1.30 37.42 13.25
C LEU C 40 -0.13 37.39 12.27
N ASP C 41 -0.32 37.98 11.10
CA ASP C 41 0.67 37.96 10.04
C ASP C 41 0.79 39.33 9.39
N ASP C 42 0.81 40.38 10.19
CA ASP C 42 0.89 41.75 9.65
C ASP C 42 2.29 42.06 9.14
N LEU C 43 3.27 42.02 10.05
CA LEU C 43 4.69 42.32 9.79
C LEU C 43 4.93 43.68 9.12
N ARG C 63 11.86 41.32 11.03
CA ARG C 63 12.05 42.38 12.01
C ARG C 63 10.91 42.38 13.03
N ASN C 64 11.19 42.93 14.20
CA ASN C 64 10.20 43.03 15.27
C ASN C 64 9.26 44.18 14.94
N ILE C 65 8.04 43.85 14.51
CA ILE C 65 7.07 44.84 14.07
C ILE C 65 6.03 45.06 15.15
N VAL C 66 5.73 44.00 15.91
CA VAL C 66 4.67 44.05 16.91
C VAL C 66 5.08 44.91 18.09
N SER C 67 4.19 45.84 18.47
CA SER C 67 4.45 46.76 19.57
C SER C 67 3.18 46.99 20.38
N ASN C 68 3.20 47.99 21.26
CA ASN C 68 2.04 48.27 22.10
C ASN C 68 0.93 48.97 21.34
N HIS C 69 1.25 49.64 20.23
CA HIS C 69 0.27 50.43 19.49
C HIS C 69 -0.22 49.75 18.22
N SER C 70 0.22 48.52 17.96
CA SER C 70 -0.25 47.79 16.77
C SER C 70 -1.67 47.30 17.02
N LYS C 71 -2.63 47.82 16.24
CA LYS C 71 -4.04 47.56 16.46
C LYS C 71 -4.48 46.16 16.04
N ASP C 72 -3.61 45.39 15.38
CA ASP C 72 -3.98 44.04 14.97
C ASP C 72 -4.10 43.10 16.16
N LEU C 73 -3.34 43.34 17.22
CA LEU C 73 -3.46 42.50 18.42
C LEU C 73 -4.73 42.80 19.19
N TRP C 74 -5.11 44.09 19.28
CA TRP C 74 -6.35 44.46 19.93
C TRP C 74 -7.58 44.21 19.06
N LYS C 75 -7.39 43.98 17.75
CA LYS C 75 -8.49 43.58 16.90
C LYS C 75 -9.01 42.20 17.31
N THR C 76 -8.10 41.26 17.58
CA THR C 76 -8.50 39.95 18.05
C THR C 76 -8.94 39.98 19.50
N LEU C 77 -8.41 40.93 20.29
CA LEU C 77 -8.73 41.00 21.71
C LEU C 77 -10.16 41.48 21.94
N SER C 78 -10.65 42.39 21.11
CA SER C 78 -12.04 42.82 21.23
C SER C 78 -13.01 41.71 20.83
N ASN C 79 -12.65 40.94 19.81
CA ASN C 79 -13.45 39.78 19.42
C ASN C 79 -13.39 38.67 20.46
N TRP C 80 -12.27 38.55 21.18
CA TRP C 80 -12.11 37.51 22.19
C TRP C 80 -12.91 37.79 23.45
N MET C 81 -13.36 39.03 23.65
CA MET C 81 -13.96 39.42 24.93
C MET C 81 -15.48 39.37 24.89
N ASP C 82 -16.10 39.83 23.80
CA ASP C 82 -17.56 39.77 23.70
C ASP C 82 -18.08 38.36 23.43
N LEU C 83 -17.20 37.43 23.08
CA LEU C 83 -17.60 36.02 23.01
C LEU C 83 -17.84 35.43 24.40
N ILE C 84 -17.19 35.99 25.42
CA ILE C 84 -17.44 35.57 26.79
C ILE C 84 -18.87 35.96 27.21
N ASP C 85 -19.32 37.14 26.80
CA ASP C 85 -20.69 37.56 27.06
C ASP C 85 -21.70 36.81 26.21
N SER C 86 -21.27 36.17 25.11
CA SER C 86 -22.18 35.37 24.30
C SER C 86 -22.63 34.11 25.03
N GLY C 87 -21.72 33.46 25.74
CA GLY C 87 -22.04 32.29 26.54
C GLY C 87 -21.99 30.97 25.80
N GLU C 88 -21.77 30.98 24.49
CA GLU C 88 -21.66 29.72 23.74
C GLU C 88 -20.35 29.02 24.05
N ILE C 89 -19.26 29.77 24.21
CA ILE C 89 -17.98 29.23 24.62
C ILE C 89 -17.92 29.20 26.14
N ASP C 90 -17.57 28.03 26.70
CA ASP C 90 -17.48 27.88 28.14
C ASP C 90 -16.23 28.64 28.60
N VAL C 91 -16.34 29.30 29.76
CA VAL C 91 -15.23 30.12 30.26
C VAL C 91 -14.39 29.39 31.30
N ASP C 92 -14.74 28.15 31.65
CA ASP C 92 -13.96 27.43 32.67
C ASP C 92 -12.65 26.92 32.09
N ASN C 93 -12.72 26.06 31.07
CA ASN C 93 -11.53 25.43 30.49
C ASN C 93 -11.57 25.54 28.95
N THR C 94 -11.00 26.65 28.47
CA THR C 94 -10.76 26.93 27.06
C THR C 94 -9.44 27.64 26.92
N ILE C 95 -8.56 27.13 26.08
CA ILE C 95 -7.23 27.71 25.87
C ILE C 95 -7.25 28.57 24.62
N PHE C 96 -6.68 29.76 24.72
CA PHE C 96 -6.72 30.77 23.66
C PHE C 96 -5.35 30.88 23.00
N LEU C 97 -5.34 31.03 21.68
CA LEU C 97 -4.10 31.07 20.92
C LEU C 97 -4.18 32.11 19.81
N LEU C 98 -3.09 32.85 19.63
CA LEU C 98 -2.84 33.63 18.42
C LEU C 98 -1.46 33.27 17.91
N PHE C 99 -1.31 33.20 16.59
CA PHE C 99 -0.15 32.60 15.96
C PHE C 99 0.51 33.61 15.04
N THR C 100 1.83 33.71 15.12
CA THR C 100 2.65 34.40 14.12
C THR C 100 3.34 33.35 13.27
N ASN C 101 3.30 33.53 11.94
CA ASN C 101 3.72 32.49 11.01
C ASN C 101 5.23 32.22 11.10
N LYS C 102 6.01 33.20 11.51
CA LYS C 102 7.42 33.01 11.84
C LYS C 102 7.65 33.51 13.26
N ARG C 103 8.91 33.51 13.68
CA ARG C 103 9.28 34.05 14.99
C ARG C 103 9.25 35.56 14.91
N CYS C 104 8.24 36.17 15.54
CA CYS C 104 8.11 37.62 15.50
C CYS C 104 8.35 37.48 16.99
N HIS C 105 9.59 37.71 17.43
CA HIS C 105 10.65 38.12 18.37
C HIS C 105 10.35 39.41 19.11
N SER C 106 10.80 39.48 20.37
CA SER C 106 10.60 40.62 21.28
C SER C 106 9.14 41.04 21.40
N GLU C 107 8.32 40.09 21.84
CA GLU C 107 6.93 40.37 22.12
C GLU C 107 6.81 41.26 23.35
N VAL C 108 6.01 42.32 23.21
CA VAL C 108 5.84 43.29 24.30
C VAL C 108 4.64 43.00 25.18
N LEU C 109 3.70 42.15 24.76
CA LEU C 109 2.61 41.68 25.62
C LEU C 109 2.84 40.25 26.09
N GLN C 110 4.10 39.90 26.35
CA GLN C 110 4.47 38.56 26.77
C GLN C 110 4.12 38.29 28.24
N LEU C 111 3.74 39.32 29.00
CA LEU C 111 3.34 39.11 30.38
C LEU C 111 2.01 38.38 30.48
N LEU C 112 1.17 38.50 29.45
CA LEU C 112 -0.04 37.68 29.38
C LEU C 112 0.30 36.20 29.19
N SER C 113 1.29 35.91 28.33
CA SER C 113 1.66 34.53 28.07
C SER C 113 2.44 33.92 29.24
N THR C 114 3.35 34.69 29.83
CA THR C 114 4.21 34.18 30.90
C THR C 114 3.62 34.42 32.28
N SER C 115 2.36 34.01 32.46
CA SER C 115 1.69 34.13 33.75
C SER C 115 0.58 33.09 33.81
N GLN C 116 0.78 32.05 34.62
CA GLN C 116 -0.20 30.99 34.78
C GLN C 116 -0.94 31.04 36.11
N ALA C 117 -0.59 31.99 36.99
CA ALA C 117 -1.25 32.11 38.28
C ALA C 117 -2.33 33.19 38.22
N THR C 118 -3.53 32.85 38.68
CA THR C 118 -4.64 33.82 38.66
C THR C 118 -4.43 34.93 39.68
N GLU C 119 -3.77 34.62 40.81
CA GLU C 119 -3.45 35.66 41.78
C GLU C 119 -2.40 36.61 41.24
N GLU C 120 -1.43 36.09 40.48
CA GLU C 120 -0.45 36.95 39.81
C GLU C 120 -1.06 37.68 38.63
N ALA C 121 -2.14 37.17 38.06
CA ALA C 121 -2.78 37.82 36.91
C ALA C 121 -3.59 39.04 37.30
N SER C 122 -3.91 39.21 38.59
CA SER C 122 -4.64 40.39 39.03
C SER C 122 -3.76 41.64 38.93
N LYS C 123 -2.53 41.55 39.45
CA LYS C 123 -1.59 42.67 39.31
C LYS C 123 -1.01 42.75 37.90
N ALA C 124 -1.06 41.67 37.13
CA ALA C 124 -0.59 41.71 35.75
C ALA C 124 -1.57 42.42 34.83
N PHE C 125 -2.85 42.51 35.23
CA PHE C 125 -3.83 43.19 34.39
C PHE C 125 -3.61 44.70 34.39
N ASP C 126 -3.38 45.28 35.57
CA ASP C 126 -3.11 46.71 35.67
C ASP C 126 -1.70 47.07 35.22
N GLU C 127 -0.80 46.09 35.16
CA GLU C 127 0.52 46.32 34.57
C GLU C 127 0.43 46.59 33.08
N ILE C 128 -0.52 45.93 32.40
CA ILE C 128 -0.78 46.23 30.99
C ILE C 128 -1.41 47.61 30.86
N LEU C 129 -2.32 47.96 31.77
CA LEU C 129 -2.97 49.27 31.75
C LEU C 129 -2.00 50.40 32.05
N LYS C 130 -0.90 50.12 32.74
CA LYS C 130 0.16 51.11 32.90
C LYS C 130 0.85 51.41 31.57
N ILE C 131 1.13 50.37 30.78
CA ILE C 131 1.87 50.53 29.53
C ILE C 131 0.97 50.88 28.35
N VAL C 132 -0.35 50.72 28.48
CA VAL C 132 -1.26 51.11 27.41
C VAL C 132 -1.30 52.64 27.28
N SER C 133 -1.46 53.33 28.42
CA SER C 133 -1.53 54.79 28.52
C SER C 133 -2.59 55.40 27.61
N HIS C 134 -2.15 56.17 26.62
CA HIS C 134 -3.07 56.78 25.67
C HIS C 134 -3.58 55.73 24.69
N PRO C 135 -4.89 55.61 24.48
CA PRO C 135 -5.42 54.60 23.55
C PRO C 135 -5.25 55.00 22.09
N SER C 136 -5.87 54.21 21.21
CA SER C 136 -5.83 54.47 19.78
C SER C 136 -6.57 55.77 19.44
N PRO C 137 -6.13 56.50 18.41
CA PRO C 137 -6.79 57.79 18.10
C PRO C 137 -8.19 57.64 17.54
N SER C 138 -8.50 56.57 16.81
CA SER C 138 -9.81 56.42 16.20
C SER C 138 -10.43 55.04 16.34
N ILE C 139 -9.67 54.02 16.75
CA ILE C 139 -10.18 52.67 16.84
C ILE C 139 -10.07 52.21 18.30
N ALA C 140 -10.21 53.18 19.22
CA ALA C 140 -10.06 52.97 20.66
C ALA C 140 -11.18 52.13 21.28
N ASN C 141 -12.20 51.72 20.53
CA ASN C 141 -13.24 50.86 21.08
C ASN C 141 -12.75 49.45 21.37
N TYR C 142 -11.59 49.06 20.83
CA TYR C 142 -11.01 47.76 21.15
C TYR C 142 -10.54 47.70 22.60
N LEU C 143 -10.05 48.81 23.13
CA LEU C 143 -9.52 48.85 24.49
C LEU C 143 -10.55 49.33 25.51
N ASN C 144 -11.62 50.00 25.07
CA ASN C 144 -12.64 50.44 25.99
C ASN C 144 -13.45 49.28 26.54
N ASN C 145 -13.76 48.29 25.68
CA ASN C 145 -14.42 47.08 26.13
C ASN C 145 -13.45 46.10 26.79
N PHE C 146 -12.14 46.34 26.68
CA PHE C 146 -11.17 45.47 27.32
C PHE C 146 -11.12 45.71 28.83
N SER C 147 -11.18 46.97 29.25
CA SER C 147 -11.06 47.31 30.66
C SER C 147 -12.43 47.46 31.32
N LYS C 148 -13.24 46.40 31.22
CA LYS C 148 -14.53 46.36 31.88
C LYS C 148 -14.84 45.04 32.55
N SER C 149 -14.02 44.00 32.37
CA SER C 149 -14.25 42.66 32.89
C SER C 149 -12.97 42.11 33.50
N LYS C 150 -12.41 42.87 34.45
CA LYS C 150 -11.08 42.61 35.00
C LYS C 150 -11.01 41.26 35.71
N THR C 151 -12.06 40.90 36.45
CA THR C 151 -12.07 39.62 37.17
C THR C 151 -12.10 38.44 36.20
N ASP C 152 -12.85 38.57 35.10
CA ASP C 152 -12.88 37.51 34.09
C ASP C 152 -11.61 37.50 33.25
N ALA C 153 -10.99 38.67 33.04
CA ALA C 153 -9.79 38.77 32.21
C ALA C 153 -8.58 38.09 32.83
N CYS C 154 -8.57 37.89 34.15
CA CYS C 154 -7.48 37.13 34.77
C CYS C 154 -7.52 35.65 34.38
N ARG C 155 -8.72 35.13 34.10
CA ARG C 155 -8.82 33.78 33.55
C ARG C 155 -8.27 33.72 32.13
N LEU C 156 -8.37 34.83 31.39
CA LEU C 156 -7.82 34.90 30.03
C LEU C 156 -6.30 35.02 30.00
N ILE C 157 -5.67 35.31 31.14
CA ILE C 157 -4.22 35.43 31.17
C ILE C 157 -3.57 34.05 31.13
N SER C 158 -3.97 33.16 32.05
CA SER C 158 -3.38 31.83 32.10
C SER C 158 -3.84 30.94 30.96
N LYS C 159 -4.96 31.25 30.32
CA LYS C 159 -5.49 30.46 29.22
C LYS C 159 -5.01 30.93 27.86
N PHE C 160 -4.13 31.95 27.81
CA PHE C 160 -3.53 32.39 26.57
C PHE C 160 -2.03 32.27 26.68
N THR C 161 -1.41 31.68 25.66
CA THR C 161 0.04 31.53 25.60
C THR C 161 0.52 31.88 24.19
N TYR C 162 1.77 32.30 24.11
CA TYR C 162 2.38 32.68 22.84
C TYR C 162 2.92 31.44 22.14
N ILE C 163 2.56 31.29 20.86
CA ILE C 163 3.01 30.17 20.06
C ILE C 163 3.77 30.71 18.84
N TYR C 164 4.85 30.03 18.47
CA TYR C 164 5.72 30.47 17.39
C TYR C 164 5.92 29.34 16.40
N GLY C 165 6.25 29.71 15.17
CA GLY C 165 6.58 28.73 14.15
C GLY C 165 7.90 28.04 14.47
N SER C 166 7.84 26.73 14.75
CA SER C 166 9.00 26.02 15.25
C SER C 166 10.04 25.73 14.17
N GLY C 167 9.68 25.84 12.90
CA GLY C 167 10.59 25.50 11.82
C GLY C 167 10.52 24.03 11.47
N SER C 168 10.77 23.16 12.46
CA SER C 168 10.58 21.72 12.31
C SER C 168 9.14 21.35 12.70
N ALA C 169 8.20 21.94 11.97
CA ALA C 169 6.78 21.75 12.25
C ALA C 169 6.26 20.31 12.04
N PRO C 170 6.52 19.61 10.93
CA PRO C 170 5.97 18.24 10.82
C PRO C 170 6.72 17.20 11.64
N HIS C 171 7.88 17.52 12.19
CA HIS C 171 8.58 16.63 13.11
C HIS C 171 8.23 16.92 14.56
N ASP C 172 7.12 17.61 14.81
CA ASP C 172 6.59 17.79 16.15
C ASP C 172 5.18 17.23 16.29
N LEU C 173 4.37 17.35 15.23
CA LEU C 173 3.04 16.75 15.24
C LEU C 173 3.12 15.24 15.03
N ARG C 174 4.05 14.79 14.19
CA ARG C 174 4.23 13.35 13.98
C ARG C 174 4.82 12.68 15.21
N GLU C 175 5.70 13.37 15.93
CA GLU C 175 6.28 12.81 17.15
C GLU C 175 5.28 12.79 18.29
N SER C 176 4.41 13.80 18.38
CA SER C 176 3.41 13.82 19.44
C SER C 176 2.31 12.81 19.19
N TYR C 177 2.08 12.44 17.93
CA TYR C 177 1.13 11.38 17.63
C TYR C 177 1.68 10.03 18.09
N LYS C 178 2.99 9.82 17.93
CA LYS C 178 3.61 8.55 18.29
C LYS C 178 3.80 8.40 19.80
N LEU C 179 3.66 9.48 20.57
CA LEU C 179 3.87 9.43 22.01
C LEU C 179 2.58 9.60 22.80
N HIS C 180 1.76 10.59 22.46
CA HIS C 180 0.59 10.90 23.27
C HIS C 180 -0.62 10.03 22.94
N ARG C 181 -0.82 9.69 21.67
CA ARG C 181 -2.02 8.99 21.25
C ARG C 181 -1.87 7.49 21.52
N LEU C 182 -2.75 6.94 22.34
CA LEU C 182 -2.74 5.52 22.63
C LEU C 182 -3.26 4.73 21.44
N GLY C 183 -2.63 3.59 21.18
CA GLY C 183 -3.01 2.74 20.05
C GLY C 183 -2.73 3.36 18.70
N ALA C 184 -1.62 4.09 18.58
CA ALA C 184 -1.27 4.72 17.31
C ALA C 184 -0.81 3.69 16.31
N LEU C 185 -1.36 3.74 15.10
CA LEU C 185 -0.99 2.81 14.05
C LEU C 185 0.29 3.28 13.36
N GLU C 186 1.27 2.39 13.28
CA GLU C 186 2.53 2.68 12.61
C GLU C 186 2.57 2.16 11.18
N GLU C 187 1.49 1.55 10.70
CA GLU C 187 1.46 1.01 9.35
C GLU C 187 0.96 2.02 8.32
N HIS C 188 -0.02 2.83 8.67
CA HIS C 188 -0.58 3.84 7.78
C HIS C 188 -0.46 5.22 8.41
N LEU C 189 0.67 5.49 9.09
CA LEU C 189 0.78 6.69 9.90
C LEU C 189 0.99 7.93 9.02
N ASP C 190 1.73 7.79 7.93
CA ASP C 190 1.94 8.94 7.04
C ASP C 190 0.70 9.27 6.22
N GLU C 191 -0.25 8.33 6.11
CA GLU C 191 -1.45 8.54 5.33
C GLU C 191 -2.65 8.90 6.21
N ILE C 192 -2.66 8.43 7.47
CA ILE C 192 -3.60 8.95 8.47
C ILE C 192 -3.38 10.43 8.68
N MET C 193 -2.11 10.84 8.79
CA MET C 193 -1.74 12.23 9.02
C MET C 193 -2.12 13.16 7.88
N TYR C 194 -2.29 12.63 6.66
CA TYR C 194 -2.77 13.47 5.56
C TYR C 194 -4.25 13.81 5.74
N GLU C 195 -5.06 12.83 6.16
CA GLU C 195 -6.50 13.05 6.24
C GLU C 195 -6.89 13.90 7.43
N ILE C 196 -6.18 13.77 8.56
CA ILE C 196 -6.67 14.42 9.77
C ILE C 196 -6.33 15.92 9.73
N LEU C 197 -5.20 16.27 9.11
CA LEU C 197 -4.89 17.66 8.85
C LEU C 197 -5.81 18.27 7.80
N GLY C 198 -6.43 17.43 6.96
CA GLY C 198 -7.44 17.94 6.03
C GLY C 198 -8.68 18.43 6.72
N TRP C 199 -9.09 17.76 7.81
CA TRP C 199 -10.25 18.21 8.57
C TRP C 199 -9.95 19.51 9.32
N VAL C 200 -8.75 19.62 9.89
CA VAL C 200 -8.37 20.84 10.60
C VAL C 200 -8.21 21.99 9.62
N SER C 201 -7.72 21.71 8.41
CA SER C 201 -7.65 22.74 7.38
C SER C 201 -9.04 23.10 6.87
N ASP C 202 -9.99 22.16 6.92
CA ASP C 202 -11.36 22.48 6.57
C ASP C 202 -11.99 23.40 7.61
N VAL C 203 -11.70 23.17 8.89
CA VAL C 203 -12.22 24.03 9.95
C VAL C 203 -11.54 25.40 9.91
N LEU C 204 -10.22 25.43 9.71
CA LEU C 204 -9.47 26.67 9.82
C LEU C 204 -9.65 27.58 8.61
N THR C 205 -9.74 27.02 7.41
CA THR C 205 -9.73 27.84 6.20
C THR C 205 -11.11 28.00 5.55
N LEU C 206 -11.91 26.94 5.48
CA LEU C 206 -13.22 27.04 4.85
C LEU C 206 -14.22 27.79 5.73
N ALA C 207 -13.99 27.84 7.03
CA ALA C 207 -14.75 28.70 7.92
C ALA C 207 -14.06 30.03 8.17
N ALA C 208 -13.13 30.42 7.30
CA ALA C 208 -12.48 31.72 7.37
C ALA C 208 -12.89 32.66 6.25
N GLU C 209 -13.57 32.15 5.22
CA GLU C 209 -14.11 33.04 4.18
C GLU C 209 -15.27 33.86 4.72
N LYS C 210 -16.02 33.32 5.67
CA LYS C 210 -16.94 34.09 6.49
C LYS C 210 -16.39 34.14 7.90
N ARG C 211 -16.53 35.28 8.57
CA ARG C 211 -15.84 35.52 9.84
C ARG C 211 -16.75 35.10 10.99
N GLN C 212 -16.86 33.80 11.19
CA GLN C 212 -17.50 33.21 12.35
C GLN C 212 -16.52 33.15 13.51
N PRO C 213 -17.02 32.95 14.76
CA PRO C 213 -16.11 32.65 15.87
C PRO C 213 -15.28 31.39 15.64
N THR C 214 -13.96 31.57 15.52
CA THR C 214 -13.07 30.47 15.17
C THR C 214 -12.75 29.68 16.43
N ILE C 215 -13.68 28.80 16.79
CA ILE C 215 -13.50 27.90 17.93
C ILE C 215 -13.41 26.48 17.40
N VAL C 216 -12.66 25.66 18.12
CA VAL C 216 -12.52 24.23 17.81
C VAL C 216 -12.76 23.46 19.09
N ARG C 217 -13.80 22.63 19.10
CA ARG C 217 -14.10 21.79 20.24
C ARG C 217 -13.32 20.48 20.12
N ALA C 218 -12.67 20.08 21.22
CA ALA C 218 -11.86 18.87 21.20
C ALA C 218 -12.71 17.60 21.21
N LYS C 219 -13.99 17.70 21.56
CA LYS C 219 -14.86 16.52 21.47
C LYS C 219 -15.11 16.13 20.03
N ASP C 220 -15.16 17.10 19.12
CA ASP C 220 -15.30 16.80 17.70
C ASP C 220 -13.97 16.45 17.03
N PHE C 221 -12.85 16.63 17.73
CA PHE C 221 -11.59 16.07 17.25
C PHE C 221 -11.64 14.55 17.25
N GLY C 222 -12.01 13.97 18.39
CA GLY C 222 -11.92 12.53 18.56
C GLY C 222 -12.94 11.74 17.77
N ALA C 223 -14.03 12.38 17.36
CA ALA C 223 -14.91 11.75 16.39
C ALA C 223 -14.22 11.64 15.04
N ARG C 224 -13.49 12.68 14.64
CA ARG C 224 -12.78 12.65 13.36
C ARG C 224 -11.55 11.74 13.44
N LEU C 225 -10.77 11.85 14.51
CA LEU C 225 -9.59 11.00 14.66
C LEU C 225 -9.95 9.56 14.94
N GLY C 226 -11.09 9.33 15.59
CA GLY C 226 -11.54 7.98 15.86
C GLY C 226 -12.22 7.31 14.69
N GLU C 227 -12.48 8.03 13.61
CA GLU C 227 -13.00 7.44 12.37
C GLU C 227 -11.91 7.14 11.36
N ILE C 228 -10.89 8.01 11.27
CA ILE C 228 -9.75 7.75 10.39
C ILE C 228 -8.97 6.54 10.88
N GLU C 229 -8.76 6.44 12.19
CA GLU C 229 -8.07 5.29 12.76
C GLU C 229 -8.89 4.01 12.61
N SER C 230 -10.21 4.11 12.74
CA SER C 230 -11.06 2.92 12.65
C SER C 230 -11.24 2.46 11.20
N LYS C 231 -11.35 3.40 10.26
CA LYS C 231 -11.47 3.02 8.85
C LYS C 231 -10.17 2.41 8.34
N TYR C 232 -9.03 2.94 8.77
CA TYR C 232 -7.72 2.43 8.34
C TYR C 232 -7.22 1.35 9.30
N ARG C 233 -8.11 0.42 9.63
CA ARG C 233 -7.77 -0.78 10.39
C ARG C 233 -8.45 -2.03 9.85
N GLN C 234 -9.55 -1.90 9.11
CA GLN C 234 -10.25 -3.04 8.54
C GLN C 234 -9.43 -3.65 7.41
N LYS C 235 -9.72 -4.91 7.10
CA LYS C 235 -8.88 -5.66 6.18
C LYS C 235 -9.70 -6.73 5.49
N THR C 236 -9.43 -6.94 4.20
CA THR C 236 -10.15 -7.93 3.40
C THR C 236 -9.41 -9.26 3.32
N ILE C 237 -9.03 -9.80 4.48
CA ILE C 237 -8.44 -11.14 4.59
C ILE C 237 -9.35 -11.93 5.53
N LEU C 238 -10.65 -11.77 5.36
CA LEU C 238 -11.64 -12.53 6.12
C LEU C 238 -11.37 -13.94 5.64
N ASN C 239 -10.96 -14.82 6.56
CA ASN C 239 -10.52 -16.16 6.23
C ASN C 239 -10.96 -17.09 7.35
N TYR C 240 -11.14 -18.35 6.99
CA TYR C 240 -11.55 -19.38 7.93
C TYR C 240 -11.10 -20.72 7.39
N PHE C 241 -10.29 -21.44 8.16
CA PHE C 241 -9.74 -22.72 7.72
C PHE C 241 -10.82 -23.79 7.84
N CYS C 242 -11.43 -24.14 6.71
CA CYS C 242 -12.48 -25.16 6.69
C CYS C 242 -11.83 -26.54 6.68
N ASN C 243 -11.90 -27.22 7.82
CA ASN C 243 -11.30 -28.54 7.97
C ASN C 243 -12.32 -29.67 8.03
N ARG C 244 -13.61 -29.35 8.16
CA ARG C 244 -14.63 -30.38 8.21
C ARG C 244 -14.83 -30.98 6.81
N SER C 245 -14.83 -32.30 6.74
CA SER C 245 -14.94 -33.02 5.47
C SER C 245 -16.21 -33.88 5.49
N SER C 246 -16.36 -34.70 4.44
CA SER C 246 -17.51 -35.59 4.35
C SER C 246 -17.45 -36.70 5.38
N GLU C 247 -16.24 -37.19 5.69
CA GLU C 247 -16.06 -38.21 6.72
C GLU C 247 -16.14 -37.53 8.09
N SER C 248 -17.38 -37.31 8.52
CA SER C 248 -17.63 -36.65 9.80
C SER C 248 -19.00 -37.10 10.31
N GLU C 249 -19.10 -37.27 11.62
CA GLU C 249 -20.32 -37.79 12.21
C GLU C 249 -21.43 -36.76 12.28
N ASP C 250 -21.09 -35.47 12.41
CA ASP C 250 -22.11 -34.43 12.51
C ASP C 250 -22.84 -34.22 11.19
N VAL C 251 -22.16 -34.45 10.07
CA VAL C 251 -22.79 -34.31 8.76
C VAL C 251 -23.85 -35.39 8.57
N GLN C 252 -23.51 -36.64 8.86
CA GLN C 252 -24.48 -37.73 8.76
C GLN C 252 -25.56 -37.61 9.83
N ASN C 253 -25.23 -37.05 11.00
CA ASN C 253 -26.23 -36.80 12.03
C ASN C 253 -27.24 -35.75 11.58
N THR C 254 -26.78 -34.71 10.88
CA THR C 254 -27.71 -33.71 10.37
C THR C 254 -28.49 -34.23 9.16
N ILE C 255 -27.92 -35.16 8.41
CA ILE C 255 -28.67 -35.80 7.32
C ILE C 255 -29.78 -36.67 7.88
N LYS C 256 -29.48 -37.49 8.90
CA LYS C 256 -30.49 -38.35 9.49
C LYS C 256 -31.48 -37.56 10.34
N ASP C 257 -31.07 -36.40 10.85
CA ASP C 257 -31.96 -35.56 11.65
C ASP C 257 -33.05 -34.95 10.76
N ALA C 258 -32.68 -34.62 9.52
CA ALA C 258 -33.50 -34.00 8.47
C ALA C 258 -34.15 -32.69 8.90
N PRO C 259 -33.40 -31.58 9.00
CA PRO C 259 -34.05 -30.27 9.18
C PRO C 259 -34.75 -29.77 7.92
N ASN C 260 -35.20 -28.51 7.97
CA ASN C 260 -36.07 -27.97 6.93
C ASN C 260 -35.36 -27.83 5.59
N TYR C 261 -34.08 -27.44 5.59
CA TYR C 261 -33.39 -27.23 4.33
C TYR C 261 -33.01 -28.56 3.67
N ILE C 262 -32.78 -29.60 4.47
CA ILE C 262 -32.61 -30.94 3.93
C ILE C 262 -33.90 -31.43 3.31
N LYS C 263 -35.04 -31.07 3.92
CA LYS C 263 -36.34 -31.39 3.35
C LYS C 263 -36.58 -30.61 2.06
N GLN C 264 -36.07 -29.37 1.98
CA GLN C 264 -36.17 -28.60 0.75
C GLN C 264 -35.32 -29.22 -0.35
N LEU C 265 -34.14 -29.74 0.00
CA LEU C 265 -33.32 -30.45 -0.98
C LEU C 265 -33.95 -31.78 -1.38
N ASN C 266 -34.74 -32.38 -0.50
CA ASN C 266 -35.39 -33.65 -0.80
C ASN C 266 -36.59 -33.50 -1.73
N LEU C 267 -37.09 -32.28 -1.91
CA LEU C 267 -38.23 -32.06 -2.81
C LEU C 267 -37.81 -32.23 -4.27
N ILE C 268 -36.57 -31.89 -4.60
CA ILE C 268 -36.09 -31.99 -5.97
C ILE C 268 -35.31 -33.27 -6.22
N ASN C 269 -35.24 -34.17 -5.22
CA ASN C 269 -34.58 -35.47 -5.28
C ASN C 269 -33.10 -35.34 -5.66
N VAL C 270 -32.37 -34.65 -4.79
CA VAL C 270 -30.95 -34.41 -5.03
C VAL C 270 -30.14 -35.64 -4.63
N ASP C 271 -28.95 -35.76 -5.20
CA ASP C 271 -28.06 -36.86 -4.86
C ASP C 271 -27.47 -36.66 -3.45
N ASP C 272 -26.96 -37.75 -2.89
CA ASP C 272 -26.49 -37.73 -1.50
C ASP C 272 -25.18 -36.97 -1.36
N SER C 273 -24.38 -36.89 -2.43
CA SER C 273 -23.12 -36.16 -2.37
C SER C 273 -23.36 -34.66 -2.23
N GLU C 274 -24.29 -34.11 -3.01
CA GLU C 274 -24.68 -32.71 -2.88
C GLU C 274 -25.31 -32.45 -1.52
N LEU C 275 -26.02 -33.42 -0.97
CA LEU C 275 -26.59 -33.32 0.37
C LEU C 275 -25.49 -33.21 1.43
N GLU C 276 -24.43 -34.02 1.27
CA GLU C 276 -23.30 -33.98 2.20
C GLU C 276 -22.55 -32.66 2.11
N GLU C 277 -22.30 -32.16 0.89
CA GLU C 277 -21.63 -30.87 0.77
C GLU C 277 -22.49 -29.72 1.26
N ALA C 278 -23.82 -29.83 1.12
CA ALA C 278 -24.72 -28.84 1.67
C ALA C 278 -24.66 -28.81 3.20
N ALA C 279 -24.62 -29.98 3.83
CA ALA C 279 -24.49 -30.06 5.28
C ALA C 279 -23.14 -29.51 5.73
N ILE C 280 -22.07 -29.80 4.98
CA ILE C 280 -20.74 -29.28 5.30
C ILE C 280 -20.73 -27.76 5.23
N ALA C 281 -21.33 -27.19 4.17
CA ALA C 281 -21.39 -25.74 4.02
C ALA C 281 -22.23 -25.09 5.10
N ASN C 282 -23.34 -25.73 5.50
CA ASN C 282 -24.18 -25.17 6.54
C ASN C 282 -23.48 -25.16 7.90
N LEU C 283 -22.79 -26.26 8.24
CA LEU C 283 -22.07 -26.28 9.51
C LEU C 283 -20.90 -25.31 9.51
N GLU C 284 -20.17 -25.21 8.38
CA GLU C 284 -19.03 -24.31 8.32
C GLU C 284 -19.45 -22.84 8.31
N THR C 285 -20.66 -22.53 7.84
CA THR C 285 -21.13 -21.15 7.93
C THR C 285 -21.75 -20.85 9.29
N LYS C 286 -22.41 -21.83 9.91
CA LYS C 286 -22.96 -21.61 11.24
C LYS C 286 -21.89 -21.56 12.31
N ASP C 287 -20.72 -22.15 12.07
CA ASP C 287 -19.60 -22.07 12.99
C ASP C 287 -18.74 -20.83 12.74
N ALA C 288 -19.09 -19.99 11.77
CA ALA C 288 -18.24 -18.85 11.44
C ALA C 288 -19.02 -17.56 11.20
N VAL C 289 -20.34 -17.57 11.26
CA VAL C 289 -21.10 -16.34 11.01
C VAL C 289 -20.92 -15.32 12.13
N VAL C 290 -21.02 -15.75 13.40
CA VAL C 290 -20.89 -14.84 14.53
C VAL C 290 -19.98 -15.46 15.58
N GLU C 291 -19.64 -16.73 15.41
CA GLU C 291 -19.08 -17.52 16.51
C GLU C 291 -17.65 -17.11 16.86
N TRP C 292 -16.93 -16.49 15.92
CA TRP C 292 -15.56 -16.04 16.20
C TRP C 292 -15.53 -14.55 16.54
N THR C 293 -16.25 -14.21 17.63
CA THR C 293 -16.44 -12.84 18.12
C THR C 293 -16.95 -11.92 17.02
N LEU C 294 -18.11 -12.30 16.46
CA LEU C 294 -18.75 -11.69 15.29
C LEU C 294 -17.84 -11.62 14.06
N ASN C 295 -16.89 -12.57 13.96
CA ASN C 295 -15.84 -12.62 12.94
C ASN C 295 -15.10 -11.29 12.83
N GLY C 296 -14.84 -10.83 11.61
CA GLY C 296 -14.24 -9.52 11.41
C GLY C 296 -15.26 -8.47 11.01
N ASP C 297 -16.54 -8.76 11.28
CA ASP C 297 -17.62 -7.87 10.86
C ASP C 297 -18.54 -7.54 12.03
N VAL C 298 -19.68 -6.91 11.74
CA VAL C 298 -20.71 -6.64 12.73
C VAL C 298 -21.99 -7.34 12.30
N GLN C 299 -22.86 -7.59 13.27
CA GLN C 299 -24.11 -8.27 12.97
C GLN C 299 -25.09 -7.31 12.30
N ASP C 300 -25.13 -6.07 12.75
CA ASP C 300 -26.14 -5.13 12.29
C ASP C 300 -25.79 -4.61 10.90
N TYR C 301 -26.71 -4.86 9.94
CA TYR C 301 -26.64 -4.35 8.57
C TYR C 301 -25.40 -4.80 7.81
N SER C 302 -24.84 -5.96 8.18
CA SER C 302 -23.88 -6.65 7.32
C SER C 302 -24.39 -8.03 6.93
N TYR C 303 -24.74 -8.87 7.90
CA TYR C 303 -25.34 -10.15 7.56
C TYR C 303 -26.80 -10.00 7.15
N ARG C 304 -27.53 -9.06 7.76
CA ARG C 304 -28.89 -8.79 7.34
C ARG C 304 -28.97 -7.98 6.05
N TYR C 305 -27.84 -7.48 5.55
CA TYR C 305 -27.76 -6.94 4.20
C TYR C 305 -27.31 -8.00 3.21
N TYR C 306 -26.42 -8.90 3.64
CA TYR C 306 -26.01 -10.04 2.83
C TYR C 306 -27.19 -10.94 2.52
N GLN C 307 -28.05 -11.18 3.51
CA GLN C 307 -29.25 -11.98 3.31
C GLN C 307 -30.23 -11.32 2.34
N ARG C 308 -30.40 -10.00 2.41
CA ARG C 308 -31.25 -9.29 1.46
C ARG C 308 -30.70 -9.32 0.04
N GLU C 309 -29.38 -9.17 -0.11
CA GLU C 309 -28.76 -9.27 -1.44
C GLU C 309 -28.91 -10.66 -2.01
N LEU C 310 -28.73 -11.69 -1.19
CA LEU C 310 -28.92 -13.06 -1.66
C LEU C 310 -30.37 -13.37 -1.96
N ARG C 311 -31.31 -12.74 -1.25
CA ARG C 311 -32.72 -12.94 -1.55
C ARG C 311 -33.12 -12.28 -2.87
N ARG C 312 -32.57 -11.09 -3.15
CA ARG C 312 -32.80 -10.46 -4.46
C ARG C 312 -32.17 -11.29 -5.58
N CYS C 313 -30.99 -11.86 -5.32
CA CYS C 313 -30.32 -12.74 -6.28
C CYS C 313 -31.16 -13.99 -6.56
N TRP C 314 -31.76 -14.56 -5.51
CA TRP C 314 -32.65 -15.71 -5.67
C TRP C 314 -33.91 -15.33 -6.45
N GLY C 315 -34.44 -14.14 -6.23
CA GLY C 315 -35.61 -13.69 -6.98
C GLY C 315 -35.34 -13.52 -8.46
N ILE C 316 -34.18 -12.92 -8.80
CA ILE C 316 -33.79 -12.76 -10.19
C ILE C 316 -33.57 -14.11 -10.85
N GLN C 317 -32.90 -15.04 -10.15
CA GLN C 317 -32.66 -16.37 -10.72
C GLN C 317 -33.94 -17.18 -10.85
N LYS C 318 -34.89 -17.00 -9.92
CA LYS C 318 -36.19 -17.66 -10.05
C LYS C 318 -36.95 -17.15 -11.27
N GLN C 319 -36.91 -15.84 -11.51
CA GLN C 319 -37.52 -15.28 -12.71
C GLN C 319 -36.87 -15.81 -13.98
N LYS C 320 -35.53 -15.88 -13.99
CA LYS C 320 -34.81 -16.36 -15.17
C LYS C 320 -35.10 -17.82 -15.46
N ILE C 321 -35.11 -18.67 -14.42
CA ILE C 321 -35.36 -20.09 -14.60
C ILE C 321 -36.80 -20.35 -15.03
N HIS C 322 -37.76 -19.66 -14.40
CA HIS C 322 -39.16 -19.87 -14.77
C HIS C 322 -39.51 -19.22 -16.12
N LEU C 323 -38.68 -18.30 -16.61
CA LEU C 323 -38.92 -17.73 -17.93
C LEU C 323 -38.25 -18.52 -19.05
N ASP C 324 -37.07 -19.08 -18.80
CA ASP C 324 -36.30 -19.70 -19.87
C ASP C 324 -36.88 -21.06 -20.27
N PHE C 325 -36.94 -21.98 -19.33
CA PHE C 325 -37.34 -23.36 -19.64
C PHE C 325 -38.79 -23.54 -19.20
N ASN C 326 -39.71 -23.27 -20.13
CA ASN C 326 -41.14 -23.38 -19.86
C ASN C 326 -41.60 -24.80 -20.20
N GLY C 327 -41.99 -25.54 -19.17
CA GLY C 327 -42.55 -26.87 -19.36
C GLY C 327 -41.58 -28.00 -19.05
N ARG C 328 -41.70 -28.53 -17.84
CA ARG C 328 -40.86 -29.59 -17.31
C ARG C 328 -41.47 -30.05 -15.99
N PRO C 329 -41.16 -31.27 -15.54
CA PRO C 329 -41.40 -31.60 -14.12
C PRO C 329 -40.68 -30.64 -13.19
N GLU C 330 -41.33 -30.34 -12.06
CA GLU C 330 -40.91 -29.26 -11.18
C GLU C 330 -39.58 -29.53 -10.47
N THR C 331 -39.20 -30.81 -10.36
CA THR C 331 -37.92 -31.15 -9.75
C THR C 331 -36.75 -30.63 -10.57
N GLU C 332 -36.90 -30.64 -11.90
CA GLU C 332 -35.80 -30.21 -12.77
C GLU C 332 -35.61 -28.69 -12.72
N VAL C 333 -36.71 -27.92 -12.73
CA VAL C 333 -36.56 -26.48 -12.64
C VAL C 333 -36.14 -26.07 -11.23
N GLY C 334 -36.53 -26.84 -10.21
CA GLY C 334 -35.99 -26.59 -8.88
C GLY C 334 -34.49 -26.85 -8.79
N GLN C 335 -34.03 -27.93 -9.43
CA GLN C 335 -32.60 -28.25 -9.44
C GLN C 335 -31.81 -27.21 -10.22
N ARG C 336 -32.36 -26.73 -11.35
CA ARG C 336 -31.66 -25.69 -12.10
C ARG C 336 -31.66 -24.36 -11.36
N LEU C 337 -32.72 -24.05 -10.60
CA LEU C 337 -32.70 -22.86 -9.76
C LEU C 337 -31.65 -22.97 -8.67
N TYR C 338 -31.50 -24.17 -8.08
CA TYR C 338 -30.47 -24.39 -7.07
C TYR C 338 -29.07 -24.22 -7.66
N ILE C 339 -28.83 -24.79 -8.84
CA ILE C 339 -27.50 -24.71 -9.45
C ILE C 339 -27.19 -23.29 -9.92
N GLU C 340 -28.19 -22.58 -10.46
CA GLU C 340 -27.99 -21.20 -10.89
C GLU C 340 -27.73 -20.28 -9.69
N CYS C 341 -28.43 -20.49 -8.57
CA CYS C 341 -28.15 -19.72 -7.37
C CYS C 341 -26.76 -20.04 -6.81
N LEU C 342 -26.36 -21.32 -6.88
CA LEU C 342 -25.02 -21.72 -6.45
C LEU C 342 -23.93 -21.04 -7.27
N ASN C 343 -24.13 -20.96 -8.58
CA ASN C 343 -23.14 -20.32 -9.44
C ASN C 343 -23.19 -18.79 -9.35
N ASN C 344 -24.31 -18.21 -8.92
CA ASN C 344 -24.41 -16.76 -8.93
C ASN C 344 -24.01 -16.11 -7.61
N VAL C 345 -24.38 -16.70 -6.46
CA VAL C 345 -24.24 -15.96 -5.20
C VAL C 345 -22.82 -15.91 -4.66
N THR C 346 -21.84 -16.51 -5.35
CA THR C 346 -20.47 -16.49 -4.86
C THR C 346 -19.78 -15.15 -5.09
N ARG C 347 -20.39 -14.25 -5.86
CA ARG C 347 -19.78 -12.96 -6.19
C ARG C 347 -20.00 -11.89 -5.15
N TYR C 348 -20.85 -12.13 -4.16
CA TYR C 348 -21.26 -11.07 -3.24
C TYR C 348 -20.24 -10.91 -2.11
N TYR C 349 -20.27 -9.73 -1.50
CA TYR C 349 -19.30 -9.32 -0.50
C TYR C 349 -19.99 -9.10 0.84
N LEU C 350 -19.24 -9.34 1.92
CA LEU C 350 -19.71 -9.07 3.27
C LEU C 350 -19.00 -7.81 3.76
N GLU C 351 -19.68 -6.68 3.64
CA GLU C 351 -19.18 -5.30 3.81
C GLU C 351 -17.78 -5.10 3.23
N ASN C 352 -17.72 -5.28 1.90
CA ASN C 352 -16.52 -5.01 1.08
C ASN C 352 -15.33 -5.89 1.48
N LYS C 353 -15.58 -7.18 1.66
CA LYS C 353 -14.54 -8.15 1.93
C LYS C 353 -14.73 -9.37 1.04
N LYS C 354 -13.62 -10.00 0.66
CA LYS C 354 -13.68 -11.17 -0.20
C LYS C 354 -14.05 -12.39 0.62
N VAL C 355 -15.16 -13.02 0.28
CA VAL C 355 -15.75 -14.10 1.06
C VAL C 355 -15.81 -15.35 0.20
N GLY C 356 -15.46 -16.49 0.79
CA GLY C 356 -15.39 -17.74 0.07
C GLY C 356 -16.74 -18.32 -0.30
N ASP C 357 -16.69 -19.42 -1.04
CA ASP C 357 -17.90 -20.04 -1.58
C ASP C 357 -18.68 -20.82 -0.54
N PHE C 358 -17.99 -21.39 0.46
CA PHE C 358 -18.66 -22.16 1.51
C PHE C 358 -19.59 -21.28 2.32
N PHE C 359 -19.20 -20.01 2.55
CA PHE C 359 -20.03 -19.08 3.28
C PHE C 359 -21.29 -18.72 2.50
N ALA C 360 -21.17 -18.52 1.19
CA ALA C 360 -22.33 -18.19 0.37
C ALA C 360 -23.30 -19.36 0.28
N HIS C 361 -22.77 -20.59 0.12
CA HIS C 361 -23.67 -21.74 0.03
C HIS C 361 -24.32 -22.05 1.38
N GLY C 362 -23.58 -21.90 2.48
CA GLY C 362 -24.18 -22.07 3.79
C GLY C 362 -25.18 -21.00 4.15
N THR C 363 -24.95 -19.76 3.71
CA THR C 363 -25.94 -18.70 3.90
C THR C 363 -27.19 -18.97 3.10
N LEU C 364 -27.04 -19.49 1.87
CA LEU C 364 -28.20 -19.89 1.08
C LEU C 364 -29.00 -20.99 1.77
N HIS C 365 -28.29 -21.96 2.37
CA HIS C 365 -29.00 -23.04 3.07
C HIS C 365 -29.60 -22.57 4.39
N SER C 366 -29.00 -21.57 5.04
CA SER C 366 -29.56 -21.04 6.27
C SER C 366 -30.83 -20.23 6.01
N MET C 367 -30.85 -19.46 4.93
CA MET C 367 -32.09 -18.79 4.53
C MET C 367 -33.11 -19.80 4.02
N ALA C 368 -32.66 -20.91 3.44
CA ALA C 368 -33.58 -21.95 3.03
C ALA C 368 -34.13 -22.75 4.22
N ASP C 369 -33.43 -22.72 5.35
CA ASP C 369 -33.94 -23.39 6.56
C ASP C 369 -35.19 -22.71 7.08
N LYS C 370 -35.22 -21.38 7.07
CA LYS C 370 -36.33 -20.62 7.62
C LYS C 370 -37.43 -20.35 6.60
N LEU C 371 -37.47 -21.12 5.50
CA LEU C 371 -38.48 -21.06 4.44
C LEU C 371 -38.47 -19.72 3.69
N THR C 372 -37.41 -18.93 3.85
CA THR C 372 -37.33 -17.61 3.22
C THR C 372 -37.12 -17.73 1.72
N ILE C 373 -36.21 -18.62 1.30
CA ILE C 373 -35.99 -18.91 -0.11
C ILE C 373 -36.09 -20.41 -0.32
N GLY C 374 -36.68 -20.81 -1.43
CA GLY C 374 -36.92 -22.21 -1.69
C GLY C 374 -36.59 -22.57 -3.12
N TRP C 375 -36.07 -23.78 -3.30
CA TRP C 375 -35.72 -24.25 -4.62
C TRP C 375 -36.93 -24.81 -5.35
N HIS C 376 -37.79 -25.53 -4.65
CA HIS C 376 -38.99 -26.10 -5.25
C HIS C 376 -39.97 -24.99 -5.61
N PRO C 377 -40.70 -25.12 -6.72
CA PRO C 377 -41.69 -24.08 -7.08
C PRO C 377 -42.89 -24.00 -6.14
N GLU C 378 -43.14 -25.03 -5.34
CA GLU C 378 -44.24 -25.04 -4.38
C GLU C 378 -43.71 -25.37 -2.99
N PHE C 379 -42.60 -24.72 -2.60
CA PHE C 379 -41.95 -25.03 -1.34
C PHE C 379 -42.70 -24.51 -0.13
N ASP C 380 -43.51 -23.47 -0.29
CA ASP C 380 -44.25 -22.92 0.84
C ASP C 380 -45.61 -23.58 1.05
N LYS C 381 -45.98 -24.54 0.20
CA LYS C 381 -47.22 -25.29 0.36
C LYS C 381 -47.01 -26.72 0.85
N LYS C 382 -45.98 -27.41 0.35
CA LYS C 382 -45.73 -28.78 0.78
C LYS C 382 -45.16 -28.83 2.19
N LEU C 383 -44.48 -27.78 2.62
CA LEU C 383 -44.02 -27.68 4.00
C LEU C 383 -44.26 -26.28 4.54
N VAL D 9 21.55 -13.68 -13.84
CA VAL D 9 21.20 -13.09 -15.13
C VAL D 9 20.48 -14.16 -15.97
N SER D 10 19.40 -13.76 -16.62
CA SER D 10 18.75 -14.64 -17.58
C SER D 10 19.52 -14.55 -18.88
N SER D 11 20.37 -15.54 -19.14
CA SER D 11 21.11 -15.60 -20.39
C SER D 11 20.17 -15.76 -21.57
N TRP D 12 19.12 -16.56 -21.40
CA TRP D 12 18.10 -16.70 -22.43
C TRP D 12 17.19 -15.47 -22.40
N LEU D 13 17.30 -14.64 -23.44
CA LEU D 13 16.29 -13.63 -23.75
C LEU D 13 16.08 -13.47 -25.24
N GLY D 14 16.79 -14.21 -26.08
CA GLY D 14 17.04 -13.79 -27.45
C GLY D 14 18.32 -12.99 -27.44
N TYR D 15 19.36 -13.61 -26.89
CA TYR D 15 20.51 -12.88 -26.35
C TYR D 15 21.39 -12.29 -27.43
N LYS D 16 21.94 -11.11 -27.15
CA LYS D 16 23.05 -10.54 -27.91
C LYS D 16 24.10 -10.05 -26.92
N ILE D 17 25.30 -9.81 -27.44
CA ILE D 17 26.39 -9.27 -26.61
C ILE D 17 26.23 -7.76 -26.41
N GLN D 18 25.73 -7.05 -27.43
CA GLN D 18 25.58 -5.59 -27.41
C GLN D 18 24.55 -5.08 -26.41
N GLU D 19 23.72 -5.96 -25.85
CA GLU D 19 22.71 -5.54 -24.90
C GLU D 19 23.16 -5.67 -23.45
N TYR D 20 24.11 -6.57 -23.17
CA TYR D 20 24.68 -6.66 -21.82
C TYR D 20 25.57 -5.45 -21.53
N ARG D 21 26.40 -5.05 -22.50
CA ARG D 21 27.35 -3.98 -22.26
C ARG D 21 26.69 -2.61 -22.20
N LEU D 22 25.55 -2.44 -22.87
CA LEU D 22 24.78 -1.21 -22.71
C LEU D 22 24.16 -1.14 -21.32
N THR D 23 23.59 -2.25 -20.85
CA THR D 23 22.89 -2.25 -19.56
C THR D 23 23.85 -2.11 -18.39
N GLN D 24 25.07 -2.63 -18.51
CA GLN D 24 26.06 -2.41 -17.46
C GLN D 24 26.49 -0.95 -17.40
N ARG D 25 26.68 -0.32 -18.56
CA ARG D 25 27.06 1.09 -18.58
C ARG D 25 25.88 1.99 -18.26
N LEU D 26 24.65 1.56 -18.60
CA LEU D 26 23.47 2.31 -18.19
C LEU D 26 23.29 2.26 -16.67
N LEU D 27 23.57 1.10 -16.06
CA LEU D 27 23.51 0.97 -14.62
C LEU D 27 24.86 1.28 -13.98
N GLU D 28 25.47 2.37 -14.41
CA GLU D 28 26.62 2.96 -13.72
C GLU D 28 26.62 4.47 -13.83
N ALA D 29 25.63 5.07 -14.48
CA ALA D 29 25.58 6.50 -14.69
C ALA D 29 24.86 7.16 -13.51
N ASN D 30 24.75 8.48 -13.56
CA ASN D 30 24.06 9.23 -12.51
C ASN D 30 23.05 10.17 -13.16
N ASN D 31 21.88 9.62 -13.50
CA ASN D 31 20.70 10.35 -13.99
C ASN D 31 21.00 11.28 -15.16
N SER D 32 21.85 10.82 -16.09
CA SER D 32 22.25 11.59 -17.25
C SER D 32 22.12 10.73 -18.50
N SER D 33 21.90 11.39 -19.63
CA SER D 33 21.64 10.73 -20.89
C SER D 33 22.88 10.02 -21.41
N CYS D 34 22.67 8.83 -21.97
CA CYS D 34 23.73 8.01 -22.57
C CYS D 34 23.39 7.87 -24.05
N ILE D 35 24.35 8.20 -24.91
CA ILE D 35 24.12 8.13 -26.35
C ILE D 35 23.97 6.67 -26.81
N GLY D 36 24.73 5.77 -26.22
CA GLY D 36 24.67 4.40 -26.69
C GLY D 36 25.50 4.23 -27.94
N PHE D 37 25.41 3.04 -28.51
CA PHE D 37 26.31 2.67 -29.58
C PHE D 37 25.73 2.98 -30.94
N GLU D 38 26.60 2.94 -31.95
CA GLU D 38 26.25 2.58 -33.30
C GLU D 38 27.06 1.34 -33.63
N ILE D 39 26.39 0.28 -34.10
CA ILE D 39 27.00 -1.03 -34.21
C ILE D 39 27.96 -1.04 -35.40
N LEU D 40 29.26 -0.90 -35.11
CA LEU D 40 30.29 -0.82 -36.14
C LEU D 40 30.65 -2.23 -36.60
N ASP D 41 29.77 -2.78 -37.42
CA ASP D 41 29.95 -4.14 -37.93
C ASP D 41 29.33 -4.29 -39.32
N ASN D 64 41.05 -6.92 -38.88
CA ASN D 64 40.47 -5.66 -38.40
C ASN D 64 40.04 -4.78 -39.57
N ILE D 65 38.73 -4.76 -39.84
CA ILE D 65 38.21 -3.94 -40.94
C ILE D 65 38.22 -2.47 -40.56
N VAL D 66 38.17 -2.17 -39.26
CA VAL D 66 38.18 -0.78 -38.79
C VAL D 66 39.63 -0.36 -38.62
N SER D 67 40.08 0.55 -39.48
CA SER D 67 41.44 1.09 -39.41
C SER D 67 41.40 2.61 -39.39
N ASN D 68 42.56 3.24 -39.57
CA ASN D 68 42.59 4.70 -39.73
C ASN D 68 41.89 5.11 -41.01
N HIS D 69 42.06 4.34 -42.09
CA HIS D 69 41.28 4.51 -43.31
C HIS D 69 40.10 3.55 -43.24
N SER D 70 38.90 4.10 -43.01
CA SER D 70 37.72 3.27 -42.83
C SER D 70 36.52 3.97 -43.45
N LYS D 71 35.50 3.17 -43.77
CA LYS D 71 34.28 3.66 -44.41
C LYS D 71 33.09 3.71 -43.46
N ASP D 72 32.83 2.62 -42.74
CA ASP D 72 31.69 2.59 -41.83
C ASP D 72 31.92 3.39 -40.56
N LEU D 73 33.17 3.72 -40.23
CA LEU D 73 33.45 4.48 -39.03
C LEU D 73 33.05 5.94 -39.19
N TRP D 74 33.39 6.56 -40.33
CA TRP D 74 33.23 8.00 -40.47
C TRP D 74 31.79 8.42 -40.73
N LYS D 75 30.94 7.53 -41.22
CA LYS D 75 29.52 7.88 -41.35
C LYS D 75 28.83 7.92 -40.00
N THR D 76 29.37 7.18 -39.02
CA THR D 76 28.80 7.19 -37.67
C THR D 76 29.07 8.51 -36.97
N LEU D 77 30.31 8.99 -37.01
CA LEU D 77 30.67 10.22 -36.30
C LEU D 77 30.18 11.48 -37.01
N SER D 78 29.83 11.39 -38.30
CA SER D 78 29.47 12.58 -39.05
C SER D 78 28.11 13.12 -38.65
N ASN D 79 27.12 12.25 -38.50
CA ASN D 79 25.79 12.68 -38.09
C ASN D 79 25.72 13.02 -36.61
N TRP D 80 26.73 12.65 -35.83
CA TRP D 80 26.75 12.98 -34.41
C TRP D 80 27.00 14.47 -34.18
N MET D 81 27.67 15.13 -35.13
CA MET D 81 27.93 16.56 -35.01
C MET D 81 26.66 17.39 -35.22
N ASP D 82 25.71 16.89 -36.03
CA ASP D 82 24.47 17.62 -36.26
C ASP D 82 23.57 17.59 -35.03
N LEU D 83 23.59 16.50 -34.26
CA LEU D 83 22.71 16.39 -33.10
C LEU D 83 23.18 17.27 -31.95
N ILE D 84 24.48 17.58 -31.89
CA ILE D 84 25.00 18.46 -30.84
C ILE D 84 24.51 19.88 -31.07
N ASP D 85 24.64 20.38 -32.31
CA ASP D 85 24.26 21.75 -32.62
C ASP D 85 22.75 21.95 -32.72
N SER D 86 21.99 20.87 -32.84
CA SER D 86 20.53 20.97 -32.88
C SER D 86 19.90 21.03 -31.50
N GLY D 87 20.68 20.91 -30.43
CA GLY D 87 20.15 20.93 -29.09
C GLY D 87 19.47 19.66 -28.65
N GLU D 88 19.67 18.55 -29.36
CA GLU D 88 19.05 17.28 -28.98
C GLU D 88 19.66 16.73 -27.69
N ILE D 89 20.99 16.83 -27.55
CA ILE D 89 21.68 16.38 -26.35
C ILE D 89 22.66 17.46 -25.92
N ASP D 90 23.02 17.43 -24.65
CA ASP D 90 24.03 18.31 -24.09
C ASP D 90 25.31 17.53 -23.86
N VAL D 91 26.44 18.14 -24.22
CA VAL D 91 27.71 17.42 -24.21
C VAL D 91 28.23 17.22 -22.78
N ASP D 92 27.77 18.04 -21.83
CA ASP D 92 28.29 17.97 -20.48
C ASP D 92 27.80 16.73 -19.74
N ASN D 93 26.49 16.53 -19.69
CA ASN D 93 25.93 15.36 -19.01
C ASN D 93 25.69 14.20 -19.98
N THR D 94 26.72 13.83 -20.74
CA THR D 94 26.62 12.71 -21.66
C THR D 94 27.98 12.02 -21.76
N ILE D 95 28.02 10.74 -21.43
CA ILE D 95 29.18 9.89 -21.65
C ILE D 95 29.04 9.29 -23.05
N PHE D 96 30.08 9.46 -23.86
CA PHE D 96 30.00 9.10 -25.27
C PHE D 96 30.74 7.79 -25.50
N LEU D 97 30.09 6.86 -26.20
CA LEU D 97 30.47 5.46 -26.11
C LEU D 97 30.14 4.72 -27.40
N LEU D 98 31.07 3.90 -27.87
CA LEU D 98 30.93 3.13 -29.11
C LEU D 98 31.37 1.69 -28.87
N PHE D 99 30.76 0.76 -29.59
CA PHE D 99 30.97 -0.66 -29.37
C PHE D 99 31.35 -1.33 -30.69
N THR D 100 32.40 -2.14 -30.65
CA THR D 100 32.72 -3.09 -31.72
C THR D 100 32.82 -4.48 -31.11
N ASN D 101 32.30 -5.48 -31.86
CA ASN D 101 32.22 -6.85 -31.34
C ASN D 101 33.61 -7.45 -31.11
N LYS D 102 34.54 -7.19 -32.03
CA LYS D 102 35.94 -7.55 -31.85
C LYS D 102 36.76 -6.26 -31.93
N ARG D 103 37.70 -6.10 -31.01
CA ARG D 103 38.51 -4.89 -30.96
C ARG D 103 39.44 -4.82 -32.16
N CYS D 104 39.43 -3.67 -32.83
CA CYS D 104 40.25 -3.45 -34.02
C CYS D 104 41.38 -2.47 -33.70
N HIS D 105 42.58 -2.81 -34.15
CA HIS D 105 43.77 -2.00 -33.88
C HIS D 105 43.79 -0.83 -34.85
N SER D 106 43.54 0.37 -34.32
CA SER D 106 43.56 1.59 -35.13
C SER D 106 44.02 2.73 -34.24
N GLU D 107 45.06 3.44 -34.68
CA GLU D 107 45.63 4.53 -33.89
C GLU D 107 44.69 5.73 -33.81
N VAL D 108 43.80 5.89 -34.79
CA VAL D 108 42.79 6.94 -34.72
C VAL D 108 41.78 6.61 -33.61
N LEU D 109 41.32 5.36 -33.58
CA LEU D 109 40.23 4.98 -32.67
C LEU D 109 40.67 4.94 -31.22
N GLN D 110 41.92 4.56 -30.95
CA GLN D 110 42.42 4.54 -29.58
C GLN D 110 42.77 5.92 -29.05
N LEU D 111 42.82 6.94 -29.91
CA LEU D 111 43.21 8.28 -29.47
C LEU D 111 42.09 8.93 -28.66
N LEU D 112 40.85 8.85 -29.14
CA LEU D 112 39.74 9.48 -28.44
C LEU D 112 39.32 8.73 -27.19
N SER D 113 39.66 7.44 -27.08
CA SER D 113 39.28 6.66 -25.91
C SER D 113 40.07 7.07 -24.68
N THR D 114 41.33 7.46 -24.85
CA THR D 114 42.14 7.91 -23.73
C THR D 114 42.06 9.41 -23.51
N SER D 115 41.74 10.17 -24.54
CA SER D 115 41.68 11.64 -24.46
C SER D 115 40.35 12.04 -23.84
N GLN D 116 40.39 12.47 -22.57
CA GLN D 116 39.22 12.99 -21.90
C GLN D 116 39.40 14.38 -21.32
N ALA D 117 40.60 14.93 -21.35
CA ALA D 117 40.89 16.25 -20.80
C ALA D 117 40.88 17.29 -21.91
N THR D 118 41.07 18.56 -21.51
CA THR D 118 41.08 19.65 -22.47
C THR D 118 42.37 19.64 -23.29
N GLU D 119 43.51 19.43 -22.64
CA GLU D 119 44.78 19.41 -23.35
C GLU D 119 44.94 18.17 -24.22
N GLU D 120 44.28 17.07 -23.85
CA GLU D 120 44.32 15.87 -24.69
C GLU D 120 43.43 16.01 -25.91
N ALA D 121 42.27 16.66 -25.75
CA ALA D 121 41.35 16.82 -26.88
C ALA D 121 41.89 17.80 -27.91
N SER D 122 42.60 18.85 -27.47
CA SER D 122 43.17 19.81 -28.40
C SER D 122 44.32 19.20 -29.20
N LYS D 123 45.14 18.38 -28.55
CA LYS D 123 46.27 17.76 -29.23
C LYS D 123 45.86 16.60 -30.12
N ALA D 124 44.64 16.08 -29.95
CA ALA D 124 44.19 14.96 -30.77
C ALA D 124 43.42 15.38 -32.01
N PHE D 125 42.92 16.62 -32.05
CA PHE D 125 42.22 17.10 -33.24
C PHE D 125 43.19 17.28 -34.40
N ASP D 126 44.38 17.81 -34.14
CA ASP D 126 45.39 17.93 -35.18
C ASP D 126 46.06 16.60 -35.48
N GLU D 127 46.17 15.72 -34.49
CA GLU D 127 46.84 14.44 -34.69
C GLU D 127 45.99 13.48 -35.52
N ILE D 128 44.67 13.53 -35.34
CA ILE D 128 43.77 12.70 -36.14
C ILE D 128 43.73 13.20 -37.58
N LEU D 129 43.62 14.52 -37.76
CA LEU D 129 43.51 15.11 -39.09
C LEU D 129 44.79 14.99 -39.91
N LYS D 130 45.94 14.82 -39.26
CA LYS D 130 47.18 14.55 -39.97
C LYS D 130 47.30 13.09 -40.42
N ILE D 131 46.48 12.20 -39.86
CA ILE D 131 46.50 10.79 -40.25
C ILE D 131 45.53 10.52 -41.38
N VAL D 132 44.33 11.08 -41.32
CA VAL D 132 43.31 10.87 -42.34
C VAL D 132 43.32 11.98 -43.39
N SER D 133 44.43 12.71 -43.50
CA SER D 133 44.56 13.76 -44.50
C SER D 133 44.57 13.18 -45.90
N HIS D 134 43.96 13.93 -46.84
CA HIS D 134 43.64 13.54 -48.21
C HIS D 134 42.88 12.22 -48.24
N PRO D 135 41.60 12.20 -47.81
CA PRO D 135 40.86 10.93 -47.78
C PRO D 135 40.15 10.64 -49.09
N SER D 136 39.39 9.54 -49.12
CA SER D 136 38.54 9.26 -50.25
C SER D 136 37.38 10.26 -50.30
N PRO D 137 36.92 10.63 -51.49
CA PRO D 137 35.78 11.57 -51.60
C PRO D 137 34.47 11.01 -51.05
N SER D 138 34.32 9.69 -50.95
CA SER D 138 33.12 9.12 -50.35
C SER D 138 33.07 9.34 -48.84
N ILE D 139 34.22 9.53 -48.20
CA ILE D 139 34.29 9.82 -46.78
C ILE D 139 34.83 11.22 -46.49
N ALA D 140 35.13 12.01 -47.52
CA ALA D 140 35.58 13.38 -47.30
C ALA D 140 34.45 14.29 -46.84
N ASN D 141 33.21 13.97 -47.23
CA ASN D 141 32.06 14.73 -46.75
C ASN D 141 31.82 14.50 -45.27
N TYR D 142 32.13 13.29 -44.77
CA TYR D 142 32.05 13.03 -43.34
C TYR D 142 33.13 13.79 -42.58
N LEU D 143 34.31 13.95 -43.18
CA LEU D 143 35.36 14.74 -42.55
C LEU D 143 35.03 16.23 -42.55
N ASN D 144 34.29 16.69 -43.56
CA ASN D 144 33.89 18.10 -43.62
C ASN D 144 32.89 18.46 -42.53
N ASN D 145 31.99 17.52 -42.19
CA ASN D 145 31.06 17.77 -41.10
C ASN D 145 31.74 17.71 -39.74
N PHE D 146 32.80 16.92 -39.61
CA PHE D 146 33.55 16.86 -38.36
C PHE D 146 34.44 18.09 -38.18
N SER D 147 34.99 18.63 -39.26
CA SER D 147 35.88 19.77 -39.19
C SER D 147 35.17 21.10 -39.35
N LYS D 148 33.87 21.16 -39.05
CA LYS D 148 33.12 22.40 -39.14
C LYS D 148 33.30 23.31 -37.93
N SER D 149 33.92 22.81 -36.86
CA SER D 149 34.11 23.59 -35.65
C SER D 149 35.34 23.09 -34.92
N LYS D 150 35.73 23.82 -33.88
CA LYS D 150 36.89 23.47 -33.06
C LYS D 150 36.51 23.16 -31.62
N THR D 151 35.75 24.04 -30.97
CA THR D 151 35.36 23.80 -29.58
C THR D 151 34.29 22.72 -29.49
N ASP D 152 33.37 22.68 -30.46
CA ASP D 152 32.36 21.62 -30.47
C ASP D 152 32.95 20.28 -30.90
N ALA D 153 34.02 20.31 -31.70
CA ALA D 153 34.65 19.07 -32.14
C ALA D 153 35.43 18.41 -31.02
N CYS D 154 36.17 19.20 -30.23
CA CYS D 154 36.98 18.64 -29.17
C CYS D 154 36.15 18.23 -27.95
N ARG D 155 34.92 18.74 -27.83
CA ARG D 155 34.05 18.30 -26.74
C ARG D 155 33.53 16.89 -26.96
N LEU D 156 33.33 16.50 -28.21
CA LEU D 156 32.99 15.10 -28.50
C LEU D 156 34.16 14.17 -28.24
N ILE D 157 35.39 14.66 -28.43
CA ILE D 157 36.57 13.86 -28.13
C ILE D 157 36.71 13.66 -26.63
N SER D 158 36.40 14.69 -25.84
CA SER D 158 36.58 14.64 -24.39
C SER D 158 35.59 13.71 -23.71
N LYS D 159 34.49 13.35 -24.37
CA LYS D 159 33.52 12.42 -23.80
C LYS D 159 33.57 11.03 -24.44
N PHE D 160 34.29 10.87 -25.55
CA PHE D 160 34.27 9.61 -26.29
C PHE D 160 35.02 8.53 -25.55
N THR D 161 34.43 7.34 -25.48
CA THR D 161 35.07 6.16 -24.90
C THR D 161 34.83 4.97 -25.82
N TYR D 162 35.85 4.14 -25.99
CA TYR D 162 35.77 2.98 -26.87
C TYR D 162 35.86 1.71 -26.04
N ILE D 163 34.86 0.85 -26.17
CA ILE D 163 34.87 -0.44 -25.47
C ILE D 163 34.90 -1.55 -26.51
N TYR D 164 34.97 -2.79 -26.03
CA TYR D 164 34.97 -3.96 -26.91
C TYR D 164 34.32 -5.11 -26.17
N GLY D 165 33.88 -6.10 -26.94
CA GLY D 165 33.19 -7.24 -26.36
C GLY D 165 34.11 -8.16 -25.59
N SER D 166 33.50 -8.94 -24.70
CA SER D 166 34.23 -9.89 -23.87
C SER D 166 33.39 -11.15 -23.72
N GLY D 167 34.07 -12.25 -23.39
CA GLY D 167 33.38 -13.50 -23.16
C GLY D 167 32.52 -13.48 -21.89
N SER D 168 33.00 -12.82 -20.85
CA SER D 168 32.28 -12.73 -19.58
C SER D 168 31.38 -11.50 -19.53
N ALA D 169 30.52 -11.37 -20.54
CA ALA D 169 29.59 -10.25 -20.62
C ALA D 169 28.35 -10.38 -19.73
N PRO D 170 27.67 -11.54 -19.61
CA PRO D 170 26.57 -11.58 -18.62
C PRO D 170 27.06 -11.69 -17.19
N HIS D 171 28.26 -12.21 -16.95
CA HIS D 171 28.76 -12.33 -15.59
C HIS D 171 29.15 -10.98 -15.01
N ASP D 172 29.56 -10.04 -15.86
CA ASP D 172 29.83 -8.69 -15.39
C ASP D 172 28.55 -7.94 -15.07
N LEU D 173 27.42 -8.35 -15.65
CA LEU D 173 26.15 -7.67 -15.37
C LEU D 173 25.58 -8.07 -14.02
N ARG D 174 25.77 -9.33 -13.62
CA ARG D 174 25.35 -9.76 -12.29
C ARG D 174 26.18 -9.09 -11.20
N GLU D 175 27.48 -8.92 -11.44
CA GLU D 175 28.34 -8.26 -10.47
C GLU D 175 28.02 -6.78 -10.35
N SER D 176 27.77 -6.12 -11.47
CA SER D 176 27.47 -4.69 -11.45
C SER D 176 26.08 -4.39 -10.91
N TYR D 177 25.14 -5.34 -11.00
CA TYR D 177 23.82 -5.10 -10.45
C TYR D 177 23.84 -5.20 -8.92
N LYS D 178 24.60 -6.13 -8.38
CA LYS D 178 24.59 -6.39 -6.95
C LYS D 178 25.54 -5.47 -6.18
N LEU D 179 26.23 -4.56 -6.85
CA LEU D 179 27.17 -3.71 -6.14
C LEU D 179 26.91 -2.22 -6.34
N HIS D 180 26.46 -1.79 -7.51
CA HIS D 180 26.16 -0.39 -7.73
C HIS D 180 24.74 0.02 -7.34
N ARG D 181 23.86 -0.93 -7.08
CA ARG D 181 22.44 -0.64 -6.85
C ARG D 181 22.14 -0.79 -5.37
N LEU D 182 21.77 0.32 -4.72
CA LEU D 182 21.38 0.32 -3.32
C LEU D 182 20.00 -0.29 -3.20
N GLY D 183 19.93 -1.54 -2.77
CA GLY D 183 18.66 -2.22 -2.66
C GLY D 183 18.43 -3.24 -3.75
N ALA D 184 19.50 -3.95 -4.12
CA ALA D 184 19.38 -5.00 -5.13
C ALA D 184 18.65 -6.19 -4.54
N LEU D 185 17.62 -6.65 -5.23
CA LEU D 185 16.86 -7.81 -4.79
C LEU D 185 17.67 -9.06 -5.07
N GLU D 186 18.13 -9.73 -4.01
CA GLU D 186 18.96 -10.92 -4.14
C GLU D 186 18.14 -12.21 -4.14
N GLU D 187 16.84 -12.12 -4.46
CA GLU D 187 15.98 -13.30 -4.40
C GLU D 187 15.35 -13.65 -5.74
N HIS D 188 15.08 -12.67 -6.61
CA HIS D 188 14.58 -12.97 -7.96
C HIS D 188 15.33 -12.18 -9.01
N LEU D 189 16.65 -12.02 -8.86
CA LEU D 189 17.36 -11.18 -9.82
C LEU D 189 17.66 -11.90 -11.13
N ASP D 190 17.40 -13.20 -11.22
CA ASP D 190 17.46 -13.89 -12.51
C ASP D 190 16.22 -13.63 -13.35
N GLU D 191 15.12 -13.21 -12.73
CA GLU D 191 13.91 -12.83 -13.44
C GLU D 191 13.71 -11.32 -13.54
N ILE D 192 14.33 -10.54 -12.66
CA ILE D 192 14.35 -9.10 -12.81
C ILE D 192 15.13 -8.70 -14.06
N MET D 193 16.29 -9.32 -14.26
CA MET D 193 17.17 -8.86 -15.32
C MET D 193 16.80 -9.40 -16.68
N TYR D 194 15.85 -10.33 -16.75
CA TYR D 194 15.23 -10.64 -18.04
C TYR D 194 14.42 -9.45 -18.54
N GLU D 195 13.71 -8.77 -17.62
CA GLU D 195 12.83 -7.69 -18.03
C GLU D 195 13.61 -6.43 -18.39
N ILE D 196 14.65 -6.10 -17.62
CA ILE D 196 15.39 -4.87 -17.87
C ILE D 196 16.33 -5.00 -19.07
N LEU D 197 16.72 -6.22 -19.44
CA LEU D 197 17.47 -6.39 -20.67
C LEU D 197 16.56 -6.32 -21.89
N GLY D 198 15.32 -6.79 -21.78
CA GLY D 198 14.37 -6.68 -22.86
C GLY D 198 13.89 -5.27 -23.11
N TRP D 199 13.93 -4.42 -22.09
CA TRP D 199 13.65 -3.00 -22.30
C TRP D 199 14.76 -2.34 -23.12
N VAL D 200 16.01 -2.68 -22.81
CA VAL D 200 17.14 -2.19 -23.61
C VAL D 200 17.11 -2.81 -25.00
N SER D 201 16.72 -4.09 -25.09
CA SER D 201 16.58 -4.76 -26.38
C SER D 201 15.49 -4.11 -27.23
N ASP D 202 14.40 -3.67 -26.61
CA ASP D 202 13.32 -3.03 -27.36
C ASP D 202 13.72 -1.65 -27.85
N VAL D 203 14.59 -0.96 -27.12
CA VAL D 203 15.08 0.35 -27.58
C VAL D 203 16.02 0.16 -28.77
N LEU D 204 16.92 -0.83 -28.69
CA LEU D 204 17.88 -1.05 -29.77
C LEU D 204 17.22 -1.59 -31.03
N THR D 205 16.15 -2.37 -30.88
CA THR D 205 15.41 -2.85 -32.04
C THR D 205 14.64 -1.71 -32.71
N LEU D 206 14.02 -0.84 -31.90
CA LEU D 206 13.26 0.29 -32.43
C LEU D 206 14.16 1.29 -33.15
N ALA D 207 15.38 1.50 -32.64
CA ALA D 207 16.34 2.37 -33.31
C ALA D 207 17.01 1.70 -34.51
N ALA D 208 16.76 0.41 -34.73
CA ALA D 208 17.30 -0.28 -35.90
C ALA D 208 16.27 -0.49 -37.00
N GLU D 209 14.97 -0.50 -36.67
CA GLU D 209 13.93 -0.59 -37.69
C GLU D 209 13.90 0.67 -38.54
N LYS D 210 13.83 1.83 -37.89
CA LYS D 210 14.06 3.10 -38.56
C LYS D 210 15.48 3.57 -38.23
N ARG D 211 16.26 3.87 -39.27
CA ARG D 211 17.67 4.17 -39.08
C ARG D 211 17.81 5.58 -38.51
N GLN D 212 17.75 5.66 -37.18
CA GLN D 212 17.92 6.88 -36.41
C GLN D 212 18.86 6.48 -35.28
N PRO D 213 19.83 7.32 -34.92
CA PRO D 213 20.76 6.97 -33.84
C PRO D 213 20.06 6.84 -32.49
N THR D 214 20.55 5.91 -31.68
CA THR D 214 19.92 5.60 -30.41
C THR D 214 20.10 6.74 -29.41
N ILE D 215 19.05 7.00 -28.64
CA ILE D 215 19.10 7.88 -27.48
C ILE D 215 18.35 7.16 -26.37
N VAL D 216 19.05 6.87 -25.27
CA VAL D 216 18.43 6.27 -24.09
C VAL D 216 18.82 7.12 -22.88
N ARG D 217 17.81 7.50 -22.10
CA ARG D 217 18.03 8.34 -20.93
C ARG D 217 18.01 7.48 -19.68
N ALA D 218 18.94 7.75 -18.78
CA ALA D 218 19.02 6.99 -17.52
C ALA D 218 17.84 7.29 -16.61
N LYS D 219 17.19 8.45 -16.76
CA LYS D 219 15.97 8.73 -16.03
C LYS D 219 14.85 7.79 -16.46
N ASP D 220 14.70 7.57 -17.77
CA ASP D 220 13.73 6.59 -18.26
C ASP D 220 14.19 5.16 -18.05
N PHE D 221 15.50 4.94 -17.96
CA PHE D 221 16.02 3.60 -17.68
C PHE D 221 15.71 3.17 -16.26
N GLY D 222 15.90 4.07 -15.30
CA GLY D 222 15.61 3.75 -13.91
C GLY D 222 14.13 3.71 -13.59
N ALA D 223 13.31 4.42 -14.36
CA ALA D 223 11.87 4.39 -14.12
C ALA D 223 11.27 3.03 -14.46
N ARG D 224 11.80 2.37 -15.49
CA ARG D 224 11.43 0.97 -15.70
C ARG D 224 12.15 0.05 -14.73
N LEU D 225 13.40 0.40 -14.37
CA LEU D 225 14.14 -0.40 -13.40
C LEU D 225 13.53 -0.30 -12.02
N GLY D 226 13.01 0.87 -11.65
CA GLY D 226 12.30 1.00 -10.39
C GLY D 226 10.96 0.31 -10.37
N GLU D 227 10.37 0.06 -11.54
CA GLU D 227 9.07 -0.60 -11.62
C GLU D 227 9.17 -2.11 -11.73
N ILE D 228 10.27 -2.62 -12.31
CA ILE D 228 10.50 -4.06 -12.29
C ILE D 228 10.84 -4.51 -10.88
N GLU D 229 11.66 -3.75 -10.17
CA GLU D 229 12.02 -4.09 -8.80
C GLU D 229 10.85 -3.95 -7.84
N SER D 230 9.92 -3.04 -8.12
CA SER D 230 8.73 -2.89 -7.29
C SER D 230 7.65 -3.90 -7.61
N LYS D 231 7.80 -4.66 -8.70
CA LYS D 231 6.87 -5.74 -9.02
C LYS D 231 7.23 -7.02 -8.29
N TYR D 232 8.53 -7.29 -8.15
CA TYR D 232 9.02 -8.46 -7.43
C TYR D 232 9.24 -8.20 -5.94
N ARG D 233 8.57 -7.21 -5.39
CA ARG D 233 8.60 -6.93 -3.95
C ARG D 233 7.24 -7.03 -3.29
N GLN D 234 6.16 -6.75 -4.00
CA GLN D 234 4.82 -6.89 -3.44
C GLN D 234 4.46 -8.36 -3.33
N LYS D 235 4.05 -8.78 -2.14
CA LYS D 235 3.73 -10.17 -1.86
C LYS D 235 2.29 -10.52 -2.19
N THR D 236 1.47 -9.53 -2.57
CA THR D 236 0.07 -9.80 -2.91
C THR D 236 -0.11 -10.37 -4.31
N ILE D 237 0.93 -10.36 -5.13
CA ILE D 237 0.86 -10.82 -6.51
C ILE D 237 1.75 -12.05 -6.67
N LEU D 238 1.26 -13.03 -7.42
CA LEU D 238 2.00 -14.26 -7.68
C LEU D 238 2.61 -14.16 -9.07
N ASN D 239 3.94 -14.16 -9.15
CA ASN D 239 4.67 -13.94 -10.39
C ASN D 239 5.30 -15.23 -10.89
N TYR D 240 5.23 -15.44 -12.20
CA TYR D 240 5.95 -16.53 -12.85
C TYR D 240 6.32 -16.11 -14.27
N PHE D 241 7.52 -16.52 -14.68
CA PHE D 241 8.04 -16.25 -16.01
C PHE D 241 7.44 -17.24 -16.99
N CYS D 242 6.41 -16.80 -17.72
CA CYS D 242 5.59 -17.65 -18.57
C CYS D 242 6.22 -17.69 -19.96
N ASN D 243 6.89 -18.80 -20.30
CA ASN D 243 7.61 -18.86 -21.57
C ASN D 243 7.50 -20.18 -22.33
N ARG D 244 6.84 -21.20 -21.81
CA ARG D 244 6.68 -22.43 -22.57
C ARG D 244 5.66 -22.23 -23.68
N SER D 245 5.94 -22.83 -24.84
CA SER D 245 5.10 -22.67 -26.01
C SER D 245 4.82 -24.04 -26.64
N SER D 246 4.12 -24.01 -27.78
CA SER D 246 3.67 -25.24 -28.41
C SER D 246 4.80 -26.00 -29.11
N GLU D 247 5.92 -25.34 -29.41
CA GLU D 247 7.01 -25.98 -30.12
C GLU D 247 8.12 -26.46 -29.20
N SER D 248 7.89 -26.45 -27.88
CA SER D 248 8.90 -26.90 -26.94
C SER D 248 9.01 -28.42 -26.96
N GLU D 249 10.14 -28.92 -26.46
CA GLU D 249 10.39 -30.36 -26.44
C GLU D 249 9.57 -31.06 -25.37
N ASP D 250 9.38 -30.40 -24.22
CA ASP D 250 8.66 -31.00 -23.10
C ASP D 250 7.18 -31.23 -23.44
N VAL D 251 6.57 -30.29 -24.16
CA VAL D 251 5.16 -30.42 -24.53
C VAL D 251 4.96 -31.57 -25.51
N GLN D 252 5.85 -31.70 -26.49
CA GLN D 252 5.76 -32.81 -27.45
C GLN D 252 6.03 -34.15 -26.80
N ASN D 253 7.01 -34.20 -25.88
CA ASN D 253 7.29 -35.45 -25.17
C ASN D 253 6.14 -35.83 -24.23
N THR D 254 5.49 -34.85 -23.62
CA THR D 254 4.34 -35.14 -22.76
C THR D 254 3.13 -35.59 -23.57
N ILE D 255 2.94 -35.04 -24.77
CA ILE D 255 1.85 -35.50 -25.63
C ILE D 255 2.12 -36.93 -26.10
N LYS D 256 3.34 -37.21 -26.54
CA LYS D 256 3.66 -38.54 -27.03
C LYS D 256 3.82 -39.58 -25.91
N ASP D 257 3.97 -39.15 -24.66
CA ASP D 257 4.07 -40.09 -23.54
C ASP D 257 2.71 -40.65 -23.13
N ALA D 258 1.62 -39.96 -23.49
CA ALA D 258 0.22 -40.27 -23.15
C ALA D 258 -0.01 -40.49 -21.66
N PRO D 259 0.01 -39.43 -20.84
CA PRO D 259 -0.34 -39.58 -19.42
C PRO D 259 -1.84 -39.66 -19.19
N ASN D 260 -2.25 -39.59 -17.93
CA ASN D 260 -3.65 -39.81 -17.58
C ASN D 260 -4.56 -38.69 -18.08
N TYR D 261 -4.12 -37.43 -17.97
CA TYR D 261 -5.00 -36.32 -18.34
C TYR D 261 -5.14 -36.14 -19.84
N ILE D 262 -4.10 -36.50 -20.61
CA ILE D 262 -4.20 -36.46 -22.07
C ILE D 262 -5.17 -37.53 -22.56
N LYS D 263 -5.19 -38.69 -21.90
CA LYS D 263 -6.14 -39.74 -22.25
C LYS D 263 -7.58 -39.31 -22.01
N GLN D 264 -7.85 -38.65 -20.87
CA GLN D 264 -9.17 -38.11 -20.59
C GLN D 264 -9.56 -37.02 -21.57
N LEU D 265 -8.58 -36.23 -22.03
CA LEU D 265 -8.82 -35.28 -23.11
C LEU D 265 -9.10 -36.00 -24.43
N ASN D 266 -8.62 -37.24 -24.58
CA ASN D 266 -8.80 -38.00 -25.81
C ASN D 266 -10.08 -38.80 -25.84
N LEU D 267 -10.71 -39.08 -24.69
CA LEU D 267 -12.01 -39.73 -24.73
C LEU D 267 -13.09 -38.82 -25.28
N ILE D 268 -12.99 -37.50 -25.03
CA ILE D 268 -14.01 -36.57 -25.50
C ILE D 268 -13.73 -36.05 -26.91
N ASN D 269 -12.65 -36.54 -27.55
CA ASN D 269 -12.33 -36.29 -28.97
C ASN D 269 -12.13 -34.81 -29.27
N VAL D 270 -11.20 -34.19 -28.54
CA VAL D 270 -10.81 -32.82 -28.83
C VAL D 270 -9.78 -32.84 -29.94
N ASP D 271 -9.49 -31.68 -30.51
CA ASP D 271 -8.45 -31.56 -31.53
C ASP D 271 -7.07 -31.53 -30.87
N ASP D 272 -6.03 -31.48 -31.71
CA ASP D 272 -4.66 -31.52 -31.20
C ASP D 272 -4.26 -30.22 -30.50
N SER D 273 -4.91 -29.10 -30.84
CA SER D 273 -4.56 -27.82 -30.22
C SER D 273 -4.91 -27.80 -28.74
N GLU D 274 -6.04 -28.40 -28.36
CA GLU D 274 -6.40 -28.48 -26.95
C GLU D 274 -5.47 -29.42 -26.19
N LEU D 275 -4.99 -30.48 -26.83
CA LEU D 275 -3.99 -31.34 -26.21
C LEU D 275 -2.68 -30.59 -25.99
N GLU D 276 -2.27 -29.78 -26.98
CA GLU D 276 -1.06 -28.99 -26.84
C GLU D 276 -1.18 -27.96 -25.73
N GLU D 277 -2.33 -27.29 -25.64
CA GLU D 277 -2.53 -26.29 -24.59
C GLU D 277 -2.66 -26.93 -23.21
N ALA D 278 -3.25 -28.12 -23.13
CA ALA D 278 -3.32 -28.84 -21.86
C ALA D 278 -1.94 -29.26 -21.38
N ALA D 279 -1.10 -29.77 -22.30
CA ALA D 279 0.27 -30.15 -21.92
C ALA D 279 1.12 -28.93 -21.58
N ILE D 280 0.83 -27.78 -22.19
CA ILE D 280 1.49 -26.54 -21.83
C ILE D 280 1.10 -26.11 -20.41
N ALA D 281 -0.21 -26.13 -20.12
CA ALA D 281 -0.72 -25.58 -18.88
C ALA D 281 -0.36 -26.45 -17.69
N ASN D 282 -0.38 -27.77 -17.86
CA ASN D 282 -0.03 -28.68 -16.77
C ASN D 282 1.43 -28.54 -16.36
N LEU D 283 2.33 -28.41 -17.35
CA LEU D 283 3.74 -28.27 -17.05
C LEU D 283 4.04 -26.94 -16.36
N GLU D 284 3.44 -25.85 -16.83
CA GLU D 284 3.68 -24.58 -16.13
C GLU D 284 3.00 -24.52 -14.77
N THR D 285 1.88 -25.23 -14.58
CA THR D 285 1.26 -25.30 -13.25
C THR D 285 2.14 -26.06 -12.26
N LYS D 286 2.69 -27.20 -12.69
CA LYS D 286 3.57 -27.98 -11.81
C LYS D 286 4.85 -27.22 -11.48
N ASP D 287 5.46 -26.58 -12.48
CA ASP D 287 6.67 -25.82 -12.23
C ASP D 287 6.41 -24.57 -11.40
N ALA D 288 5.22 -23.95 -11.55
CA ALA D 288 4.87 -22.82 -10.72
C ALA D 288 4.63 -23.23 -9.28
N VAL D 289 4.04 -24.41 -9.08
CA VAL D 289 3.86 -24.95 -7.72
C VAL D 289 5.20 -25.19 -7.07
N VAL D 290 6.15 -25.78 -7.81
CA VAL D 290 7.48 -26.06 -7.27
C VAL D 290 8.22 -24.78 -6.94
N GLU D 291 8.18 -23.81 -7.87
CA GLU D 291 8.89 -22.53 -7.66
C GLU D 291 8.30 -21.73 -6.52
N TRP D 292 6.97 -21.64 -6.44
CA TRP D 292 6.36 -20.84 -5.39
C TRP D 292 6.43 -21.52 -4.03
N THR D 293 6.52 -22.85 -4.00
CA THR D 293 6.74 -23.53 -2.73
C THR D 293 8.18 -23.35 -2.24
N LEU D 294 9.14 -23.40 -3.16
CA LEU D 294 10.55 -23.24 -2.79
C LEU D 294 11.04 -21.80 -2.87
N ASN D 295 10.16 -20.82 -2.67
CA ASN D 295 10.55 -19.42 -2.62
C ASN D 295 10.02 -18.68 -1.40
N GLY D 296 8.93 -19.13 -0.79
CA GLY D 296 8.36 -18.46 0.36
C GLY D 296 7.16 -17.58 0.08
N ASP D 297 6.66 -17.56 -1.16
CA ASP D 297 5.49 -16.76 -1.47
C ASP D 297 4.21 -17.43 -1.00
N VAL D 298 3.90 -18.61 -1.55
CA VAL D 298 2.75 -19.37 -1.11
C VAL D 298 3.22 -20.37 -0.05
N GLN D 299 2.29 -20.79 0.81
CA GLN D 299 2.59 -21.75 1.85
C GLN D 299 2.29 -23.16 1.36
N ASP D 300 2.57 -24.15 2.22
CA ASP D 300 2.36 -25.54 1.83
C ASP D 300 0.89 -25.90 1.84
N TYR D 301 0.15 -25.46 2.85
CA TYR D 301 -1.24 -25.85 3.03
C TYR D 301 -2.22 -24.87 2.35
N SER D 302 -1.95 -24.57 1.09
CA SER D 302 -2.85 -23.76 0.28
C SER D 302 -3.29 -24.44 -1.01
N TYR D 303 -2.42 -25.28 -1.58
CA TYR D 303 -2.75 -25.98 -2.82
C TYR D 303 -3.87 -26.99 -2.62
N ARG D 304 -3.94 -27.61 -1.44
CA ARG D 304 -5.01 -28.57 -1.17
C ARG D 304 -6.36 -27.88 -1.00
N TYR D 305 -6.38 -26.69 -0.37
CA TYR D 305 -7.64 -25.95 -0.27
C TYR D 305 -8.06 -25.38 -1.61
N TYR D 306 -7.09 -24.95 -2.43
CA TYR D 306 -7.38 -24.53 -3.80
C TYR D 306 -7.96 -25.68 -4.61
N GLN D 307 -7.42 -26.88 -4.43
CA GLN D 307 -7.95 -28.04 -5.14
C GLN D 307 -9.31 -28.47 -4.60
N ARG D 308 -9.58 -28.26 -3.31
CA ARG D 308 -10.92 -28.54 -2.80
C ARG D 308 -11.94 -27.57 -3.38
N GLU D 309 -11.55 -26.30 -3.55
CA GLU D 309 -12.41 -25.31 -4.19
C GLU D 309 -12.69 -25.68 -5.65
N LEU D 310 -11.65 -26.08 -6.39
CA LEU D 310 -11.85 -26.44 -7.79
C LEU D 310 -12.64 -27.74 -7.96
N ARG D 311 -12.49 -28.68 -7.03
CA ARG D 311 -13.30 -29.90 -7.10
C ARG D 311 -14.76 -29.64 -6.77
N ARG D 312 -15.03 -28.70 -5.84
CA ARG D 312 -16.40 -28.28 -5.60
C ARG D 312 -17.00 -27.59 -6.83
N CYS D 313 -16.19 -26.78 -7.51
CA CYS D 313 -16.64 -26.12 -8.74
C CYS D 313 -16.95 -27.14 -9.83
N TRP D 314 -16.09 -28.16 -9.98
CA TRP D 314 -16.36 -29.22 -10.95
C TRP D 314 -17.60 -30.02 -10.59
N GLY D 315 -17.84 -30.23 -9.29
CA GLY D 315 -19.06 -30.89 -8.85
C GLY D 315 -20.32 -30.13 -9.18
N ILE D 316 -20.25 -28.80 -9.11
CA ILE D 316 -21.40 -27.98 -9.52
C ILE D 316 -21.61 -28.05 -11.03
N GLN D 317 -20.52 -27.88 -11.81
CA GLN D 317 -20.68 -27.80 -13.26
C GLN D 317 -21.03 -29.15 -13.88
N LYS D 318 -20.67 -30.26 -13.23
CA LYS D 318 -21.07 -31.57 -13.71
C LYS D 318 -22.59 -31.74 -13.71
N GLN D 319 -23.22 -31.37 -12.59
CA GLN D 319 -24.67 -31.44 -12.49
C GLN D 319 -25.34 -30.44 -13.42
N LYS D 320 -24.74 -29.25 -13.59
CA LYS D 320 -25.31 -28.25 -14.49
C LYS D 320 -25.31 -28.72 -15.94
N ILE D 321 -24.18 -29.25 -16.41
CA ILE D 321 -24.06 -29.69 -17.80
C ILE D 321 -24.88 -30.95 -18.04
N HIS D 322 -24.91 -31.87 -17.06
CA HIS D 322 -25.74 -33.07 -17.17
C HIS D 322 -27.23 -32.72 -17.21
N LEU D 323 -27.63 -31.65 -16.52
CA LEU D 323 -29.02 -31.18 -16.64
C LEU D 323 -29.28 -30.57 -18.01
N ASP D 324 -28.38 -29.69 -18.47
CA ASP D 324 -28.69 -28.88 -19.64
C ASP D 324 -28.46 -29.58 -20.97
N PHE D 325 -27.81 -30.74 -20.99
CA PHE D 325 -27.42 -31.41 -22.23
C PHE D 325 -27.95 -32.83 -22.27
N ASN D 326 -29.23 -33.00 -21.95
CA ASN D 326 -29.87 -34.31 -22.00
C ASN D 326 -30.16 -34.71 -23.44
N GLY D 327 -29.83 -35.95 -23.79
CA GLY D 327 -30.13 -36.48 -25.11
C GLY D 327 -28.93 -36.56 -26.03
N ARG D 328 -28.03 -35.58 -25.92
CA ARG D 328 -26.84 -35.53 -26.74
C ARG D 328 -25.86 -36.63 -26.31
N PRO D 329 -24.95 -37.07 -27.22
CA PRO D 329 -24.00 -38.14 -26.86
C PRO D 329 -23.00 -37.78 -25.77
N GLU D 330 -22.21 -38.77 -25.36
CA GLU D 330 -21.32 -38.61 -24.21
C GLU D 330 -20.17 -37.66 -24.49
N THR D 331 -19.66 -37.68 -25.74
CA THR D 331 -18.54 -36.81 -26.09
C THR D 331 -18.95 -35.34 -26.11
N GLU D 332 -20.17 -35.06 -26.55
CA GLU D 332 -20.66 -33.68 -26.55
C GLU D 332 -20.84 -33.15 -25.12
N VAL D 333 -21.39 -33.98 -24.23
CA VAL D 333 -21.56 -33.60 -22.83
C VAL D 333 -20.21 -33.43 -22.15
N GLY D 334 -19.25 -34.30 -22.48
CA GLY D 334 -17.92 -34.18 -21.91
C GLY D 334 -17.18 -32.94 -22.37
N GLN D 335 -17.28 -32.62 -23.67
CA GLN D 335 -16.67 -31.40 -24.19
C GLN D 335 -17.32 -30.15 -23.60
N ARG D 336 -18.65 -30.18 -23.44
CA ARG D 336 -19.36 -29.05 -22.82
C ARG D 336 -18.93 -28.86 -21.37
N LEU D 337 -18.77 -29.95 -20.63
CA LEU D 337 -18.32 -29.87 -19.24
C LEU D 337 -16.89 -29.36 -19.15
N TYR D 338 -16.03 -29.78 -20.09
CA TYR D 338 -14.65 -29.29 -20.12
C TYR D 338 -14.58 -27.80 -20.38
N ILE D 339 -15.37 -27.31 -21.34
CA ILE D 339 -15.36 -25.89 -21.66
C ILE D 339 -15.96 -25.05 -20.52
N GLU D 340 -17.02 -25.57 -19.90
CA GLU D 340 -17.65 -24.88 -18.77
C GLU D 340 -16.71 -24.79 -17.56
N CYS D 341 -15.99 -25.87 -17.27
CA CYS D 341 -15.01 -25.83 -16.19
C CYS D 341 -13.85 -24.90 -16.51
N LEU D 342 -13.40 -24.90 -17.78
CA LEU D 342 -12.31 -24.03 -18.21
C LEU D 342 -12.68 -22.56 -18.06
N ASN D 343 -13.95 -22.23 -18.34
CA ASN D 343 -14.41 -20.86 -18.13
C ASN D 343 -14.56 -20.54 -16.65
N ASN D 344 -15.07 -21.48 -15.86
CA ASN D 344 -15.51 -21.13 -14.51
C ASN D 344 -14.39 -21.10 -13.48
N VAL D 345 -13.37 -21.96 -13.60
CA VAL D 345 -12.41 -22.10 -12.50
C VAL D 345 -11.34 -21.01 -12.48
N THR D 346 -11.45 -20.02 -13.37
CA THR D 346 -10.46 -18.94 -13.42
C THR D 346 -10.54 -18.03 -12.20
N ARG D 347 -11.76 -17.79 -11.69
CA ARG D 347 -12.03 -16.74 -10.69
C ARG D 347 -11.42 -17.02 -9.32
N TYR D 348 -10.92 -18.23 -9.07
CA TYR D 348 -10.50 -18.61 -7.72
C TYR D 348 -9.16 -17.98 -7.36
N TYR D 349 -8.89 -17.96 -6.06
CA TYR D 349 -7.70 -17.32 -5.51
C TYR D 349 -6.84 -18.35 -4.79
N LEU D 350 -5.53 -18.15 -4.85
CA LEU D 350 -4.56 -19.00 -4.17
C LEU D 350 -3.94 -18.19 -3.03
N GLU D 351 -4.33 -18.53 -1.79
CA GLU D 351 -3.94 -17.80 -0.56
C GLU D 351 -4.27 -16.31 -0.67
N ASN D 352 -5.47 -16.03 -1.18
CA ASN D 352 -5.99 -14.69 -1.43
C ASN D 352 -5.07 -13.87 -2.34
N LYS D 353 -4.45 -14.53 -3.33
CA LYS D 353 -3.65 -13.89 -4.35
C LYS D 353 -4.16 -14.32 -5.72
N LYS D 354 -4.03 -13.43 -6.69
CA LYS D 354 -4.55 -13.69 -8.02
C LYS D 354 -3.61 -14.58 -8.81
N VAL D 355 -4.13 -15.69 -9.31
CA VAL D 355 -3.38 -16.59 -10.17
C VAL D 355 -3.83 -16.38 -11.60
N GLY D 356 -2.96 -16.74 -12.54
CA GLY D 356 -3.24 -16.57 -13.94
C GLY D 356 -4.15 -17.65 -14.48
N ASP D 357 -4.35 -17.61 -15.80
CA ASP D 357 -5.16 -18.62 -16.46
C ASP D 357 -4.47 -19.98 -16.49
N PHE D 358 -3.14 -19.98 -16.61
CA PHE D 358 -2.38 -21.22 -16.77
C PHE D 358 -2.44 -22.08 -15.51
N PHE D 359 -2.44 -21.44 -14.33
CA PHE D 359 -2.50 -22.19 -13.07
C PHE D 359 -3.85 -22.88 -12.91
N ALA D 360 -4.94 -22.14 -13.09
CA ALA D 360 -6.27 -22.71 -12.93
C ALA D 360 -6.64 -23.65 -14.05
N HIS D 361 -5.98 -23.58 -15.21
CA HIS D 361 -6.23 -24.53 -16.27
C HIS D 361 -5.35 -25.77 -16.19
N GLY D 362 -4.17 -25.67 -15.56
CA GLY D 362 -3.34 -26.84 -15.40
C GLY D 362 -3.63 -27.61 -14.12
N THR D 363 -4.28 -26.97 -13.16
CA THR D 363 -4.68 -27.67 -11.95
C THR D 363 -5.76 -28.72 -12.24
N LEU D 364 -6.66 -28.44 -13.19
CA LEU D 364 -7.66 -29.42 -13.59
C LEU D 364 -7.02 -30.65 -14.23
N HIS D 365 -5.98 -30.44 -15.03
CA HIS D 365 -5.28 -31.58 -15.63
C HIS D 365 -4.43 -32.32 -14.62
N SER D 366 -3.87 -31.62 -13.61
CA SER D 366 -3.19 -32.29 -12.52
C SER D 366 -4.15 -33.12 -11.68
N MET D 367 -5.40 -32.66 -11.55
CA MET D 367 -6.45 -33.46 -10.92
C MET D 367 -6.77 -34.68 -11.75
N ALA D 368 -6.92 -34.50 -13.06
CA ALA D 368 -7.23 -35.61 -13.95
C ALA D 368 -6.11 -36.63 -14.04
N ASP D 369 -4.88 -36.22 -13.72
CA ASP D 369 -3.78 -37.17 -13.58
C ASP D 369 -4.05 -38.16 -12.45
N LYS D 370 -4.56 -37.67 -11.32
CA LYS D 370 -4.87 -38.49 -10.17
C LYS D 370 -6.31 -39.02 -10.21
N LEU D 371 -7.03 -38.76 -11.30
CA LEU D 371 -8.42 -39.21 -11.54
C LEU D 371 -9.36 -38.70 -10.45
N THR D 372 -9.10 -37.49 -9.95
CA THR D 372 -10.04 -36.86 -9.03
C THR D 372 -11.26 -36.34 -9.78
N ILE D 373 -11.04 -35.50 -10.80
CA ILE D 373 -12.12 -35.00 -11.64
C ILE D 373 -11.96 -35.59 -13.04
N GLY D 374 -13.05 -35.56 -13.79
CA GLY D 374 -13.05 -36.09 -15.13
C GLY D 374 -14.02 -35.34 -16.02
N TRP D 375 -13.83 -35.50 -17.32
CA TRP D 375 -14.67 -34.82 -18.31
C TRP D 375 -15.72 -35.74 -18.92
N HIS D 376 -15.35 -36.97 -19.27
CA HIS D 376 -16.32 -37.93 -19.77
C HIS D 376 -17.31 -38.29 -18.66
N PRO D 377 -18.59 -38.51 -18.99
CA PRO D 377 -19.56 -38.91 -17.95
C PRO D 377 -19.28 -40.26 -17.33
N GLU D 378 -18.62 -41.18 -18.06
CA GLU D 378 -18.29 -42.50 -17.57
C GLU D 378 -16.79 -42.74 -17.70
N PHE D 379 -15.98 -41.78 -17.24
CA PHE D 379 -14.54 -41.88 -17.39
C PHE D 379 -13.94 -42.94 -16.47
N ASP D 380 -14.60 -43.23 -15.34
CA ASP D 380 -14.12 -44.28 -14.45
C ASP D 380 -14.31 -45.66 -15.05
N LYS D 381 -15.43 -45.87 -15.75
CA LYS D 381 -15.71 -47.17 -16.33
C LYS D 381 -14.88 -47.42 -17.60
N LYS D 382 -14.70 -46.37 -18.41
CA LYS D 382 -14.02 -46.56 -19.70
C LYS D 382 -12.52 -46.75 -19.54
N LEU D 383 -11.89 -45.95 -18.68
CA LEU D 383 -10.45 -46.04 -18.45
C LEU D 383 -10.19 -46.48 -17.03
N GLY D 384 -9.23 -47.39 -16.86
CA GLY D 384 -8.85 -47.85 -15.55
C GLY D 384 -7.64 -47.12 -14.99
#